data_5YZ9
#
_entry.id   5YZ9
#
loop_
_entity.id
_entity.type
_entity.pdbx_description
1 polymer 'N6-adenosine-methyltransferase catalytic subunit'
2 non-polymer 'ZINC ION'
#
_entity_poly.entity_id   1
_entity_poly.type   'polypeptide(L)'
_entity_poly.pdbx_seq_one_letter_code
;AHMSIVEKFRSRGRAQVQEFCDYGTKEECMKASDADRPCRKLHFRRIINKHTDESLGDCSFLNTCFHMDTCKYVHYEIDA
SMDSEAPGSKDHTPSQELALTQ
;
_entity_poly.pdbx_strand_id   A
#
# COMPACT_ATOMS: atom_id res chain seq x y z
N SER A 4 1.82 26.03 1.03
CA SER A 4 1.00 24.83 0.66
C SER A 4 -0.05 25.24 -0.36
N ILE A 5 0.38 25.61 -1.54
CA ILE A 5 -0.59 26.04 -2.59
C ILE A 5 -1.24 24.78 -3.19
N VAL A 6 -0.46 23.74 -3.31
CA VAL A 6 -0.97 22.47 -3.88
C VAL A 6 -2.26 22.07 -3.14
N GLU A 7 -2.43 22.55 -1.94
CA GLU A 7 -3.66 22.21 -1.18
C GLU A 7 -4.83 23.00 -1.81
N LYS A 8 -4.56 24.15 -2.35
CA LYS A 8 -5.65 24.94 -2.99
C LYS A 8 -6.20 24.13 -4.15
N PHE A 9 -5.35 23.39 -4.81
CA PHE A 9 -5.83 22.56 -5.96
C PHE A 9 -6.66 21.40 -5.42
N ARG A 10 -6.33 20.88 -4.27
CA ARG A 10 -7.16 19.74 -3.76
C ARG A 10 -8.46 20.31 -3.20
N SER A 11 -8.49 21.58 -2.93
CA SER A 11 -9.72 22.19 -2.35
C SER A 11 -10.80 22.45 -3.42
N ARG A 12 -10.45 22.89 -4.60
CA ARG A 12 -11.54 23.13 -5.61
C ARG A 12 -12.02 21.79 -6.19
N GLY A 13 -11.19 20.78 -6.15
CA GLY A 13 -11.59 19.43 -6.66
C GLY A 13 -11.71 19.42 -8.19
N ARG A 14 -11.08 20.35 -8.87
CA ARG A 14 -11.15 20.39 -10.37
C ARG A 14 -10.80 19.01 -10.93
N ALA A 15 -11.57 18.48 -11.85
CA ALA A 15 -11.24 17.12 -12.41
C ALA A 15 -9.89 17.19 -13.15
N GLN A 16 -9.62 18.29 -13.81
CA GLN A 16 -8.33 18.47 -14.56
C GLN A 16 -7.12 18.28 -13.63
N VAL A 17 -7.32 18.41 -12.34
CA VAL A 17 -6.19 18.25 -11.40
C VAL A 17 -5.97 16.76 -11.10
N GLN A 18 -6.99 15.94 -11.30
CA GLN A 18 -6.85 14.47 -11.03
C GLN A 18 -5.99 13.81 -12.11
N GLU A 19 -5.30 14.62 -12.91
CA GLU A 19 -4.45 14.04 -13.99
C GLU A 19 -3.01 13.92 -13.49
N PHE A 20 -2.73 14.45 -12.31
CA PHE A 20 -1.35 14.40 -11.75
C PHE A 20 -1.39 14.77 -10.25
N CYS A 21 -0.27 14.69 -9.61
CA CYS A 21 -0.22 15.07 -8.18
C CYS A 21 0.24 16.52 -8.09
N ASP A 22 1.36 16.80 -7.48
CA ASP A 22 1.83 18.21 -7.43
C ASP A 22 2.56 18.52 -8.72
N TYR A 23 3.60 17.77 -9.02
CA TYR A 23 4.37 18.00 -10.28
C TYR A 23 3.92 16.96 -11.31
N GLY A 24 4.33 15.74 -11.14
CA GLY A 24 3.93 14.69 -12.10
C GLY A 24 5.19 14.04 -12.66
N THR A 25 6.03 13.54 -11.78
CA THR A 25 7.29 12.91 -12.26
C THR A 25 7.16 11.39 -12.08
N LYS A 26 7.79 10.65 -12.93
CA LYS A 26 7.70 9.18 -12.87
C LYS A 26 8.54 8.63 -11.72
N GLU A 27 9.83 8.65 -11.84
CA GLU A 27 10.71 8.10 -10.77
C GLU A 27 11.00 9.16 -9.70
N GLU A 28 11.07 10.42 -10.06
CA GLU A 28 11.39 11.46 -9.03
C GLU A 28 10.26 11.58 -8.01
N CYS A 29 9.03 11.65 -8.44
CA CYS A 29 7.93 11.78 -7.45
C CYS A 29 7.85 10.49 -6.64
N MET A 30 8.06 9.36 -7.28
CA MET A 30 8.00 8.07 -6.54
C MET A 30 8.85 8.20 -5.26
N LYS A 31 10.11 8.53 -5.41
CA LYS A 31 11.00 8.72 -4.23
C LYS A 31 10.29 9.58 -3.18
N ALA A 32 9.52 10.53 -3.65
CA ALA A 32 8.78 11.46 -2.74
C ALA A 32 7.41 10.86 -2.32
N SER A 33 6.95 9.83 -3.00
CA SER A 33 5.63 9.19 -2.66
C SER A 33 5.57 8.88 -1.16
N ASP A 34 6.56 8.21 -0.65
CA ASP A 34 6.57 7.85 0.81
C ASP A 34 7.78 8.50 1.52
N ALA A 35 7.98 9.80 1.41
CA ALA A 35 9.14 10.45 2.12
C ALA A 35 8.67 11.82 2.64
N ASP A 36 9.51 12.58 3.29
CA ASP A 36 9.06 13.91 3.80
C ASP A 36 9.25 14.94 2.68
N ARG A 37 9.16 14.49 1.47
CA ARG A 37 9.38 15.37 0.30
C ARG A 37 8.04 16.08 -0.03
N PRO A 38 8.08 17.23 -0.67
CA PRO A 38 6.85 18.02 -0.99
C PRO A 38 5.67 17.14 -1.39
N CYS A 39 5.23 17.26 -2.61
CA CYS A 39 4.07 16.45 -3.09
C CYS A 39 2.91 16.50 -2.08
N ARG A 40 1.81 15.86 -2.41
CA ARG A 40 0.66 15.86 -1.52
C ARG A 40 0.80 14.79 -0.46
N LYS A 41 1.87 14.04 -0.44
CA LYS A 41 2.04 12.99 0.62
C LYS A 41 0.88 11.97 0.56
N LEU A 42 -0.14 12.27 -0.21
CA LEU A 42 -1.32 11.33 -0.33
C LEU A 42 -1.07 10.11 -1.26
N HIS A 43 0.11 9.96 -1.80
CA HIS A 43 0.38 8.78 -2.71
C HIS A 43 0.39 7.47 -1.90
N PHE A 44 0.20 6.32 -2.55
CA PHE A 44 0.16 4.97 -1.86
C PHE A 44 0.98 4.96 -0.56
N ARG A 45 0.38 4.57 0.54
CA ARG A 45 1.15 4.49 1.81
C ARG A 45 1.51 3.03 2.01
N ARG A 46 2.74 2.68 1.77
CA ARG A 46 3.17 1.27 1.90
C ARG A 46 4.22 1.15 3.03
N ILE A 47 4.23 0.06 3.77
CA ILE A 47 5.22 -0.10 4.89
C ILE A 47 6.40 -0.97 4.45
N ILE A 48 7.59 -0.49 4.71
CA ILE A 48 8.84 -1.22 4.33
C ILE A 48 9.81 -1.32 5.53
N ASN A 49 10.71 -2.27 5.51
CA ASN A 49 11.68 -2.42 6.64
C ASN A 49 13.10 -2.48 6.08
N LYS A 50 14.09 -2.27 6.91
CA LYS A 50 15.51 -2.32 6.42
C LYS A 50 15.78 -3.67 5.77
N HIS A 51 16.70 -3.74 4.85
CA HIS A 51 16.98 -5.05 4.19
C HIS A 51 17.42 -6.08 5.22
N THR A 52 16.51 -6.94 5.61
CA THR A 52 16.83 -8.00 6.61
C THR A 52 17.37 -9.23 5.85
N ASP A 53 18.13 -10.08 6.50
CA ASP A 53 18.66 -11.30 5.84
C ASP A 53 17.49 -12.25 5.63
N GLU A 54 17.10 -12.45 4.41
CA GLU A 54 15.94 -13.32 4.09
C GLU A 54 16.08 -14.75 4.60
N SER A 55 17.21 -15.15 5.12
CA SER A 55 17.32 -16.54 5.65
C SER A 55 16.36 -16.66 6.83
N LEU A 56 16.03 -15.54 7.43
CA LEU A 56 15.10 -15.50 8.57
C LEU A 56 13.71 -15.82 8.01
N GLY A 57 13.13 -16.94 8.31
CA GLY A 57 11.78 -17.24 7.77
C GLY A 57 11.82 -17.11 6.25
N ASP A 58 10.76 -16.62 5.67
CA ASP A 58 10.70 -16.46 4.19
C ASP A 58 9.42 -15.72 3.80
N CYS A 59 8.30 -16.11 4.37
CA CYS A 59 6.99 -15.44 4.09
C CYS A 59 6.67 -15.48 2.59
N SER A 60 7.37 -14.70 1.80
CA SER A 60 7.09 -14.67 0.34
C SER A 60 5.70 -14.09 0.10
N PHE A 61 5.36 -13.05 0.82
CA PHE A 61 4.02 -12.42 0.64
C PHE A 61 3.64 -12.35 -0.83
N LEU A 62 4.58 -12.45 -1.75
CA LEU A 62 4.24 -12.37 -3.18
C LEU A 62 2.95 -13.13 -3.53
N ASN A 63 2.50 -14.03 -2.70
CA ASN A 63 1.26 -14.82 -3.03
C ASN A 63 0.66 -15.35 -1.72
N THR A 64 1.34 -16.28 -1.11
CA THR A 64 0.86 -16.89 0.17
C THR A 64 1.94 -16.66 1.23
N CYS A 65 1.51 -16.24 2.39
CA CYS A 65 2.43 -15.99 3.55
C CYS A 65 2.65 -17.31 4.26
N PHE A 66 1.94 -18.35 3.93
CA PHE A 66 2.17 -19.65 4.60
C PHE A 66 2.00 -19.43 6.09
N HIS A 67 3.04 -19.69 6.86
CA HIS A 67 2.98 -19.48 8.34
C HIS A 67 2.89 -17.96 8.63
N MET A 68 2.01 -17.57 9.50
CA MET A 68 1.90 -16.11 9.81
C MET A 68 2.87 -15.81 10.98
N ASP A 69 2.97 -16.74 11.89
CA ASP A 69 3.87 -16.58 13.07
C ASP A 69 5.22 -15.97 12.64
N THR A 70 5.55 -16.01 11.37
CA THR A 70 6.87 -15.46 10.94
C THR A 70 6.76 -13.95 10.67
N CYS A 71 6.51 -13.56 9.45
CA CYS A 71 6.40 -12.10 9.14
C CYS A 71 7.49 -11.29 9.86
N LYS A 72 8.72 -11.67 9.63
CA LYS A 72 9.86 -10.96 10.25
C LYS A 72 9.87 -9.57 9.64
N TYR A 73 10.99 -9.06 9.24
CA TYR A 73 11.02 -7.68 8.68
C TYR A 73 10.72 -7.68 7.17
N VAL A 74 10.81 -8.82 6.51
CA VAL A 74 10.55 -8.86 5.05
C VAL A 74 9.06 -8.75 4.75
N HIS A 75 8.67 -7.67 4.13
CA HIS A 75 7.23 -7.47 3.82
C HIS A 75 7.08 -6.11 3.15
N TYR A 76 6.35 -6.04 2.08
CA TYR A 76 6.15 -4.75 1.35
C TYR A 76 4.69 -4.68 0.90
N GLU A 77 3.84 -4.02 1.65
CA GLU A 77 2.39 -3.96 1.26
C GLU A 77 1.95 -2.50 1.05
N ILE A 78 0.99 -2.31 0.17
CA ILE A 78 0.49 -0.95 -0.14
C ILE A 78 -0.96 -0.82 0.37
N ASP A 79 -1.34 0.35 0.86
CA ASP A 79 -2.68 0.62 1.36
C ASP A 79 -3.39 1.61 0.46
N ALA A 80 -4.41 1.26 -0.24
CA ALA A 80 -5.12 2.24 -1.11
C ALA A 80 -6.62 1.93 -1.03
N SER A 81 -7.48 2.78 -1.51
CA SER A 81 -8.91 2.49 -1.45
C SER A 81 -9.19 1.10 -1.96
N MET A 82 -10.38 0.57 -1.71
CA MET A 82 -10.75 -0.80 -2.19
C MET A 82 -10.95 -0.75 -3.71
N ASP A 83 -10.44 -1.72 -4.42
CA ASP A 83 -10.61 -1.74 -5.90
C ASP A 83 -12.00 -2.30 -6.26
N SER A 84 -12.20 -2.66 -7.50
CA SER A 84 -13.51 -3.22 -7.91
C SER A 84 -13.84 -4.44 -7.05
N GLU A 85 -12.84 -5.16 -6.62
CA GLU A 85 -13.10 -6.38 -5.77
C GLU A 85 -13.98 -7.36 -6.56
N ALA A 86 -13.44 -8.50 -6.90
CA ALA A 86 -14.24 -9.51 -7.66
C ALA A 86 -15.47 -9.90 -6.85
N PRO A 87 -16.56 -10.25 -7.51
CA PRO A 87 -17.81 -10.65 -6.82
C PRO A 87 -17.70 -12.04 -6.19
N GLY A 88 -18.43 -12.28 -5.13
CA GLY A 88 -18.38 -13.61 -4.48
C GLY A 88 -17.10 -13.72 -3.64
N SER A 89 -16.01 -13.18 -4.14
CA SER A 89 -14.74 -13.25 -3.38
C SER A 89 -14.47 -14.71 -2.95
N LYS A 90 -14.60 -15.63 -3.86
CA LYS A 90 -14.36 -17.05 -3.50
C LYS A 90 -12.89 -17.23 -3.08
N ASP A 91 -12.03 -16.34 -3.48
CA ASP A 91 -10.60 -16.46 -3.09
C ASP A 91 -10.45 -16.04 -1.62
N HIS A 92 -11.52 -16.03 -0.89
CA HIS A 92 -11.44 -15.65 0.55
C HIS A 92 -11.79 -16.86 1.42
N THR A 93 -10.85 -17.32 2.21
CA THR A 93 -11.12 -18.49 3.08
C THR A 93 -12.29 -18.17 4.01
N PRO A 94 -13.02 -19.18 4.41
CA PRO A 94 -14.18 -19.02 5.33
C PRO A 94 -13.76 -18.62 6.74
N SER A 95 -14.54 -17.84 7.42
CA SER A 95 -14.18 -17.43 8.81
C SER A 95 -15.37 -16.72 9.46
N GLN A 96 -16.53 -17.32 9.39
CA GLN A 96 -17.73 -16.69 10.01
C GLN A 96 -17.64 -16.80 11.53
N GLU A 97 -16.84 -17.71 12.03
CA GLU A 97 -16.69 -17.85 13.51
C GLU A 97 -15.84 -16.70 14.05
N LEU A 98 -16.30 -16.04 15.08
CA LEU A 98 -15.51 -14.91 15.65
C LEU A 98 -14.26 -15.48 16.33
N ALA A 99 -14.40 -16.55 17.07
CA ALA A 99 -13.23 -17.14 17.77
C ALA A 99 -12.32 -17.80 16.73
N LEU A 100 -11.03 -17.68 16.89
CA LEU A 100 -10.08 -18.31 15.91
C LEU A 100 -10.17 -19.84 16.03
N THR A 101 -10.42 -20.52 14.94
CA THR A 101 -10.52 -22.00 15.00
C THR A 101 -9.17 -22.58 15.44
N GLN A 102 -9.19 -23.65 16.19
CA GLN A 102 -7.92 -24.26 16.66
C GLN A 102 -8.19 -25.67 17.19
N SER A 4 3.35 25.44 1.45
CA SER A 4 2.08 24.64 1.52
C SER A 4 1.06 25.25 0.56
N ILE A 5 1.48 25.57 -0.63
CA ILE A 5 0.54 26.18 -1.62
C ILE A 5 -0.22 25.05 -2.31
N VAL A 6 0.44 23.94 -2.49
CA VAL A 6 -0.20 22.77 -3.14
C VAL A 6 -1.52 22.46 -2.43
N GLU A 7 -1.65 22.85 -1.20
CA GLU A 7 -2.91 22.60 -0.47
C GLU A 7 -3.99 23.54 -1.05
N LYS A 8 -3.61 24.75 -1.38
CA LYS A 8 -4.61 25.68 -1.98
C LYS A 8 -5.23 25.01 -3.19
N PHE A 9 -4.49 24.16 -3.85
CA PHE A 9 -5.04 23.45 -5.03
C PHE A 9 -6.03 22.38 -4.57
N ARG A 10 -5.83 21.81 -3.41
CA ARG A 10 -6.80 20.78 -2.95
C ARG A 10 -8.07 21.48 -2.51
N SER A 11 -7.96 22.67 -2.01
CA SER A 11 -9.16 23.40 -1.52
C SER A 11 -10.02 23.95 -2.67
N ARG A 12 -9.45 24.33 -3.79
CA ARG A 12 -10.32 24.86 -4.89
C ARG A 12 -11.05 23.70 -5.59
N GLY A 13 -10.51 22.51 -5.50
CA GLY A 13 -11.18 21.31 -6.11
C GLY A 13 -11.08 21.36 -7.66
N ARG A 14 -10.10 22.04 -8.20
CA ARG A 14 -9.95 22.12 -9.68
C ARG A 14 -10.10 20.71 -10.29
N ALA A 15 -10.81 20.55 -11.38
CA ALA A 15 -10.96 19.18 -11.97
C ALA A 15 -9.64 18.74 -12.61
N GLN A 16 -8.85 19.69 -13.06
CA GLN A 16 -7.53 19.37 -13.70
C GLN A 16 -6.50 18.89 -12.65
N VAL A 17 -6.90 18.85 -11.40
CA VAL A 17 -5.95 18.40 -10.35
C VAL A 17 -5.83 16.87 -10.38
N GLN A 18 -6.76 16.20 -11.00
CA GLN A 18 -6.71 14.69 -11.08
C GLN A 18 -5.80 14.27 -12.23
N GLU A 19 -5.11 15.20 -12.87
CA GLU A 19 -4.22 14.84 -13.99
C GLU A 19 -2.77 14.73 -13.48
N PHE A 20 -2.54 15.13 -12.25
CA PHE A 20 -1.16 15.07 -11.67
C PHE A 20 -1.23 15.39 -10.17
N CYS A 21 -0.15 15.15 -9.49
CA CYS A 21 -0.11 15.47 -8.03
C CYS A 21 0.40 16.90 -7.87
N ASP A 22 1.55 17.09 -7.27
CA ASP A 22 2.08 18.47 -7.15
C ASP A 22 2.82 18.80 -8.44
N TYR A 23 3.86 18.06 -8.74
CA TYR A 23 4.64 18.30 -9.99
C TYR A 23 4.17 17.30 -11.05
N GLY A 24 4.55 16.07 -10.92
CA GLY A 24 4.14 15.05 -11.91
C GLY A 24 5.40 14.42 -12.48
N THR A 25 6.03 13.57 -11.72
CA THR A 25 7.27 12.91 -12.23
C THR A 25 7.13 11.39 -12.07
N LYS A 26 7.81 10.67 -12.90
CA LYS A 26 7.68 9.19 -12.87
C LYS A 26 8.55 8.62 -11.75
N GLU A 27 9.85 8.64 -11.91
CA GLU A 27 10.75 8.05 -10.88
C GLU A 27 11.06 9.07 -9.78
N GLU A 28 10.92 10.35 -10.03
CA GLU A 28 11.26 11.36 -8.99
C GLU A 28 10.12 11.49 -7.98
N CYS A 29 8.90 11.63 -8.45
CA CYS A 29 7.79 11.77 -7.47
C CYS A 29 7.63 10.46 -6.70
N MET A 30 7.73 9.36 -7.40
CA MET A 30 7.60 8.04 -6.72
C MET A 30 8.43 8.06 -5.43
N LYS A 31 9.71 8.35 -5.57
CA LYS A 31 10.60 8.41 -4.37
C LYS A 31 9.94 9.26 -3.28
N ALA A 32 9.24 10.28 -3.69
CA ALA A 32 8.56 11.22 -2.74
C ALA A 32 7.18 10.65 -2.32
N SER A 33 6.64 9.71 -3.05
CA SER A 33 5.30 9.12 -2.71
C SER A 33 5.27 8.68 -1.23
N ASP A 34 6.22 7.88 -0.84
CA ASP A 34 6.26 7.40 0.57
C ASP A 34 7.47 7.99 1.33
N ALA A 35 7.75 9.28 1.20
CA ALA A 35 8.91 9.88 1.93
C ALA A 35 8.45 11.20 2.56
N ASP A 36 9.30 11.92 3.24
CA ASP A 36 8.85 13.22 3.85
C ASP A 36 9.10 14.34 2.82
N ARG A 37 9.02 13.98 1.57
CA ARG A 37 9.29 14.95 0.47
C ARG A 37 7.99 15.69 0.16
N PRO A 38 8.07 16.92 -0.35
CA PRO A 38 6.86 17.73 -0.69
C PRO A 38 5.73 16.91 -1.27
N CYS A 39 5.44 17.09 -2.52
CA CYS A 39 4.32 16.34 -3.17
C CYS A 39 3.06 16.38 -2.32
N ARG A 40 1.99 15.77 -2.81
CA ARG A 40 0.74 15.76 -2.06
C ARG A 40 0.80 14.78 -0.92
N LYS A 41 1.81 13.94 -0.83
CA LYS A 41 1.89 12.98 0.31
C LYS A 41 0.75 11.94 0.22
N LEU A 42 -0.34 12.30 -0.42
CA LEU A 42 -1.52 11.35 -0.52
C LEU A 42 -1.24 10.10 -1.38
N HIS A 43 -0.12 10.03 -2.05
CA HIS A 43 0.17 8.80 -2.90
C HIS A 43 0.22 7.54 -2.02
N PHE A 44 -0.01 6.36 -2.59
CA PHE A 44 -0.01 5.04 -1.84
C PHE A 44 0.90 5.08 -0.60
N ARG A 45 0.40 4.68 0.55
CA ARG A 45 1.26 4.66 1.76
C ARG A 45 1.55 3.19 2.07
N ARG A 46 2.71 2.73 1.73
CA ARG A 46 3.05 1.31 1.96
C ARG A 46 4.15 1.21 3.04
N ILE A 47 4.16 0.15 3.84
CA ILE A 47 5.21 0.01 4.90
C ILE A 47 6.38 -0.86 4.42
N ILE A 48 7.50 -0.22 4.23
CA ILE A 48 8.73 -0.93 3.74
C ILE A 48 9.68 -1.25 4.91
N ASN A 49 10.57 -2.20 4.74
CA ASN A 49 11.51 -2.57 5.84
C ASN A 49 12.93 -2.68 5.26
N LYS A 50 13.93 -2.51 6.09
CA LYS A 50 15.34 -2.61 5.60
C LYS A 50 15.60 -4.00 5.03
N HIS A 51 16.48 -4.13 4.08
CA HIS A 51 16.74 -5.49 3.50
C HIS A 51 17.28 -6.42 4.59
N THR A 52 16.42 -7.24 5.14
CA THR A 52 16.83 -8.20 6.20
C THR A 52 17.29 -9.50 5.51
N ASP A 53 18.02 -10.35 6.21
CA ASP A 53 18.48 -11.63 5.62
C ASP A 53 17.34 -12.63 5.74
N GLU A 54 16.87 -13.13 4.64
CA GLU A 54 15.72 -14.09 4.65
C GLU A 54 16.01 -15.40 5.38
N SER A 55 17.18 -15.61 5.92
CA SER A 55 17.43 -16.87 6.65
C SER A 55 16.61 -16.83 7.94
N LEU A 56 16.37 -15.65 8.44
CA LEU A 56 15.56 -15.46 9.67
C LEU A 56 14.13 -15.88 9.31
N GLY A 57 13.61 -16.92 9.88
CA GLY A 57 12.21 -17.31 9.55
C GLY A 57 12.09 -17.40 8.03
N ASP A 58 10.98 -16.99 7.50
CA ASP A 58 10.76 -17.05 6.02
C ASP A 58 9.43 -16.38 5.67
N CYS A 59 9.26 -16.00 4.43
CA CYS A 59 7.98 -15.34 3.97
C CYS A 59 7.91 -15.23 2.45
N SER A 60 6.78 -14.89 1.92
CA SER A 60 6.66 -14.75 0.44
C SER A 60 5.48 -13.83 0.11
N PHE A 61 5.42 -12.69 0.74
CA PHE A 61 4.30 -11.73 0.48
C PHE A 61 3.96 -11.68 -1.00
N LEU A 62 4.84 -12.12 -1.88
CA LEU A 62 4.54 -12.06 -3.33
C LEU A 62 3.29 -12.86 -3.73
N ASN A 63 2.85 -13.79 -2.90
CA ASN A 63 1.65 -14.60 -3.27
C ASN A 63 0.98 -15.09 -1.97
N THR A 64 1.60 -16.04 -1.33
CA THR A 64 1.05 -16.61 -0.05
C THR A 64 2.13 -16.48 1.02
N CYS A 65 1.73 -16.01 2.17
CA CYS A 65 2.65 -15.84 3.34
C CYS A 65 2.82 -17.20 4.00
N PHE A 66 2.09 -18.21 3.60
CA PHE A 66 2.30 -19.54 4.20
C PHE A 66 2.12 -19.39 5.71
N HIS A 67 3.17 -19.65 6.46
CA HIS A 67 3.10 -19.51 7.94
C HIS A 67 3.05 -18.01 8.30
N MET A 68 2.20 -17.64 9.20
CA MET A 68 2.13 -16.20 9.59
C MET A 68 3.11 -15.97 10.76
N ASP A 69 3.19 -16.94 11.62
CA ASP A 69 4.09 -16.86 12.81
C ASP A 69 5.46 -16.28 12.41
N THR A 70 5.76 -16.24 11.13
CA THR A 70 7.11 -15.71 10.72
C THR A 70 7.03 -14.19 10.49
N CYS A 71 6.80 -13.76 9.28
CA CYS A 71 6.71 -12.29 9.02
C CYS A 71 7.81 -11.52 9.78
N LYS A 72 9.03 -11.82 9.46
CA LYS A 72 10.18 -11.14 10.09
C LYS A 72 10.17 -9.71 9.57
N TYR A 73 11.27 -9.16 9.18
CA TYR A 73 11.27 -7.74 8.71
C TYR A 73 10.88 -7.64 7.24
N VAL A 74 11.12 -8.67 6.45
CA VAL A 74 10.79 -8.61 4.99
C VAL A 74 9.29 -8.55 4.78
N HIS A 75 8.81 -7.48 4.21
CA HIS A 75 7.36 -7.33 3.97
C HIS A 75 7.12 -5.94 3.39
N TYR A 76 6.17 -5.84 2.50
CA TYR A 76 5.87 -4.51 1.86
C TYR A 76 4.37 -4.48 1.55
N GLU A 77 3.56 -3.89 2.41
CA GLU A 77 2.09 -3.86 2.15
C GLU A 77 1.63 -2.45 1.76
N ILE A 78 0.85 -2.36 0.71
CA ILE A 78 0.35 -1.05 0.22
C ILE A 78 -1.11 -0.85 0.68
N ASP A 79 -1.49 0.37 1.00
CA ASP A 79 -2.84 0.71 1.42
C ASP A 79 -3.42 1.81 0.56
N ALA A 80 -4.28 1.56 -0.36
CA ALA A 80 -4.85 2.65 -1.19
C ALA A 80 -6.32 2.31 -1.46
N SER A 81 -7.10 3.19 -2.00
CA SER A 81 -8.51 2.87 -2.26
C SER A 81 -8.63 1.56 -2.99
N MET A 82 -9.57 0.71 -2.63
CA MET A 82 -9.74 -0.60 -3.31
C MET A 82 -10.74 -0.45 -4.48
N ASP A 83 -10.56 -1.21 -5.53
CA ASP A 83 -11.48 -1.10 -6.69
C ASP A 83 -11.27 -2.30 -7.63
N SER A 84 -10.04 -2.62 -7.91
CA SER A 84 -9.77 -3.77 -8.82
C SER A 84 -10.13 -5.08 -8.10
N GLU A 85 -9.90 -5.16 -6.82
CA GLU A 85 -10.24 -6.40 -6.08
C GLU A 85 -11.75 -6.58 -6.02
N ALA A 86 -12.36 -6.87 -7.13
CA ALA A 86 -13.84 -7.05 -7.15
C ALA A 86 -14.19 -8.49 -6.73
N PRO A 87 -15.37 -8.70 -6.19
CA PRO A 87 -15.80 -10.05 -5.75
C PRO A 87 -15.36 -11.14 -6.74
N GLY A 88 -15.52 -12.38 -6.35
CA GLY A 88 -15.10 -13.50 -7.25
C GLY A 88 -13.75 -14.04 -6.81
N SER A 89 -13.34 -13.73 -5.61
CA SER A 89 -12.03 -14.24 -5.12
C SER A 89 -11.90 -15.74 -5.44
N LYS A 90 -10.74 -16.17 -5.82
CA LYS A 90 -10.56 -17.62 -6.14
C LYS A 90 -10.99 -18.46 -4.94
N ASP A 91 -10.51 -18.14 -3.77
CA ASP A 91 -10.89 -18.91 -2.56
C ASP A 91 -10.69 -18.05 -1.31
N HIS A 92 -11.65 -18.04 -0.43
CA HIS A 92 -11.50 -17.22 0.81
C HIS A 92 -10.67 -17.99 1.84
N THR A 93 -9.62 -17.39 2.33
CA THR A 93 -8.77 -18.08 3.33
C THR A 93 -9.62 -18.52 4.52
N PRO A 94 -9.25 -19.58 5.18
CA PRO A 94 -9.99 -20.12 6.35
C PRO A 94 -9.87 -19.19 7.57
N SER A 95 -10.89 -19.13 8.39
CA SER A 95 -10.84 -18.25 9.58
C SER A 95 -12.01 -18.58 10.50
N GLN A 96 -12.71 -19.65 10.24
CA GLN A 96 -13.86 -20.02 11.09
C GLN A 96 -13.38 -20.30 12.52
N GLU A 97 -12.26 -20.95 12.65
CA GLU A 97 -11.73 -21.25 14.01
C GLU A 97 -10.27 -21.72 13.90
N LEU A 98 -9.50 -21.54 14.93
CA LEU A 98 -8.08 -21.97 14.89
C LEU A 98 -8.02 -23.51 14.95
N ALA A 99 -7.39 -24.13 14.00
CA ALA A 99 -7.29 -25.61 14.01
C ALA A 99 -6.50 -26.06 15.23
N LEU A 100 -5.43 -25.39 15.53
CA LEU A 100 -4.60 -25.78 16.72
C LEU A 100 -5.22 -25.17 17.98
N THR A 101 -4.96 -25.76 19.12
CA THR A 101 -5.53 -25.22 20.38
C THR A 101 -4.57 -25.49 21.54
N GLN A 102 -4.31 -24.52 22.37
CA GLN A 102 -3.38 -24.72 23.51
C GLN A 102 -4.15 -25.37 24.67
N SER A 4 0.84 25.93 0.44
CA SER A 4 1.38 25.90 -0.96
C SER A 4 0.23 26.06 -1.95
N ILE A 5 0.53 26.09 -3.21
CA ILE A 5 -0.55 26.26 -4.24
C ILE A 5 -1.10 24.88 -4.59
N VAL A 6 -0.24 23.90 -4.57
CA VAL A 6 -0.63 22.51 -4.90
C VAL A 6 -1.95 22.17 -4.19
N GLU A 7 -2.14 22.70 -3.02
CA GLU A 7 -3.39 22.42 -2.28
C GLU A 7 -4.52 23.20 -2.96
N LYS A 8 -4.24 24.38 -3.44
CA LYS A 8 -5.29 25.17 -4.14
C LYS A 8 -5.83 24.32 -5.29
N PHE A 9 -5.01 23.47 -5.84
CA PHE A 9 -5.47 22.60 -6.95
C PHE A 9 -6.41 21.54 -6.39
N ARG A 10 -6.16 21.04 -5.20
CA ARG A 10 -7.08 20.02 -4.66
C ARG A 10 -8.42 20.68 -4.34
N SER A 11 -8.38 21.90 -3.92
CA SER A 11 -9.65 22.61 -3.54
C SER A 11 -10.51 22.93 -4.77
N ARG A 12 -9.95 23.12 -5.94
CA ARG A 12 -10.82 23.45 -7.11
C ARG A 12 -11.51 22.16 -7.61
N GLY A 13 -10.93 21.03 -7.32
CA GLY A 13 -11.55 19.72 -7.75
C GLY A 13 -11.47 19.54 -9.28
N ARG A 14 -10.54 20.18 -9.93
CA ARG A 14 -10.41 20.04 -11.42
C ARG A 14 -10.54 18.55 -11.80
N ALA A 15 -11.16 18.23 -12.91
CA ALA A 15 -11.30 16.78 -13.29
C ALA A 15 -9.93 16.23 -13.70
N GLN A 16 -9.14 17.04 -14.39
CA GLN A 16 -7.77 16.60 -14.85
C GLN A 16 -6.79 16.52 -13.66
N VAL A 17 -7.27 16.75 -12.46
CA VAL A 17 -6.37 16.69 -11.29
C VAL A 17 -5.94 15.24 -11.05
N GLN A 18 -6.72 14.28 -11.50
CA GLN A 18 -6.35 12.83 -11.30
C GLN A 18 -5.39 12.39 -12.40
N GLU A 19 -4.90 13.32 -13.22
CA GLU A 19 -3.95 12.94 -14.31
C GLU A 19 -2.52 13.00 -13.77
N PHE A 20 -2.34 13.55 -12.59
CA PHE A 20 -0.97 13.65 -11.99
C PHE A 20 -1.08 14.11 -10.53
N CYS A 21 -0.01 14.03 -9.81
CA CYS A 21 -0.02 14.49 -8.40
C CYS A 21 0.40 15.95 -8.38
N ASP A 22 1.54 16.29 -7.82
CA ASP A 22 1.97 17.70 -7.84
C ASP A 22 2.67 17.97 -9.16
N TYR A 23 3.75 17.27 -9.41
CA TYR A 23 4.50 17.45 -10.69
C TYR A 23 4.12 16.31 -11.64
N GLY A 24 4.63 15.15 -11.39
CA GLY A 24 4.32 14.00 -12.28
C GLY A 24 5.62 13.40 -12.76
N THR A 25 6.31 12.70 -11.90
CA THR A 25 7.60 12.09 -12.30
C THR A 25 7.57 10.59 -11.98
N LYS A 26 8.33 9.83 -12.70
CA LYS A 26 8.33 8.36 -12.51
C LYS A 26 9.17 7.99 -11.29
N GLU A 27 10.46 8.10 -11.38
CA GLU A 27 11.34 7.72 -10.24
C GLU A 27 11.48 8.88 -9.24
N GLU A 28 11.46 10.12 -9.70
CA GLU A 28 11.64 11.26 -8.76
C GLU A 28 10.44 11.38 -7.82
N CYS A 29 9.25 11.35 -8.35
CA CYS A 29 8.07 11.48 -7.44
C CYS A 29 8.01 10.25 -6.55
N MET A 30 8.26 9.10 -7.10
CA MET A 30 8.22 7.86 -6.27
C MET A 30 8.97 8.12 -4.96
N LYS A 31 10.19 8.58 -5.05
CA LYS A 31 10.97 8.90 -3.81
C LYS A 31 10.15 9.79 -2.89
N ALA A 32 9.33 10.62 -3.48
CA ALA A 32 8.46 11.58 -2.71
C ALA A 32 7.15 10.90 -2.29
N SER A 33 6.79 9.78 -2.90
CA SER A 33 5.52 9.06 -2.55
C SER A 33 5.43 8.84 -1.04
N ASP A 34 6.46 8.31 -0.46
CA ASP A 34 6.46 8.07 1.02
C ASP A 34 7.64 8.76 1.70
N ALA A 35 7.87 10.04 1.47
CA ALA A 35 9.01 10.76 2.14
C ALA A 35 8.51 12.13 2.63
N ASP A 36 9.34 12.94 3.21
CA ASP A 36 8.85 14.28 3.68
C ASP A 36 9.06 15.29 2.57
N ARG A 37 9.10 14.80 1.37
CA ARG A 37 9.35 15.68 0.19
C ARG A 37 7.99 16.24 -0.28
N PRO A 38 7.99 17.40 -0.94
CA PRO A 38 6.73 18.05 -1.40
C PRO A 38 5.69 17.05 -1.90
N CYS A 39 5.42 17.06 -3.17
CA CYS A 39 4.41 16.13 -3.76
C CYS A 39 3.10 16.16 -2.97
N ARG A 40 2.12 15.42 -3.40
CA ARG A 40 0.83 15.38 -2.71
C ARG A 40 0.96 14.67 -1.39
N LYS A 41 2.02 13.92 -1.15
CA LYS A 41 2.16 13.22 0.17
C LYS A 41 1.07 12.13 0.32
N LEU A 42 -0.09 12.37 -0.25
CA LEU A 42 -1.23 11.37 -0.13
C LEU A 42 -1.00 10.07 -0.93
N HIS A 43 0.02 9.99 -1.75
CA HIS A 43 0.26 8.72 -2.54
C HIS A 43 0.15 7.50 -1.61
N PHE A 44 -0.06 6.30 -2.17
CA PHE A 44 -0.21 5.02 -1.37
C PHE A 44 0.76 4.97 -0.17
N ARG A 45 0.24 4.72 1.01
CA ARG A 45 1.15 4.61 2.18
C ARG A 45 1.38 3.12 2.43
N ARG A 46 2.57 2.66 2.24
CA ARG A 46 2.87 1.22 2.42
C ARG A 46 3.86 1.04 3.59
N ILE A 47 3.74 -0.05 4.34
CA ILE A 47 4.69 -0.29 5.49
C ILE A 47 5.93 -1.07 5.04
N ILE A 48 7.04 -0.38 4.97
CA ILE A 48 8.32 -1.00 4.52
C ILE A 48 9.28 -1.19 5.72
N ASN A 49 10.22 -2.09 5.61
CA ASN A 49 11.18 -2.31 6.74
C ASN A 49 12.61 -2.20 6.21
N LYS A 50 13.58 -2.04 7.08
CA LYS A 50 15.00 -1.93 6.62
C LYS A 50 15.40 -3.19 5.86
N HIS A 51 16.33 -3.09 4.95
CA HIS A 51 16.73 -4.30 4.18
C HIS A 51 17.23 -5.40 5.14
N THR A 52 16.39 -6.36 5.41
CA THR A 52 16.78 -7.48 6.32
C THR A 52 17.32 -8.64 5.46
N ASP A 53 18.12 -9.51 6.03
CA ASP A 53 18.65 -10.67 5.26
C ASP A 53 17.53 -11.69 5.11
N GLU A 54 17.02 -11.85 3.93
CA GLU A 54 15.87 -12.77 3.69
C GLU A 54 16.16 -14.22 4.11
N SER A 55 17.29 -14.53 4.69
CA SER A 55 17.51 -15.94 5.12
C SER A 55 16.84 -16.13 6.48
N LEU A 56 16.57 -15.03 7.15
CA LEU A 56 15.89 -15.07 8.47
C LEU A 56 14.47 -15.55 8.20
N GLY A 57 14.04 -16.62 8.80
CA GLY A 57 12.64 -17.08 8.57
C GLY A 57 12.40 -17.15 7.06
N ASP A 58 11.31 -16.61 6.62
CA ASP A 58 10.98 -16.63 5.15
C ASP A 58 9.73 -15.78 4.90
N CYS A 59 9.00 -16.10 3.86
CA CYS A 59 7.73 -15.35 3.54
C CYS A 59 7.25 -15.65 2.12
N SER A 60 6.07 -15.21 1.76
CA SER A 60 5.56 -15.47 0.39
C SER A 60 4.39 -14.53 0.12
N PHE A 61 4.46 -13.32 0.60
CA PHE A 61 3.35 -12.35 0.38
C PHE A 61 2.90 -12.34 -1.08
N LEU A 62 3.80 -12.50 -2.03
CA LEU A 62 3.39 -12.49 -3.45
C LEU A 62 2.10 -13.25 -3.71
N ASN A 63 1.66 -14.11 -2.80
CA ASN A 63 0.40 -14.89 -3.04
C ASN A 63 -0.17 -15.32 -1.68
N THR A 64 0.49 -16.27 -1.07
CA THR A 64 0.03 -16.78 0.26
C THR A 64 1.27 -16.90 1.17
N CYS A 65 1.20 -16.25 2.29
CA CYS A 65 2.31 -16.25 3.30
C CYS A 65 2.29 -17.60 4.00
N PHE A 66 1.33 -18.45 3.73
CA PHE A 66 1.33 -19.78 4.38
C PHE A 66 1.34 -19.54 5.89
N HIS A 67 2.37 -20.02 6.56
CA HIS A 67 2.48 -19.82 8.03
C HIS A 67 2.62 -18.31 8.32
N MET A 68 2.14 -17.89 9.45
CA MET A 68 2.27 -16.43 9.78
C MET A 68 3.52 -16.26 10.65
N ASP A 69 3.67 -17.12 11.62
CA ASP A 69 4.84 -17.08 12.55
C ASP A 69 6.17 -16.95 11.75
N THR A 70 6.11 -17.04 10.45
CA THR A 70 7.38 -16.97 9.66
C THR A 70 7.52 -15.59 8.99
N CYS A 71 7.13 -14.54 9.66
CA CYS A 71 7.23 -13.18 9.03
C CYS A 71 8.21 -12.27 9.78
N LYS A 72 9.42 -12.25 9.27
CA LYS A 72 10.47 -11.41 9.88
C LYS A 72 10.25 -10.00 9.36
N TYR A 73 11.26 -9.33 8.89
CA TYR A 73 11.07 -7.94 8.41
C TYR A 73 10.81 -7.90 6.90
N VAL A 74 10.50 -9.01 6.29
CA VAL A 74 10.27 -9.03 4.81
C VAL A 74 8.79 -8.88 4.49
N HIS A 75 8.26 -7.72 4.72
CA HIS A 75 6.83 -7.48 4.43
C HIS A 75 6.70 -6.06 3.86
N TYR A 76 5.83 -5.89 2.89
CA TYR A 76 5.64 -4.55 2.26
C TYR A 76 4.20 -4.46 1.77
N GLU A 77 3.29 -3.94 2.57
CA GLU A 77 1.85 -3.88 2.14
C GLU A 77 1.47 -2.44 1.79
N ILE A 78 0.39 -2.28 1.04
CA ILE A 78 -0.08 -0.94 0.63
C ILE A 78 -1.47 -0.67 1.25
N ASP A 79 -1.77 0.57 1.56
CA ASP A 79 -3.05 0.99 2.13
C ASP A 79 -3.66 2.12 1.34
N ALA A 80 -4.63 1.90 0.52
CA ALA A 80 -5.23 3.03 -0.25
C ALA A 80 -6.74 2.75 -0.36
N SER A 81 -7.56 3.74 -0.55
CA SER A 81 -8.99 3.49 -0.67
C SER A 81 -9.28 2.44 -1.72
N MET A 82 -9.74 1.28 -1.34
CA MET A 82 -10.04 0.20 -2.34
C MET A 82 -11.55 0.12 -2.57
N ASP A 83 -11.96 0.02 -3.81
CA ASP A 83 -13.42 -0.06 -4.11
C ASP A 83 -13.63 -0.62 -5.52
N SER A 84 -12.56 -0.83 -6.25
CA SER A 84 -12.70 -1.36 -7.63
C SER A 84 -13.20 -2.81 -7.57
N GLU A 85 -12.78 -3.55 -6.57
CA GLU A 85 -13.23 -4.96 -6.46
C GLU A 85 -14.58 -5.02 -5.74
N ALA A 86 -15.42 -5.96 -6.10
CA ALA A 86 -16.75 -6.06 -5.45
C ALA A 86 -16.58 -6.39 -3.96
N PRO A 87 -17.50 -5.98 -3.13
CA PRO A 87 -17.42 -6.25 -1.66
C PRO A 87 -17.74 -7.70 -1.33
N GLY A 88 -17.20 -8.21 -0.25
CA GLY A 88 -17.47 -9.62 0.13
C GLY A 88 -16.63 -10.55 -0.75
N SER A 89 -16.53 -10.26 -2.01
CA SER A 89 -15.72 -11.14 -2.91
C SER A 89 -14.23 -10.97 -2.59
N LYS A 90 -13.85 -9.81 -2.14
CA LYS A 90 -12.42 -9.58 -1.81
C LYS A 90 -12.04 -10.43 -0.59
N ASP A 91 -13.01 -10.85 0.18
CA ASP A 91 -12.70 -11.68 1.37
C ASP A 91 -13.97 -12.41 1.82
N HIS A 92 -13.94 -13.71 1.82
CA HIS A 92 -15.16 -14.48 2.24
C HIS A 92 -15.36 -14.30 3.74
N THR A 93 -16.59 -14.29 4.19
CA THR A 93 -16.87 -14.12 5.63
C THR A 93 -16.32 -15.32 6.40
N PRO A 94 -15.93 -15.11 7.64
CA PRO A 94 -15.38 -16.20 8.50
C PRO A 94 -16.44 -17.23 8.87
N SER A 95 -16.08 -18.50 8.90
CA SER A 95 -17.07 -19.55 9.25
C SER A 95 -16.34 -20.89 9.45
N GLN A 96 -15.38 -21.18 8.61
CA GLN A 96 -14.64 -22.45 8.75
C GLN A 96 -13.94 -22.49 10.11
N GLU A 97 -13.37 -21.40 10.52
CA GLU A 97 -12.67 -21.38 11.84
C GLU A 97 -11.70 -22.55 11.93
N LEU A 98 -10.58 -22.46 11.28
CA LEU A 98 -9.59 -23.58 11.32
C LEU A 98 -9.18 -23.81 12.79
N ALA A 99 -8.85 -22.77 13.50
CA ALA A 99 -8.45 -22.94 14.92
C ALA A 99 -8.63 -21.61 15.66
N LEU A 100 -8.72 -21.65 16.96
CA LEU A 100 -8.90 -20.39 17.74
C LEU A 100 -7.65 -19.51 17.57
N THR A 101 -7.81 -18.21 17.69
CA THR A 101 -6.64 -17.31 17.53
C THR A 101 -5.59 -17.64 18.61
N GLN A 102 -6.02 -17.98 19.79
CA GLN A 102 -5.06 -18.31 20.87
C GLN A 102 -4.38 -19.64 20.55
N SER A 4 1.45 25.58 1.50
CA SER A 4 1.39 24.59 0.38
C SER A 4 0.21 24.95 -0.53
N ILE A 5 0.49 25.33 -1.75
CA ILE A 5 -0.61 25.71 -2.68
C ILE A 5 -1.24 24.43 -3.22
N VAL A 6 -0.42 23.43 -3.45
CA VAL A 6 -0.91 22.14 -3.97
C VAL A 6 -2.16 21.72 -3.18
N GLU A 7 -2.28 22.17 -1.97
CA GLU A 7 -3.48 21.81 -1.17
C GLU A 7 -4.68 22.57 -1.76
N LYS A 8 -4.48 23.79 -2.17
CA LYS A 8 -5.61 24.56 -2.78
C LYS A 8 -6.19 23.73 -3.91
N PHE A 9 -5.36 22.97 -4.58
CA PHE A 9 -5.86 22.14 -5.70
C PHE A 9 -6.69 20.99 -5.14
N ARG A 10 -6.34 20.45 -4.01
CA ARG A 10 -7.16 19.34 -3.45
C ARG A 10 -8.44 19.93 -2.89
N SER A 11 -8.41 21.17 -2.48
CA SER A 11 -9.61 21.80 -1.89
C SER A 11 -10.67 22.14 -2.95
N ARG A 12 -10.30 22.48 -4.15
CA ARG A 12 -11.37 22.81 -5.16
C ARG A 12 -12.02 21.53 -5.66
N GLY A 13 -11.32 20.42 -5.58
CA GLY A 13 -11.90 19.10 -6.02
C GLY A 13 -12.02 19.03 -7.55
N ARG A 14 -11.24 19.80 -8.27
CA ARG A 14 -11.31 19.77 -9.77
C ARG A 14 -11.23 18.30 -10.26
N ALA A 15 -11.88 17.96 -11.35
CA ALA A 15 -11.81 16.54 -11.82
C ALA A 15 -10.61 16.35 -12.75
N GLN A 16 -10.21 17.41 -13.43
CA GLN A 16 -9.03 17.35 -14.37
C GLN A 16 -7.72 17.16 -13.60
N VAL A 17 -7.59 17.77 -12.44
CA VAL A 17 -6.35 17.62 -11.66
C VAL A 17 -6.19 16.16 -11.20
N GLN A 18 -7.27 15.42 -11.15
CA GLN A 18 -7.19 13.98 -10.71
C GLN A 18 -6.38 13.17 -11.74
N GLU A 19 -5.72 13.84 -12.67
CA GLU A 19 -4.92 13.10 -13.68
C GLU A 19 -3.46 13.02 -13.23
N PHE A 20 -3.12 13.71 -12.14
CA PHE A 20 -1.72 13.71 -11.64
C PHE A 20 -1.72 14.13 -10.16
N CYS A 21 -0.56 14.16 -9.58
CA CYS A 21 -0.46 14.59 -8.15
C CYS A 21 -0.02 16.04 -8.14
N ASP A 22 1.14 16.35 -7.62
CA ASP A 22 1.59 17.76 -7.62
C ASP A 22 2.24 18.04 -8.97
N TYR A 23 3.29 17.32 -9.29
CA TYR A 23 3.98 17.52 -10.60
C TYR A 23 3.52 16.42 -11.56
N GLY A 24 3.98 15.22 -11.35
CA GLY A 24 3.59 14.11 -12.25
C GLY A 24 4.86 13.47 -12.81
N THR A 25 5.84 13.25 -11.96
CA THR A 25 7.10 12.64 -12.45
C THR A 25 7.01 11.12 -12.27
N LYS A 26 7.70 10.42 -13.10
CA LYS A 26 7.65 8.93 -13.05
C LYS A 26 8.53 8.40 -11.91
N GLU A 27 9.82 8.46 -12.07
CA GLU A 27 10.73 7.93 -11.03
C GLU A 27 11.00 8.97 -9.93
N GLU A 28 10.91 10.23 -10.25
CA GLU A 28 11.20 11.28 -9.21
C GLU A 28 10.06 11.36 -8.20
N CYS A 29 8.84 11.41 -8.65
CA CYS A 29 7.72 11.51 -7.66
C CYS A 29 7.69 10.23 -6.83
N MET A 30 7.88 9.10 -7.45
CA MET A 30 7.87 7.81 -6.70
C MET A 30 8.71 7.98 -5.43
N LYS A 31 9.96 8.35 -5.60
CA LYS A 31 10.85 8.56 -4.42
C LYS A 31 10.14 9.45 -3.38
N ALA A 32 9.38 10.39 -3.86
CA ALA A 32 8.64 11.34 -2.97
C ALA A 32 7.32 10.70 -2.46
N SER A 33 6.83 9.66 -3.12
CA SER A 33 5.56 9.00 -2.68
C SER A 33 5.59 8.68 -1.19
N ASP A 34 6.62 8.02 -0.75
CA ASP A 34 6.73 7.66 0.70
C ASP A 34 7.94 8.36 1.35
N ALA A 35 8.14 9.65 1.14
CA ALA A 35 9.31 10.36 1.76
C ALA A 35 8.80 11.71 2.32
N ASP A 36 9.64 12.52 2.92
CA ASP A 36 9.15 13.83 3.44
C ASP A 36 9.32 14.87 2.34
N ARG A 37 9.25 14.43 1.13
CA ARG A 37 9.44 15.33 -0.04
C ARG A 37 8.08 15.98 -0.38
N PRO A 38 8.09 17.16 -1.00
CA PRO A 38 6.84 17.89 -1.34
C PRO A 38 5.71 16.96 -1.80
N CYS A 39 5.33 17.06 -3.03
CA CYS A 39 4.23 16.19 -3.57
C CYS A 39 3.02 16.21 -2.64
N ARG A 40 1.98 15.51 -3.02
CA ARG A 40 0.77 15.47 -2.19
C ARG A 40 1.01 14.70 -0.91
N LYS A 41 2.10 13.99 -0.78
CA LYS A 41 2.38 13.23 0.48
C LYS A 41 1.30 12.15 0.69
N LEU A 42 0.15 12.30 0.08
CA LEU A 42 -0.98 11.29 0.25
C LEU A 42 -0.82 10.04 -0.63
N HIS A 43 0.20 9.95 -1.45
CA HIS A 43 0.36 8.72 -2.33
C HIS A 43 0.35 7.45 -1.46
N PHE A 44 0.08 6.28 -2.06
CA PHE A 44 0.01 4.97 -1.31
C PHE A 44 0.92 4.94 -0.08
N ARG A 45 0.39 4.64 1.08
CA ARG A 45 1.24 4.56 2.29
C ARG A 45 1.56 3.09 2.51
N ARG A 46 2.81 2.72 2.43
CA ARG A 46 3.20 1.30 2.60
C ARG A 46 4.23 1.19 3.74
N ILE A 47 4.25 0.08 4.45
CA ILE A 47 5.24 -0.09 5.58
C ILE A 47 6.42 -0.98 5.16
N ILE A 48 7.60 -0.46 5.33
CA ILE A 48 8.86 -1.20 4.95
C ILE A 48 9.76 -1.40 6.18
N ASN A 49 10.64 -2.37 6.13
CA ASN A 49 11.55 -2.62 7.29
C ASN A 49 13.00 -2.56 6.80
N LYS A 50 13.94 -2.31 7.70
CA LYS A 50 15.38 -2.24 7.29
C LYS A 50 15.78 -3.54 6.57
N HIS A 51 16.75 -3.48 5.71
CA HIS A 51 17.15 -4.73 4.99
C HIS A 51 17.53 -5.82 5.99
N THR A 52 16.63 -6.75 6.21
CA THR A 52 16.89 -7.86 7.16
C THR A 52 17.56 -9.02 6.38
N ASP A 53 18.18 -9.95 7.05
CA ASP A 53 18.83 -11.10 6.36
C ASP A 53 17.75 -12.13 6.08
N GLU A 54 17.51 -12.41 4.83
CA GLU A 54 16.44 -13.36 4.43
C GLU A 54 16.62 -14.77 5.01
N SER A 55 17.64 -15.05 5.76
CA SER A 55 17.78 -16.41 6.33
C SER A 55 16.66 -16.58 7.36
N LEU A 56 16.34 -15.51 8.06
CA LEU A 56 15.26 -15.54 9.07
C LEU A 56 13.97 -15.85 8.32
N GLY A 57 13.40 -17.01 8.48
CA GLY A 57 12.13 -17.31 7.75
C GLY A 57 12.34 -17.00 6.27
N ASP A 58 11.30 -16.58 5.60
CA ASP A 58 11.41 -16.26 4.15
C ASP A 58 10.13 -15.54 3.70
N CYS A 59 8.99 -16.07 4.05
CA CYS A 59 7.67 -15.43 3.67
C CYS A 59 7.56 -15.26 2.15
N SER A 60 6.54 -14.58 1.70
CA SER A 60 6.38 -14.37 0.24
C SER A 60 5.16 -13.49 -0.01
N PHE A 61 5.02 -12.44 0.75
CA PHE A 61 3.85 -11.52 0.57
C PHE A 61 3.54 -11.31 -0.90
N LEU A 62 4.49 -11.48 -1.79
CA LEU A 62 4.22 -11.27 -3.23
C LEU A 62 2.96 -12.02 -3.72
N ASN A 63 2.47 -12.98 -2.97
CA ASN A 63 1.26 -13.74 -3.44
C ASN A 63 0.57 -14.36 -2.21
N THR A 64 1.25 -15.29 -1.58
CA THR A 64 0.71 -15.97 -0.38
C THR A 64 1.83 -16.07 0.65
N CYS A 65 1.58 -15.53 1.82
CA CYS A 65 2.57 -15.56 2.95
C CYS A 65 2.65 -16.97 3.47
N PHE A 66 1.81 -17.87 3.02
CA PHE A 66 1.92 -19.28 3.49
C PHE A 66 1.84 -19.25 5.01
N HIS A 67 2.89 -19.68 5.67
CA HIS A 67 2.91 -19.67 7.17
C HIS A 67 2.81 -18.21 7.67
N MET A 68 1.99 -17.98 8.64
CA MET A 68 1.86 -16.59 9.16
C MET A 68 2.90 -16.41 10.29
N ASP A 69 3.07 -17.44 11.07
CA ASP A 69 4.05 -17.40 12.21
C ASP A 69 5.36 -16.74 11.77
N THR A 70 5.60 -16.61 10.49
CA THR A 70 6.90 -16.00 10.03
C THR A 70 6.75 -14.47 9.95
N CYS A 71 6.47 -13.94 8.77
CA CYS A 71 6.33 -12.46 8.65
C CYS A 71 7.41 -11.71 9.46
N LYS A 72 8.63 -12.06 9.20
CA LYS A 72 9.78 -11.41 9.88
C LYS A 72 9.78 -9.95 9.41
N TYR A 73 10.88 -9.42 9.01
CA TYR A 73 10.91 -8.00 8.59
C TYR A 73 10.71 -7.86 7.08
N VAL A 74 11.01 -8.88 6.31
CA VAL A 74 10.88 -8.79 4.82
C VAL A 74 9.41 -8.73 4.42
N HIS A 75 8.83 -7.57 4.50
CA HIS A 75 7.40 -7.41 4.12
C HIS A 75 7.26 -6.08 3.41
N TYR A 76 6.25 -5.95 2.58
CA TYR A 76 6.03 -4.68 1.83
C TYR A 76 4.52 -4.56 1.56
N GLU A 77 3.77 -3.96 2.46
CA GLU A 77 2.29 -3.86 2.24
C GLU A 77 1.89 -2.43 1.90
N ILE A 78 0.84 -2.28 1.12
CA ILE A 78 0.36 -0.94 0.70
C ILE A 78 -1.09 -0.74 1.18
N ASP A 79 -1.43 0.45 1.63
CA ASP A 79 -2.77 0.78 2.10
C ASP A 79 -3.38 1.86 1.24
N ALA A 80 -4.25 1.58 0.33
CA ALA A 80 -4.85 2.65 -0.51
C ALA A 80 -6.32 2.27 -0.75
N SER A 81 -7.13 3.14 -1.29
CA SER A 81 -8.52 2.78 -1.54
C SER A 81 -8.61 1.49 -2.33
N MET A 82 -9.31 0.50 -1.83
CA MET A 82 -9.45 -0.81 -2.55
C MET A 82 -10.42 -0.63 -3.72
N ASP A 83 -10.22 -1.37 -4.78
CA ASP A 83 -11.12 -1.25 -5.96
C ASP A 83 -12.49 -1.86 -5.63
N SER A 84 -13.44 -1.06 -5.22
CA SER A 84 -14.78 -1.59 -4.88
C SER A 84 -15.53 -1.94 -6.17
N GLU A 85 -14.91 -1.75 -7.30
CA GLU A 85 -15.60 -2.06 -8.60
C GLU A 85 -16.02 -3.53 -8.60
N ALA A 86 -15.16 -4.40 -8.18
CA ALA A 86 -15.53 -5.86 -8.16
C ALA A 86 -16.49 -6.13 -7.00
N PRO A 87 -17.35 -7.12 -7.14
CA PRO A 87 -18.33 -7.48 -6.08
C PRO A 87 -17.67 -8.21 -4.90
N GLY A 88 -17.60 -7.58 -3.76
CA GLY A 88 -16.98 -8.23 -2.59
C GLY A 88 -15.51 -8.54 -2.89
N SER A 89 -14.96 -7.90 -3.89
CA SER A 89 -13.53 -8.16 -4.24
C SER A 89 -13.32 -9.65 -4.46
N LYS A 90 -12.14 -10.04 -4.87
CA LYS A 90 -11.88 -11.48 -5.11
C LYS A 90 -11.69 -12.19 -3.77
N ASP A 91 -11.23 -11.48 -2.78
CA ASP A 91 -11.03 -12.11 -1.43
C ASP A 91 -12.38 -12.54 -0.88
N HIS A 92 -12.49 -13.76 -0.42
CA HIS A 92 -13.80 -14.23 0.13
C HIS A 92 -13.93 -13.74 1.58
N THR A 93 -15.14 -13.66 2.07
CA THR A 93 -15.34 -13.19 3.46
C THR A 93 -14.74 -14.21 4.44
N PRO A 94 -14.30 -13.75 5.58
CA PRO A 94 -13.70 -14.62 6.62
C PRO A 94 -14.74 -15.53 7.28
N SER A 95 -14.30 -16.56 7.96
CA SER A 95 -15.27 -17.47 8.64
C SER A 95 -15.94 -16.73 9.79
N GLN A 96 -17.05 -17.23 10.25
CA GLN A 96 -17.77 -16.55 11.37
C GLN A 96 -16.96 -16.71 12.67
N GLU A 97 -16.54 -17.92 12.96
CA GLU A 97 -15.75 -18.14 14.21
C GLU A 97 -15.26 -19.58 14.24
N LEU A 98 -16.13 -20.54 14.14
CA LEU A 98 -15.70 -21.96 14.16
C LEU A 98 -14.67 -22.19 13.06
N ALA A 99 -14.96 -21.74 11.87
CA ALA A 99 -13.99 -21.94 10.75
C ALA A 99 -13.68 -23.43 10.60
N LEU A 100 -14.26 -24.08 9.64
CA LEU A 100 -13.99 -25.54 9.44
C LEU A 100 -12.51 -25.74 9.16
N THR A 101 -11.92 -24.89 8.35
CA THR A 101 -10.48 -25.04 8.03
C THR A 101 -9.64 -24.66 9.26
N GLN A 102 -8.39 -25.03 9.26
CA GLN A 102 -7.53 -24.71 10.44
C GLN A 102 -7.05 -23.25 10.31
N SER A 4 0.27 26.57 -0.09
CA SER A 4 0.25 25.37 -0.99
C SER A 4 -0.82 25.56 -2.06
N ILE A 5 -0.42 25.77 -3.28
CA ILE A 5 -1.41 25.98 -4.38
C ILE A 5 -1.94 24.61 -4.82
N VAL A 6 -1.08 23.64 -4.78
CA VAL A 6 -1.45 22.26 -5.19
C VAL A 6 -2.72 21.85 -4.46
N GLU A 7 -2.96 22.40 -3.30
CA GLU A 7 -4.20 22.06 -2.56
C GLU A 7 -5.39 22.67 -3.31
N LYS A 8 -5.21 23.83 -3.88
CA LYS A 8 -6.33 24.46 -4.65
C LYS A 8 -6.76 23.49 -5.74
N PHE A 9 -5.83 22.71 -6.23
CA PHE A 9 -6.19 21.73 -7.30
C PHE A 9 -6.97 20.57 -6.68
N ARG A 10 -6.68 20.20 -5.46
CA ARG A 10 -7.45 19.09 -4.86
C ARG A 10 -8.83 19.62 -4.45
N SER A 11 -8.97 20.90 -4.34
CA SER A 11 -10.26 21.49 -3.90
C SER A 11 -11.22 21.72 -5.09
N ARG A 12 -10.74 22.01 -6.28
CA ARG A 12 -11.72 22.23 -7.41
C ARG A 12 -12.23 20.87 -7.89
N GLY A 13 -11.49 19.82 -7.66
CA GLY A 13 -11.94 18.45 -8.08
C GLY A 13 -11.89 18.30 -9.62
N ARG A 14 -11.08 19.07 -10.29
CA ARG A 14 -10.98 18.96 -11.79
C ARG A 14 -10.70 17.49 -12.17
N ALA A 15 -11.51 16.88 -12.99
CA ALA A 15 -11.24 15.45 -13.37
C ALA A 15 -9.89 15.35 -14.07
N GLN A 16 -9.48 16.40 -14.76
CA GLN A 16 -8.17 16.41 -15.50
C GLN A 16 -6.99 16.31 -14.51
N VAL A 17 -7.18 16.77 -13.30
CA VAL A 17 -6.08 16.71 -12.31
C VAL A 17 -5.90 15.27 -11.81
N GLN A 18 -6.90 14.43 -11.99
CA GLN A 18 -6.79 13.01 -11.53
C GLN A 18 -5.85 12.24 -12.48
N GLU A 19 -5.15 12.92 -13.35
CA GLU A 19 -4.23 12.22 -14.29
C GLU A 19 -2.81 12.26 -13.73
N PHE A 20 -2.59 13.05 -12.70
CA PHE A 20 -1.22 13.16 -12.09
C PHE A 20 -1.34 13.68 -10.65
N CYS A 21 -0.25 13.73 -9.97
CA CYS A 21 -0.27 14.25 -8.57
C CYS A 21 0.08 15.73 -8.62
N ASP A 22 1.18 16.15 -8.05
CA ASP A 22 1.54 17.58 -8.12
C ASP A 22 2.27 17.81 -9.43
N TYR A 23 3.40 17.15 -9.63
CA TYR A 23 4.17 17.32 -10.89
C TYR A 23 3.90 16.11 -11.79
N GLY A 24 4.43 14.98 -11.43
CA GLY A 24 4.22 13.77 -12.26
C GLY A 24 5.57 13.22 -12.67
N THR A 25 6.53 13.26 -11.76
CA THR A 25 7.88 12.75 -12.10
C THR A 25 7.91 11.24 -11.85
N LYS A 26 8.77 10.57 -12.55
CA LYS A 26 8.84 9.09 -12.42
C LYS A 26 9.58 8.71 -11.14
N GLU A 27 10.88 8.90 -11.10
CA GLU A 27 11.66 8.53 -9.90
C GLU A 27 11.64 9.65 -8.84
N GLU A 28 11.66 10.89 -9.26
CA GLU A 28 11.67 12.00 -8.26
C GLU A 28 10.39 11.98 -7.41
N CYS A 29 9.25 11.84 -8.03
CA CYS A 29 8.00 11.82 -7.20
C CYS A 29 8.02 10.57 -6.33
N MET A 30 8.51 9.48 -6.85
CA MET A 30 8.57 8.23 -6.04
C MET A 30 9.14 8.58 -4.66
N LYS A 31 10.32 9.15 -4.62
CA LYS A 31 10.92 9.56 -3.32
C LYS A 31 9.85 10.22 -2.44
N ALA A 32 8.95 10.90 -3.06
CA ALA A 32 7.84 11.62 -2.34
C ALA A 32 6.66 10.66 -2.06
N SER A 33 6.55 9.57 -2.80
CA SER A 33 5.43 8.60 -2.60
C SER A 33 5.29 8.24 -1.10
N ASP A 34 6.33 8.46 -0.36
CA ASP A 34 6.29 8.12 1.10
C ASP A 34 7.39 8.87 1.88
N ALA A 35 7.67 10.13 1.56
CA ALA A 35 8.72 10.89 2.31
C ALA A 35 8.13 12.25 2.73
N ASP A 36 8.85 13.06 3.46
CA ASP A 36 8.28 14.39 3.86
C ASP A 36 8.56 15.39 2.73
N ARG A 37 8.61 14.89 1.53
CA ARG A 37 8.92 15.75 0.36
C ARG A 37 7.59 16.32 -0.17
N PRO A 38 7.63 17.49 -0.82
CA PRO A 38 6.40 18.16 -1.34
C PRO A 38 5.36 17.18 -1.87
N CYS A 39 5.07 17.24 -3.14
CA CYS A 39 4.06 16.33 -3.75
C CYS A 39 2.78 16.30 -2.92
N ARG A 40 1.78 15.58 -3.39
CA ARG A 40 0.52 15.49 -2.66
C ARG A 40 0.69 14.73 -1.37
N LYS A 41 1.78 14.02 -1.16
CA LYS A 41 1.98 13.28 0.13
C LYS A 41 0.94 12.15 0.24
N LEU A 42 -0.30 12.41 -0.15
CA LEU A 42 -1.38 11.36 -0.04
C LEU A 42 -1.12 10.10 -0.89
N HIS A 43 -0.04 10.04 -1.64
CA HIS A 43 0.22 8.80 -2.47
C HIS A 43 0.12 7.54 -1.60
N PHE A 44 0.21 6.35 -2.20
CA PHE A 44 0.10 5.03 -1.47
C PHE A 44 1.10 4.92 -0.30
N ARG A 45 0.63 4.62 0.89
CA ARG A 45 1.55 4.46 2.03
C ARG A 45 1.77 2.96 2.22
N ARG A 46 2.97 2.50 2.09
CA ARG A 46 3.25 1.05 2.22
C ARG A 46 4.26 0.83 3.36
N ILE A 47 4.19 -0.30 4.06
CA ILE A 47 5.15 -0.58 5.17
C ILE A 47 6.39 -1.33 4.67
N ILE A 48 7.49 -0.63 4.61
CA ILE A 48 8.77 -1.23 4.12
C ILE A 48 9.76 -1.43 5.29
N ASN A 49 10.72 -2.30 5.13
CA ASN A 49 11.72 -2.55 6.23
C ASN A 49 13.12 -2.64 5.62
N LYS A 50 14.14 -2.43 6.42
CA LYS A 50 15.54 -2.50 5.89
C LYS A 50 15.77 -3.87 5.24
N HIS A 51 16.67 -3.95 4.30
CA HIS A 51 16.91 -5.27 3.62
C HIS A 51 17.40 -6.30 4.65
N THR A 52 16.51 -7.12 5.12
CA THR A 52 16.89 -8.17 6.10
C THR A 52 17.43 -9.39 5.34
N ASP A 53 18.14 -10.29 5.99
CA ASP A 53 18.67 -11.50 5.31
C ASP A 53 17.50 -12.47 5.15
N GLU A 54 17.08 -12.68 3.94
CA GLU A 54 15.91 -13.57 3.66
C GLU A 54 16.10 -15.00 4.19
N SER A 55 17.19 -15.33 4.81
CA SER A 55 17.33 -16.71 5.34
C SER A 55 16.43 -16.83 6.58
N LEU A 56 16.07 -15.71 7.15
CA LEU A 56 15.18 -15.68 8.33
C LEU A 56 13.80 -16.07 7.84
N GLY A 57 13.30 -17.22 8.18
CA GLY A 57 11.94 -17.59 7.71
C GLY A 57 11.91 -17.48 6.19
N ASP A 58 10.79 -17.05 5.66
CA ASP A 58 10.66 -16.92 4.18
C ASP A 58 9.43 -16.06 3.86
N CYS A 59 8.27 -16.46 4.33
CA CYS A 59 7.00 -15.67 4.10
C CYS A 59 6.73 -15.50 2.61
N SER A 60 7.53 -14.70 1.94
CA SER A 60 7.30 -14.48 0.48
C SER A 60 5.89 -13.92 0.27
N PHE A 61 5.52 -12.95 1.06
CA PHE A 61 4.15 -12.35 0.91
C PHE A 61 3.79 -12.18 -0.55
N LEU A 62 4.73 -12.20 -1.46
CA LEU A 62 4.40 -12.01 -2.89
C LEU A 62 3.18 -12.82 -3.34
N ASN A 63 2.74 -13.79 -2.56
CA ASN A 63 1.57 -14.62 -2.98
C ASN A 63 0.84 -15.12 -1.73
N THR A 64 1.53 -15.95 -0.96
CA THR A 64 0.95 -16.51 0.29
C THR A 64 2.01 -16.41 1.39
N CYS A 65 1.62 -15.84 2.50
CA CYS A 65 2.53 -15.68 3.68
C CYS A 65 2.68 -17.04 4.35
N PHE A 66 1.98 -18.05 3.90
CA PHE A 66 2.14 -19.39 4.51
C PHE A 66 1.88 -19.23 6.00
N HIS A 67 2.87 -19.53 6.82
CA HIS A 67 2.72 -19.37 8.29
C HIS A 67 2.72 -17.88 8.66
N MET A 68 1.90 -17.49 9.59
CA MET A 68 1.87 -16.05 9.96
C MET A 68 2.90 -15.84 11.09
N ASP A 69 2.99 -16.80 11.96
CA ASP A 69 3.96 -16.71 13.10
C ASP A 69 5.32 -16.15 12.64
N THR A 70 5.58 -16.15 11.36
CA THR A 70 6.91 -15.65 10.88
C THR A 70 6.82 -14.15 10.57
N CYS A 71 6.52 -13.78 9.37
CA CYS A 71 6.43 -12.32 9.02
C CYS A 71 7.59 -11.53 9.66
N LYS A 72 8.78 -11.88 9.28
CA LYS A 72 9.98 -11.18 9.79
C LYS A 72 9.97 -9.79 9.16
N TYR A 73 11.07 -9.31 8.69
CA TYR A 73 11.07 -7.94 8.11
C TYR A 73 10.81 -7.97 6.60
N VAL A 74 10.83 -9.13 5.98
CA VAL A 74 10.62 -9.21 4.51
C VAL A 74 9.15 -9.01 4.16
N HIS A 75 8.61 -7.89 4.51
CA HIS A 75 7.18 -7.60 4.22
C HIS A 75 7.11 -6.26 3.49
N TYR A 76 6.15 -6.11 2.62
CA TYR A 76 5.99 -4.83 1.86
C TYR A 76 4.53 -4.72 1.44
N GLU A 77 3.68 -4.16 2.27
CA GLU A 77 2.22 -4.05 1.89
C GLU A 77 1.85 -2.62 1.56
N ILE A 78 0.83 -2.45 0.74
CA ILE A 78 0.37 -1.10 0.33
C ILE A 78 -1.07 -0.87 0.85
N ASP A 79 -1.40 0.34 1.21
CA ASP A 79 -2.73 0.72 1.70
C ASP A 79 -3.28 1.89 0.93
N ALA A 80 -4.26 1.76 0.11
CA ALA A 80 -4.80 2.93 -0.62
C ALA A 80 -6.33 2.75 -0.70
N SER A 81 -7.08 3.78 -0.99
CA SER A 81 -8.53 3.63 -1.08
C SER A 81 -8.90 2.48 -1.98
N MET A 82 -9.86 1.67 -1.61
CA MET A 82 -10.29 0.52 -2.47
C MET A 82 -11.26 1.01 -3.55
N ASP A 83 -11.17 0.47 -4.74
CA ASP A 83 -12.09 0.91 -5.83
C ASP A 83 -13.53 0.62 -5.43
N SER A 84 -14.46 1.35 -5.98
CA SER A 84 -15.90 1.13 -5.64
C SER A 84 -16.27 -0.32 -5.96
N GLU A 85 -15.71 -0.88 -7.00
CA GLU A 85 -16.04 -2.29 -7.37
C GLU A 85 -15.17 -3.25 -6.56
N ALA A 86 -15.75 -3.94 -5.62
CA ALA A 86 -14.95 -4.89 -4.79
C ALA A 86 -14.73 -6.18 -5.57
N PRO A 87 -13.64 -6.88 -5.31
CA PRO A 87 -13.34 -8.17 -6.01
C PRO A 87 -14.23 -9.32 -5.52
N GLY A 88 -14.49 -10.27 -6.38
CA GLY A 88 -15.35 -11.41 -5.98
C GLY A 88 -16.78 -10.93 -5.78
N SER A 89 -17.09 -9.75 -6.24
CA SER A 89 -18.48 -9.21 -6.07
C SER A 89 -18.93 -9.39 -4.62
N LYS A 90 -20.20 -9.53 -4.41
CA LYS A 90 -20.70 -9.72 -3.01
C LYS A 90 -20.14 -11.03 -2.44
N ASP A 91 -19.94 -12.01 -3.27
CA ASP A 91 -19.39 -13.31 -2.78
C ASP A 91 -20.31 -13.85 -1.68
N HIS A 92 -20.02 -15.02 -1.18
CA HIS A 92 -20.88 -15.61 -0.11
C HIS A 92 -20.54 -14.95 1.23
N THR A 93 -21.47 -14.96 2.15
CA THR A 93 -21.21 -14.34 3.47
C THR A 93 -20.31 -15.25 4.30
N PRO A 94 -19.52 -14.69 5.17
CA PRO A 94 -18.60 -15.46 6.05
C PRO A 94 -19.23 -16.78 6.53
N SER A 95 -18.42 -17.74 6.87
CA SER A 95 -18.97 -19.04 7.34
C SER A 95 -19.58 -18.85 8.74
N GLN A 96 -20.83 -19.20 8.90
CA GLN A 96 -21.48 -19.03 10.23
C GLN A 96 -20.88 -20.04 11.21
N GLU A 97 -20.65 -21.25 10.77
CA GLU A 97 -20.07 -22.28 11.68
C GLU A 97 -19.31 -23.30 10.86
N LEU A 98 -19.48 -23.31 9.57
CA LEU A 98 -18.76 -24.30 8.73
C LEU A 98 -17.25 -24.13 8.93
N ALA A 99 -16.85 -23.09 9.60
CA ALA A 99 -15.40 -22.87 9.84
C ALA A 99 -15.21 -21.91 11.02
N LEU A 100 -15.63 -20.68 10.87
CA LEU A 100 -15.48 -19.69 11.99
C LEU A 100 -14.00 -19.60 12.38
N THR A 101 -13.14 -20.19 11.60
CA THR A 101 -11.69 -20.13 11.93
C THR A 101 -11.17 -18.70 11.72
N GLN A 102 -11.86 -17.92 10.93
CA GLN A 102 -11.42 -16.52 10.68
C GLN A 102 -11.78 -15.66 11.89
N SER A 4 0.50 26.03 0.35
CA SER A 4 0.51 24.91 -0.64
C SER A 4 -0.62 25.10 -1.63
N ILE A 5 -0.29 25.34 -2.87
CA ILE A 5 -1.35 25.56 -3.91
C ILE A 5 -1.89 24.19 -4.33
N VAL A 6 -1.01 23.23 -4.41
CA VAL A 6 -1.40 21.86 -4.81
C VAL A 6 -2.66 21.44 -4.04
N GLU A 7 -2.87 22.01 -2.90
CA GLU A 7 -4.10 21.68 -2.13
C GLU A 7 -5.30 22.28 -2.86
N LYS A 8 -5.15 23.45 -3.41
CA LYS A 8 -6.28 24.08 -4.16
C LYS A 8 -6.73 23.09 -5.23
N PHE A 9 -5.82 22.33 -5.76
CA PHE A 9 -6.19 21.34 -6.82
C PHE A 9 -6.96 20.19 -6.18
N ARG A 10 -6.66 19.84 -4.96
CA ARG A 10 -7.42 18.73 -4.33
C ARG A 10 -8.78 19.27 -3.89
N SER A 11 -8.85 20.53 -3.60
CA SER A 11 -10.14 21.12 -3.12
C SER A 11 -11.12 21.38 -4.27
N ARG A 12 -10.67 21.73 -5.46
CA ARG A 12 -11.66 21.97 -6.56
C ARG A 12 -12.19 20.63 -7.09
N GLY A 13 -11.46 19.57 -6.87
CA GLY A 13 -11.91 18.21 -7.32
C GLY A 13 -11.85 18.08 -8.86
N ARG A 14 -11.14 18.96 -9.53
CA ARG A 14 -11.04 18.87 -11.02
C ARG A 14 -10.67 17.44 -11.43
N ALA A 15 -11.39 16.84 -12.35
CA ALA A 15 -11.06 15.43 -12.76
C ALA A 15 -9.63 15.39 -13.30
N GLN A 16 -9.20 16.44 -13.97
CA GLN A 16 -7.81 16.50 -14.55
C GLN A 16 -6.74 16.32 -13.46
N VAL A 17 -7.17 16.12 -12.23
CA VAL A 17 -6.19 15.96 -11.12
C VAL A 17 -5.81 14.47 -10.99
N GLN A 18 -6.75 13.58 -11.17
CA GLN A 18 -6.45 12.12 -11.04
C GLN A 18 -5.47 11.71 -12.15
N GLU A 19 -5.20 12.58 -13.10
CA GLU A 19 -4.25 12.23 -14.20
C GLU A 19 -2.82 12.32 -13.68
N PHE A 20 -2.63 12.94 -12.52
CA PHE A 20 -1.25 13.08 -11.95
C PHE A 20 -1.36 13.59 -10.50
N CYS A 21 -0.25 13.67 -9.84
CA CYS A 21 -0.25 14.19 -8.45
C CYS A 21 0.11 15.67 -8.50
N ASP A 22 1.22 16.08 -7.94
CA ASP A 22 1.58 17.51 -8.02
C ASP A 22 2.29 17.74 -9.36
N TYR A 23 3.39 17.06 -9.58
CA TYR A 23 4.13 17.22 -10.86
C TYR A 23 3.78 16.04 -11.76
N GLY A 24 4.31 14.89 -11.47
CA GLY A 24 4.03 13.71 -12.30
C GLY A 24 5.34 13.12 -12.77
N THR A 25 6.30 13.02 -11.88
CA THR A 25 7.62 12.46 -12.26
C THR A 25 7.60 10.95 -12.01
N LYS A 26 8.38 10.24 -12.76
CA LYS A 26 8.41 8.76 -12.65
C LYS A 26 9.28 8.35 -11.46
N GLU A 27 10.58 8.47 -11.58
CA GLU A 27 11.47 8.03 -10.48
C GLU A 27 11.65 9.14 -9.44
N GLU A 28 11.38 10.38 -9.78
CA GLU A 28 11.59 11.48 -8.80
C GLU A 28 10.41 11.58 -7.84
N CYS A 29 9.20 11.54 -8.34
CA CYS A 29 8.04 11.65 -7.41
C CYS A 29 8.03 10.42 -6.51
N MET A 30 8.33 9.27 -7.05
CA MET A 30 8.34 8.03 -6.21
C MET A 30 9.11 8.33 -4.92
N LYS A 31 10.33 8.80 -5.04
CA LYS A 31 11.15 9.13 -3.84
C LYS A 31 10.34 10.05 -2.91
N ALA A 32 9.54 10.89 -3.49
CA ALA A 32 8.70 11.86 -2.71
C ALA A 32 7.40 11.19 -2.21
N SER A 33 6.97 10.11 -2.84
CA SER A 33 5.71 9.41 -2.43
C SER A 33 5.70 9.18 -0.90
N ASP A 34 6.72 8.55 -0.40
CA ASP A 34 6.79 8.28 1.07
C ASP A 34 7.92 9.10 1.74
N ALA A 35 8.01 10.38 1.48
CA ALA A 35 9.09 11.22 2.14
C ALA A 35 8.47 12.55 2.57
N ASP A 36 9.20 13.42 3.22
CA ASP A 36 8.60 14.73 3.63
C ASP A 36 8.78 15.72 2.49
N ARG A 37 8.84 15.21 1.30
CA ARG A 37 9.05 16.06 0.10
C ARG A 37 7.69 16.58 -0.37
N PRO A 38 7.65 17.73 -1.05
CA PRO A 38 6.38 18.33 -1.53
C PRO A 38 5.36 17.30 -1.99
N CYS A 39 5.10 17.26 -3.27
CA CYS A 39 4.12 16.28 -3.83
C CYS A 39 2.82 16.29 -3.02
N ARG A 40 1.86 15.48 -3.41
CA ARG A 40 0.59 15.41 -2.69
C ARG A 40 0.76 14.70 -1.37
N LYS A 41 1.85 14.01 -1.14
CA LYS A 41 2.04 13.31 0.17
C LYS A 41 1.01 12.17 0.34
N LEU A 42 -0.18 12.36 -0.19
CA LEU A 42 -1.27 11.31 -0.06
C LEU A 42 -0.99 10.02 -0.87
N HIS A 43 0.12 9.93 -1.56
CA HIS A 43 0.40 8.68 -2.36
C HIS A 43 0.35 7.44 -1.45
N PHE A 44 0.03 6.26 -2.00
CA PHE A 44 -0.09 4.98 -1.19
C PHE A 44 0.88 4.95 0.01
N ARG A 45 0.39 4.70 1.20
CA ARG A 45 1.29 4.61 2.36
C ARG A 45 1.55 3.12 2.61
N ARG A 46 2.73 2.68 2.28
CA ARG A 46 3.07 1.23 2.45
C ARG A 46 4.08 1.07 3.59
N ILE A 47 4.03 -0.03 4.32
CA ILE A 47 5.01 -0.26 5.44
C ILE A 47 6.24 -1.03 4.97
N ILE A 48 7.34 -0.33 4.86
CA ILE A 48 8.62 -0.95 4.38
C ILE A 48 9.58 -1.18 5.56
N ASN A 49 10.51 -2.10 5.42
CA ASN A 49 11.48 -2.36 6.54
C ASN A 49 12.88 -2.49 5.96
N LYS A 50 13.90 -2.23 6.76
CA LYS A 50 15.30 -2.32 6.25
C LYS A 50 15.52 -3.68 5.57
N HIS A 51 16.36 -3.76 4.59
CA HIS A 51 16.59 -5.05 3.89
C HIS A 51 17.10 -6.11 4.89
N THR A 52 16.22 -6.95 5.35
CA THR A 52 16.62 -8.01 6.32
C THR A 52 17.11 -9.24 5.53
N ASP A 53 17.85 -10.13 6.14
CA ASP A 53 18.34 -11.34 5.44
C ASP A 53 17.19 -12.34 5.37
N GLU A 54 16.92 -12.85 4.21
CA GLU A 54 15.78 -13.80 4.02
C GLU A 54 16.03 -15.19 4.60
N SER A 55 17.16 -15.47 5.20
CA SER A 55 17.36 -16.81 5.78
C SER A 55 16.64 -16.85 7.13
N LEU A 56 16.34 -15.67 7.65
CA LEU A 56 15.62 -15.56 8.94
C LEU A 56 14.20 -16.08 8.69
N GLY A 57 13.79 -17.15 9.31
CA GLY A 57 12.40 -17.64 9.07
C GLY A 57 12.18 -17.75 7.57
N ASP A 58 11.07 -17.26 7.10
CA ASP A 58 10.76 -17.33 5.64
C ASP A 58 9.48 -16.55 5.36
N CYS A 59 9.17 -16.31 4.10
CA CYS A 59 7.93 -15.54 3.71
C CYS A 59 7.74 -15.52 2.20
N SER A 60 6.70 -14.88 1.73
CA SER A 60 6.48 -14.82 0.26
C SER A 60 5.31 -13.87 -0.02
N PHE A 61 5.25 -12.76 0.68
CA PHE A 61 4.14 -11.79 0.47
C PHE A 61 3.80 -11.67 -1.01
N LEU A 62 4.70 -12.01 -1.91
CA LEU A 62 4.39 -11.89 -3.36
C LEU A 62 3.08 -12.58 -3.76
N ASN A 63 2.57 -13.49 -2.96
CA ASN A 63 1.31 -14.20 -3.33
C ASN A 63 0.68 -14.78 -2.05
N THR A 64 1.34 -15.76 -1.48
CA THR A 64 0.84 -16.42 -0.24
C THR A 64 1.96 -16.39 0.79
N CYS A 65 1.62 -15.98 1.99
CA CYS A 65 2.59 -15.93 3.13
C CYS A 65 2.68 -17.31 3.74
N PHE A 66 1.90 -18.26 3.29
CA PHE A 66 2.00 -19.63 3.86
C PHE A 66 1.76 -19.51 5.35
N HIS A 67 2.76 -19.84 6.15
CA HIS A 67 2.63 -19.73 7.63
C HIS A 67 2.66 -18.24 8.04
N MET A 68 2.04 -17.91 9.13
CA MET A 68 2.06 -16.48 9.56
C MET A 68 3.22 -16.32 10.57
N ASP A 69 3.30 -17.24 11.49
CA ASP A 69 4.37 -17.19 12.53
C ASP A 69 5.75 -16.96 11.89
N THR A 70 5.84 -16.99 10.58
CA THR A 70 7.18 -16.81 9.94
C THR A 70 7.28 -15.41 9.31
N CYS A 71 6.83 -14.38 9.99
CA CYS A 71 6.87 -13.01 9.39
C CYS A 71 7.93 -12.12 10.07
N LYS A 72 9.11 -12.16 9.54
CA LYS A 72 10.22 -11.34 10.09
C LYS A 72 10.03 -9.94 9.53
N TYR A 73 11.06 -9.30 9.06
CA TYR A 73 10.89 -7.91 8.55
C TYR A 73 10.53 -7.92 7.06
N VAL A 74 10.93 -8.93 6.32
CA VAL A 74 10.64 -8.97 4.85
C VAL A 74 9.13 -8.84 4.60
N HIS A 75 8.64 -7.64 4.58
CA HIS A 75 7.20 -7.41 4.34
C HIS A 75 7.03 -6.00 3.80
N TYR A 76 6.24 -5.85 2.78
CA TYR A 76 6.01 -4.50 2.17
C TYR A 76 4.55 -4.43 1.70
N GLU A 77 3.65 -3.95 2.51
CA GLU A 77 2.20 -3.91 2.10
C GLU A 77 1.76 -2.47 1.80
N ILE A 78 0.74 -2.33 1.00
CA ILE A 78 0.23 -0.99 0.63
C ILE A 78 -1.19 -0.80 1.19
N ASP A 79 -1.57 0.39 1.55
CA ASP A 79 -2.89 0.72 2.07
C ASP A 79 -3.50 1.88 1.31
N ALA A 80 -4.51 1.70 0.54
CA ALA A 80 -5.12 2.85 -0.19
C ALA A 80 -6.64 2.62 -0.22
N SER A 81 -7.44 3.61 -0.51
CA SER A 81 -8.88 3.41 -0.56
C SER A 81 -9.23 2.31 -1.53
N MET A 82 -9.88 1.26 -1.09
CA MET A 82 -10.26 0.14 -2.02
C MET A 82 -11.72 0.30 -2.43
N ASP A 83 -12.06 -0.14 -3.62
CA ASP A 83 -13.48 -0.02 -4.08
C ASP A 83 -13.67 -0.81 -5.38
N SER A 84 -12.63 -1.47 -5.85
CA SER A 84 -12.74 -2.26 -7.10
C SER A 84 -13.75 -3.38 -6.90
N GLU A 85 -13.63 -4.13 -5.83
CA GLU A 85 -14.58 -5.25 -5.59
C GLU A 85 -15.81 -4.73 -4.86
N ALA A 86 -16.95 -4.74 -5.50
CA ALA A 86 -18.19 -4.23 -4.85
C ALA A 86 -18.79 -5.34 -3.96
N PRO A 87 -19.49 -4.96 -2.90
CA PRO A 87 -20.11 -5.95 -1.98
C PRO A 87 -20.68 -7.16 -2.73
N GLY A 88 -20.90 -8.24 -2.02
CA GLY A 88 -21.45 -9.45 -2.68
C GLY A 88 -20.31 -10.32 -3.19
N SER A 89 -19.09 -9.86 -3.07
CA SER A 89 -17.93 -10.65 -3.54
C SER A 89 -16.63 -10.02 -3.04
N LYS A 90 -16.71 -9.22 -2.02
CA LYS A 90 -15.47 -8.58 -1.48
C LYS A 90 -14.59 -9.64 -0.82
N ASP A 91 -15.19 -10.49 -0.03
CA ASP A 91 -14.37 -11.56 0.65
C ASP A 91 -15.31 -12.68 1.09
N HIS A 92 -14.79 -13.87 1.24
CA HIS A 92 -15.66 -15.01 1.67
C HIS A 92 -16.05 -14.81 3.14
N THR A 93 -17.16 -15.38 3.54
CA THR A 93 -17.59 -15.22 4.95
C THR A 93 -16.65 -16.00 5.87
N PRO A 94 -16.47 -15.54 7.08
CA PRO A 94 -15.59 -16.21 8.07
C PRO A 94 -16.15 -17.54 8.55
N SER A 95 -15.30 -18.42 9.03
CA SER A 95 -15.80 -19.75 9.50
C SER A 95 -16.66 -19.54 10.75
N GLN A 96 -17.65 -20.39 10.94
CA GLN A 96 -18.52 -20.24 12.14
C GLN A 96 -17.83 -20.85 13.35
N GLU A 97 -16.83 -21.66 13.14
CA GLU A 97 -16.11 -22.30 14.27
C GLU A 97 -15.17 -21.28 14.92
N LEU A 98 -14.00 -21.12 14.36
CA LEU A 98 -13.04 -20.14 14.95
C LEU A 98 -13.36 -18.75 14.43
N ALA A 99 -13.69 -17.83 15.30
CA ALA A 99 -14.02 -16.44 14.85
C ALA A 99 -14.23 -15.56 16.08
N LEU A 100 -15.43 -15.52 16.61
CA LEU A 100 -15.70 -14.68 17.81
C LEU A 100 -14.94 -15.25 19.01
N THR A 101 -14.89 -16.55 19.13
CA THR A 101 -14.18 -17.17 20.29
C THR A 101 -12.68 -17.17 20.00
N GLN A 102 -11.87 -16.96 21.01
CA GLN A 102 -10.40 -16.96 20.80
C GLN A 102 -9.88 -18.40 20.84
N SER A 4 2.77 25.71 0.94
CA SER A 4 2.55 24.83 -0.26
C SER A 4 1.26 25.26 -0.96
N ILE A 5 1.35 25.64 -2.21
CA ILE A 5 0.14 26.08 -2.96
C ILE A 5 -0.57 24.83 -3.48
N VAL A 6 0.20 23.82 -3.78
CA VAL A 6 -0.37 22.55 -4.31
C VAL A 6 -1.59 22.16 -3.48
N GLU A 7 -1.62 22.53 -2.23
CA GLU A 7 -2.79 22.21 -1.40
C GLU A 7 -3.98 23.05 -1.88
N LYS A 8 -3.74 24.28 -2.26
CA LYS A 8 -4.85 25.13 -2.77
C LYS A 8 -5.49 24.43 -3.95
N PHE A 9 -4.70 23.68 -4.69
CA PHE A 9 -5.26 22.96 -5.87
C PHE A 9 -6.11 21.79 -5.38
N ARG A 10 -5.78 21.21 -4.26
CA ARG A 10 -6.62 20.07 -3.79
C ARG A 10 -7.96 20.63 -3.32
N SER A 11 -7.99 21.87 -2.93
CA SER A 11 -9.25 22.46 -2.42
C SER A 11 -10.27 22.72 -3.55
N ARG A 12 -9.85 23.19 -4.70
CA ARG A 12 -10.88 23.42 -5.78
C ARG A 12 -11.31 22.07 -6.38
N GLY A 13 -10.48 21.07 -6.28
CA GLY A 13 -10.82 19.71 -6.82
C GLY A 13 -10.82 19.70 -8.35
N ARG A 14 -10.09 20.59 -8.98
CA ARG A 14 -10.05 20.63 -10.48
C ARG A 14 -9.82 19.20 -11.02
N ALA A 15 -10.48 18.82 -12.08
CA ALA A 15 -10.28 17.43 -12.62
C ALA A 15 -8.81 17.24 -13.01
N GLN A 16 -8.16 18.30 -13.46
CA GLN A 16 -6.72 18.23 -13.86
C GLN A 16 -5.85 17.62 -12.75
N VAL A 17 -6.30 17.72 -11.52
CA VAL A 17 -5.50 17.16 -10.40
C VAL A 17 -5.62 15.63 -10.38
N GLN A 18 -6.71 15.10 -10.91
CA GLN A 18 -6.89 13.61 -10.94
C GLN A 18 -6.01 13.01 -12.05
N GLU A 19 -5.38 13.82 -12.86
CA GLU A 19 -4.53 13.29 -13.95
C GLU A 19 -3.07 13.22 -13.48
N PHE A 20 -2.78 13.83 -12.35
CA PHE A 20 -1.39 13.83 -11.81
C PHE A 20 -1.41 14.30 -10.35
N CYS A 21 -0.28 14.19 -9.70
CA CYS A 21 -0.20 14.67 -8.29
C CYS A 21 0.30 16.11 -8.31
N ASP A 22 1.45 16.40 -7.77
CA ASP A 22 1.95 17.80 -7.83
C ASP A 22 2.65 18.00 -9.16
N TYR A 23 3.69 17.24 -9.41
CA TYR A 23 4.43 17.36 -10.71
C TYR A 23 3.97 16.23 -11.64
N GLY A 24 4.37 15.03 -11.37
CA GLY A 24 3.97 13.90 -12.23
C GLY A 24 5.23 13.23 -12.75
N THR A 25 6.19 13.02 -11.90
CA THR A 25 7.45 12.36 -12.35
C THR A 25 7.30 10.85 -12.16
N LYS A 26 8.01 10.11 -12.95
CA LYS A 26 7.90 8.63 -12.89
C LYS A 26 8.73 8.09 -11.72
N GLU A 27 10.03 8.11 -11.83
CA GLU A 27 10.89 7.57 -10.75
C GLU A 27 11.16 8.62 -9.66
N GLU A 28 11.07 9.89 -9.98
CA GLU A 28 11.37 10.93 -8.95
C GLU A 28 10.19 11.07 -7.98
N CYS A 29 8.99 11.17 -8.48
CA CYS A 29 7.85 11.33 -7.53
C CYS A 29 7.75 10.06 -6.68
N MET A 30 7.92 8.92 -7.28
CA MET A 30 7.84 7.65 -6.50
C MET A 30 8.63 7.83 -5.20
N LYS A 31 9.88 8.17 -5.31
CA LYS A 31 10.72 8.40 -4.08
C LYS A 31 9.98 9.34 -3.12
N ALA A 32 9.31 10.30 -3.67
CA ALA A 32 8.55 11.31 -2.86
C ALA A 32 7.22 10.71 -2.33
N SER A 33 6.72 9.66 -2.96
CA SER A 33 5.43 9.04 -2.52
C SER A 33 5.47 8.75 -1.01
N ASP A 34 6.47 8.04 -0.56
CA ASP A 34 6.57 7.73 0.89
C ASP A 34 7.78 8.44 1.54
N ALA A 35 7.97 9.73 1.30
CA ALA A 35 9.13 10.45 1.93
C ALA A 35 8.62 11.81 2.45
N ASP A 36 9.47 12.64 3.01
CA ASP A 36 8.98 13.96 3.51
C ASP A 36 9.19 14.99 2.40
N ARG A 37 9.15 14.54 1.19
CA ARG A 37 9.39 15.43 0.02
C ARG A 37 8.04 16.06 -0.37
N PRO A 38 8.07 17.24 -1.00
CA PRO A 38 6.82 17.96 -1.40
C PRO A 38 5.72 17.03 -1.88
N CYS A 39 5.44 17.06 -3.16
CA CYS A 39 4.36 16.19 -3.73
C CYS A 39 3.08 16.28 -2.90
N ARG A 40 2.03 15.63 -3.34
CA ARG A 40 0.76 15.65 -2.61
C ARG A 40 0.85 14.83 -1.35
N LYS A 41 1.88 14.04 -1.15
CA LYS A 41 1.99 13.23 0.10
C LYS A 41 0.85 12.19 0.17
N LEU A 42 -0.30 12.53 -0.34
CA LEU A 42 -1.48 11.57 -0.29
C LEU A 42 -1.26 10.26 -1.09
N HIS A 43 -0.13 10.07 -1.71
CA HIS A 43 0.11 8.80 -2.49
C HIS A 43 0.04 7.59 -1.55
N PHE A 44 0.15 6.36 -2.09
CA PHE A 44 0.07 5.09 -1.27
C PHE A 44 1.00 5.12 -0.04
N ARG A 45 0.46 4.88 1.14
CA ARG A 45 1.33 4.85 2.34
C ARG A 45 1.59 3.38 2.66
N ARG A 46 2.76 2.90 2.35
CA ARG A 46 3.09 1.48 2.60
C ARG A 46 4.06 1.37 3.79
N ILE A 47 3.97 0.32 4.58
CA ILE A 47 4.90 0.16 5.76
C ILE A 47 6.09 -0.72 5.40
N ILE A 48 7.23 -0.10 5.26
CA ILE A 48 8.49 -0.82 4.89
C ILE A 48 9.39 -1.03 6.14
N ASN A 49 10.00 -2.18 6.26
CA ASN A 49 10.89 -2.44 7.43
C ASN A 49 12.35 -2.33 7.00
N LYS A 50 13.26 -2.14 7.93
CA LYS A 50 14.70 -2.03 7.57
C LYS A 50 15.13 -3.25 6.74
N HIS A 51 16.10 -3.11 5.88
CA HIS A 51 16.52 -4.26 5.06
C HIS A 51 17.00 -5.41 5.95
N THR A 52 16.19 -6.44 6.06
CA THR A 52 16.55 -7.61 6.90
C THR A 52 17.06 -8.74 5.99
N ASP A 53 17.82 -9.67 6.50
CA ASP A 53 18.32 -10.80 5.67
C ASP A 53 17.18 -11.79 5.49
N GLU A 54 17.03 -12.29 4.31
CA GLU A 54 15.90 -13.23 4.00
C GLU A 54 16.15 -14.67 4.48
N SER A 55 17.26 -14.96 5.12
CA SER A 55 17.46 -16.34 5.60
C SER A 55 16.74 -16.48 6.95
N LEU A 56 16.44 -15.36 7.55
CA LEU A 56 15.71 -15.34 8.85
C LEU A 56 14.33 -15.91 8.58
N GLY A 57 13.95 -17.00 9.18
CA GLY A 57 12.59 -17.55 8.92
C GLY A 57 12.38 -17.65 7.42
N ASP A 58 11.25 -17.21 6.95
CA ASP A 58 10.95 -17.27 5.49
C ASP A 58 9.63 -16.55 5.21
N CYS A 59 9.40 -16.17 3.97
CA CYS A 59 8.14 -15.46 3.59
C CYS A 59 8.04 -15.27 2.07
N SER A 60 6.94 -14.74 1.60
CA SER A 60 6.79 -14.52 0.13
C SER A 60 5.60 -13.60 -0.11
N PHE A 61 5.47 -12.57 0.67
CA PHE A 61 4.31 -11.62 0.49
C PHE A 61 4.01 -11.41 -0.98
N LEU A 62 4.96 -11.58 -1.87
CA LEU A 62 4.69 -11.36 -3.32
C LEU A 62 3.44 -12.11 -3.80
N ASN A 63 2.98 -13.12 -3.10
CA ASN A 63 1.77 -13.88 -3.58
C ASN A 63 1.06 -14.47 -2.34
N THR A 64 1.70 -15.44 -1.72
CA THR A 64 1.13 -16.10 -0.53
C THR A 64 2.20 -16.13 0.57
N CYS A 65 1.82 -15.73 1.76
CA CYS A 65 2.74 -15.72 2.93
C CYS A 65 2.79 -17.13 3.51
N PHE A 66 2.02 -18.05 3.00
CA PHE A 66 2.09 -19.44 3.53
C PHE A 66 1.81 -19.36 5.02
N HIS A 67 2.76 -19.78 5.83
CA HIS A 67 2.59 -19.73 7.31
C HIS A 67 2.52 -18.25 7.77
N MET A 68 1.83 -17.99 8.83
CA MET A 68 1.77 -16.58 9.31
C MET A 68 2.87 -16.41 10.38
N ASP A 69 2.98 -17.38 11.24
CA ASP A 69 4.01 -17.34 12.33
C ASP A 69 5.43 -17.15 11.73
N THR A 70 5.57 -17.22 10.44
CA THR A 70 6.94 -17.09 9.84
C THR A 70 7.12 -15.68 9.25
N CYS A 71 6.66 -14.66 9.93
CA CYS A 71 6.79 -13.29 9.36
C CYS A 71 7.83 -12.44 10.12
N LYS A 72 9.00 -12.39 9.57
CA LYS A 72 10.10 -11.60 10.20
C LYS A 72 9.90 -10.17 9.72
N TYR A 73 10.94 -9.47 9.36
CA TYR A 73 10.78 -8.05 8.94
C TYR A 73 10.47 -7.95 7.44
N VAL A 74 10.93 -8.89 6.64
CA VAL A 74 10.69 -8.81 5.17
C VAL A 74 9.20 -8.71 4.87
N HIS A 75 8.66 -7.53 4.96
CA HIS A 75 7.21 -7.35 4.69
C HIS A 75 7.01 -5.92 4.19
N TYR A 76 6.13 -5.73 3.25
CA TYR A 76 5.89 -4.37 2.68
C TYR A 76 4.42 -4.30 2.24
N GLU A 77 3.54 -3.73 3.03
CA GLU A 77 2.10 -3.69 2.64
C GLU A 77 1.69 -2.28 2.21
N ILE A 78 0.68 -2.17 1.38
CA ILE A 78 0.21 -0.86 0.89
C ILE A 78 -1.22 -0.61 1.42
N ASP A 79 -1.56 0.64 1.69
CA ASP A 79 -2.88 1.05 2.18
C ASP A 79 -3.47 2.12 1.31
N ALA A 80 -4.50 1.91 0.57
CA ALA A 80 -5.08 2.98 -0.28
C ALA A 80 -6.60 2.81 -0.25
N SER A 81 -7.36 3.77 -0.66
CA SER A 81 -8.82 3.62 -0.65
C SER A 81 -9.22 2.38 -1.40
N MET A 82 -9.91 1.45 -0.77
CA MET A 82 -10.34 0.20 -1.46
C MET A 82 -11.65 0.46 -2.21
N ASP A 83 -11.79 -0.10 -3.38
CA ASP A 83 -13.04 0.10 -4.17
C ASP A 83 -14.23 -0.54 -3.45
N SER A 84 -15.41 -0.37 -3.97
CA SER A 84 -16.61 -0.97 -3.32
C SER A 84 -16.49 -2.50 -3.35
N GLU A 85 -15.87 -3.03 -4.37
CA GLU A 85 -15.73 -4.52 -4.47
C GLU A 85 -17.09 -5.17 -4.21
N ALA A 86 -17.85 -5.39 -5.25
CA ALA A 86 -19.20 -6.02 -5.07
C ALA A 86 -19.02 -7.44 -4.51
N PRO A 87 -19.99 -7.94 -3.77
CA PRO A 87 -19.91 -9.31 -3.19
C PRO A 87 -20.14 -10.39 -4.24
N GLY A 88 -19.66 -11.58 -4.00
CA GLY A 88 -19.84 -12.68 -4.98
C GLY A 88 -18.75 -12.60 -6.05
N SER A 89 -17.93 -11.59 -5.99
CA SER A 89 -16.84 -11.46 -7.01
C SER A 89 -15.67 -12.37 -6.63
N LYS A 90 -14.84 -11.93 -5.74
CA LYS A 90 -13.68 -12.78 -5.32
C LYS A 90 -14.20 -14.02 -4.58
N ASP A 91 -15.48 -14.09 -4.36
CA ASP A 91 -16.05 -15.28 -3.66
C ASP A 91 -15.29 -15.48 -2.34
N HIS A 92 -15.50 -14.61 -1.39
CA HIS A 92 -14.79 -14.76 -0.08
C HIS A 92 -15.12 -16.13 0.52
N THR A 93 -14.11 -16.85 0.94
CA THR A 93 -14.36 -18.19 1.54
C THR A 93 -14.80 -18.03 3.00
N PRO A 94 -15.59 -18.95 3.49
CA PRO A 94 -16.09 -18.92 4.89
C PRO A 94 -14.97 -19.19 5.91
N SER A 95 -15.10 -18.67 7.10
CA SER A 95 -14.05 -18.90 8.13
C SER A 95 -13.98 -20.39 8.47
N GLN A 96 -12.79 -20.93 8.56
CA GLN A 96 -12.66 -22.37 8.89
C GLN A 96 -13.26 -22.64 10.27
N GLU A 97 -13.32 -21.64 11.10
CA GLU A 97 -13.89 -21.83 12.47
C GLU A 97 -14.39 -20.50 13.01
N LEU A 98 -15.49 -20.50 13.72
CA LEU A 98 -16.03 -19.23 14.27
C LEU A 98 -15.09 -18.73 15.38
N ALA A 99 -14.72 -17.48 15.35
CA ALA A 99 -13.82 -16.95 16.40
C ALA A 99 -14.59 -16.81 17.71
N LEU A 100 -13.90 -16.62 18.80
CA LEU A 100 -14.60 -16.48 20.11
C LEU A 100 -15.49 -15.22 20.08
N THR A 101 -15.18 -14.28 19.22
CA THR A 101 -16.00 -13.05 19.15
C THR A 101 -17.48 -13.43 19.03
N GLN A 102 -18.34 -12.70 19.68
CA GLN A 102 -19.80 -13.03 19.59
C GLN A 102 -20.37 -12.45 18.30
N SER A 4 0.41 26.22 0.45
CA SER A 4 0.63 25.26 -0.69
C SER A 4 -0.49 25.44 -1.71
N ILE A 5 -0.13 25.62 -2.95
CA ILE A 5 -1.16 25.82 -4.01
C ILE A 5 -1.68 24.45 -4.43
N VAL A 6 -0.80 23.50 -4.48
CA VAL A 6 -1.18 22.11 -4.89
C VAL A 6 -2.46 21.70 -4.15
N GLU A 7 -2.63 22.15 -2.94
CA GLU A 7 -3.85 21.81 -2.19
C GLU A 7 -5.04 22.51 -2.87
N LYS A 8 -4.83 23.68 -3.41
CA LYS A 8 -5.94 24.39 -4.11
C LYS A 8 -6.48 23.46 -5.20
N PHE A 9 -5.63 22.67 -5.78
CA PHE A 9 -6.09 21.73 -6.84
C PHE A 9 -6.81 20.55 -6.19
N ARG A 10 -6.42 20.15 -5.01
CA ARG A 10 -7.12 19.01 -4.37
C ARG A 10 -8.52 19.48 -3.96
N SER A 11 -8.69 20.76 -3.80
CA SER A 11 -10.02 21.28 -3.36
C SER A 11 -10.95 21.56 -4.56
N ARG A 12 -10.45 21.83 -5.74
CA ARG A 12 -11.40 22.09 -6.87
C ARG A 12 -11.99 20.77 -7.36
N GLY A 13 -11.32 19.68 -7.10
CA GLY A 13 -11.84 18.33 -7.54
C GLY A 13 -11.79 18.17 -9.06
N ARG A 14 -10.97 18.95 -9.74
CA ARG A 14 -10.86 18.83 -11.23
C ARG A 14 -10.80 17.34 -11.62
N ALA A 15 -11.50 16.93 -12.66
CA ALA A 15 -11.45 15.48 -13.04
C ALA A 15 -10.02 15.10 -13.45
N GLN A 16 -9.39 15.94 -14.25
CA GLN A 16 -7.98 15.67 -14.71
C GLN A 16 -7.03 15.55 -13.52
N VAL A 17 -7.52 15.72 -12.32
CA VAL A 17 -6.64 15.63 -11.13
C VAL A 17 -6.14 14.18 -10.99
N GLN A 18 -6.90 13.22 -11.45
CA GLN A 18 -6.47 11.78 -11.33
C GLN A 18 -5.47 11.46 -12.45
N GLU A 19 -5.03 12.44 -13.21
CA GLU A 19 -4.07 12.19 -14.30
C GLU A 19 -2.64 12.33 -13.76
N PHE A 20 -2.48 12.98 -12.63
CA PHE A 20 -1.13 13.17 -12.03
C PHE A 20 -1.27 13.68 -10.59
N CYS A 21 -0.19 13.69 -9.86
CA CYS A 21 -0.24 14.21 -8.47
C CYS A 21 0.12 15.69 -8.51
N ASP A 22 1.23 16.09 -7.93
CA ASP A 22 1.60 17.52 -8.00
C ASP A 22 2.32 17.76 -9.32
N TYR A 23 3.43 17.09 -9.52
CA TYR A 23 4.20 17.26 -10.79
C TYR A 23 3.83 16.12 -11.74
N GLY A 24 4.31 14.94 -11.44
CA GLY A 24 4.00 13.78 -12.31
C GLY A 24 5.31 13.16 -12.76
N THR A 25 6.23 12.99 -11.85
CA THR A 25 7.55 12.40 -12.23
C THR A 25 7.49 10.88 -11.98
N LYS A 26 8.27 10.16 -12.72
CA LYS A 26 8.25 8.68 -12.59
C LYS A 26 9.09 8.25 -11.39
N GLU A 27 10.38 8.37 -11.47
CA GLU A 27 11.26 7.94 -10.35
C GLU A 27 11.42 9.06 -9.31
N GLU A 28 11.31 10.30 -9.71
CA GLU A 28 11.51 11.42 -8.72
C GLU A 28 10.31 11.51 -7.78
N CYS A 29 9.11 11.39 -8.29
CA CYS A 29 7.94 11.50 -7.39
C CYS A 29 7.95 10.31 -6.43
N MET A 30 8.28 9.15 -6.93
CA MET A 30 8.32 7.95 -6.04
C MET A 30 9.07 8.31 -4.76
N LYS A 31 10.30 8.75 -4.90
CA LYS A 31 11.11 9.14 -3.71
C LYS A 31 10.28 10.06 -2.80
N ALA A 32 9.52 10.93 -3.40
CA ALA A 32 8.68 11.91 -2.64
C ALA A 32 7.34 11.26 -2.21
N SER A 33 6.98 10.12 -2.79
CA SER A 33 5.69 9.43 -2.42
C SER A 33 5.58 9.30 -0.90
N ASP A 34 6.58 8.75 -0.28
CA ASP A 34 6.55 8.58 1.20
C ASP A 34 7.69 9.37 1.88
N ALA A 35 7.87 10.64 1.57
CA ALA A 35 8.97 11.44 2.22
C ALA A 35 8.39 12.82 2.60
N ASP A 36 9.17 13.69 3.20
CA ASP A 36 8.61 15.03 3.57
C ASP A 36 8.75 15.96 2.37
N ARG A 37 8.80 15.39 1.21
CA ARG A 37 8.97 16.16 -0.05
C ARG A 37 7.59 16.65 -0.51
N PRO A 38 7.53 17.77 -1.24
CA PRO A 38 6.25 18.35 -1.71
C PRO A 38 5.22 17.30 -2.09
N CYS A 39 4.93 17.17 -3.36
CA CYS A 39 3.94 16.17 -3.84
C CYS A 39 2.63 16.28 -3.05
N ARG A 40 1.68 15.42 -3.34
CA ARG A 40 0.40 15.46 -2.65
C ARG A 40 0.46 14.71 -1.34
N LYS A 41 1.55 14.04 -1.03
CA LYS A 41 1.63 13.31 0.28
C LYS A 41 0.55 12.21 0.36
N LEU A 42 -0.50 12.35 -0.43
CA LEU A 42 -1.62 11.32 -0.39
C LEU A 42 -1.32 10.04 -1.18
N HIS A 43 -0.14 9.86 -1.71
CA HIS A 43 0.18 8.60 -2.48
C HIS A 43 0.12 7.38 -1.55
N PHE A 44 0.26 6.16 -2.07
CA PHE A 44 0.18 4.88 -1.27
C PHE A 44 1.14 4.90 -0.06
N ARG A 45 0.65 4.60 1.12
CA ARG A 45 1.53 4.55 2.29
C ARG A 45 1.87 3.08 2.54
N ARG A 46 3.03 2.65 2.15
CA ARG A 46 3.41 1.23 2.31
C ARG A 46 4.47 1.11 3.43
N ILE A 47 4.46 0.04 4.20
CA ILE A 47 5.47 -0.13 5.31
C ILE A 47 6.63 -1.03 4.86
N ILE A 48 7.83 -0.50 4.99
CA ILE A 48 9.05 -1.25 4.59
C ILE A 48 10.02 -1.40 5.78
N ASN A 49 10.90 -2.37 5.73
CA ASN A 49 11.87 -2.57 6.85
C ASN A 49 13.29 -2.63 6.29
N LYS A 50 14.29 -2.39 7.10
CA LYS A 50 15.70 -2.43 6.61
C LYS A 50 15.95 -3.76 5.90
N HIS A 51 16.87 -3.79 4.96
CA HIS A 51 17.13 -5.06 4.24
C HIS A 51 17.57 -6.16 5.21
N THR A 52 16.64 -7.01 5.59
CA THR A 52 16.96 -8.11 6.54
C THR A 52 17.42 -9.34 5.72
N ASP A 53 18.08 -10.30 6.33
CA ASP A 53 18.53 -11.51 5.60
C ASP A 53 17.32 -12.43 5.47
N GLU A 54 17.13 -12.99 4.31
CA GLU A 54 15.94 -13.87 4.06
C GLU A 54 16.10 -15.28 4.64
N SER A 55 17.14 -15.58 5.37
CA SER A 55 17.24 -16.95 5.95
C SER A 55 16.44 -16.96 7.25
N LEU A 56 16.18 -15.79 7.79
CA LEU A 56 15.40 -15.66 9.03
C LEU A 56 13.98 -16.09 8.69
N GLY A 57 13.48 -17.15 9.25
CA GLY A 57 12.08 -17.57 8.94
C GLY A 57 11.93 -17.62 7.42
N ASP A 58 10.88 -17.04 6.92
CA ASP A 58 10.64 -17.05 5.44
C ASP A 58 9.24 -16.48 5.16
N CYS A 59 9.05 -15.93 3.99
CA CYS A 59 7.71 -15.35 3.59
C CYS A 59 7.60 -15.16 2.09
N SER A 60 6.53 -14.55 1.63
CA SER A 60 6.38 -14.32 0.17
C SER A 60 5.13 -13.48 -0.07
N PHE A 61 4.99 -12.40 0.64
CA PHE A 61 3.79 -11.52 0.47
C PHE A 61 3.43 -11.39 -1.01
N LEU A 62 4.33 -11.65 -1.92
CA LEU A 62 3.99 -11.52 -3.36
C LEU A 62 2.73 -12.31 -3.76
N ASN A 63 2.26 -13.20 -2.92
CA ASN A 63 1.05 -14.01 -3.29
C ASN A 63 0.42 -14.56 -2.00
N THR A 64 1.14 -15.45 -1.35
CA THR A 64 0.64 -16.07 -0.09
C THR A 64 1.80 -16.07 0.93
N CYS A 65 1.49 -15.68 2.13
CA CYS A 65 2.50 -15.64 3.24
C CYS A 65 2.64 -17.04 3.81
N PHE A 66 1.84 -17.98 3.39
CA PHE A 66 1.98 -19.36 3.92
C PHE A 66 1.86 -19.28 5.43
N HIS A 67 2.86 -19.73 6.15
CA HIS A 67 2.84 -19.67 7.63
C HIS A 67 2.79 -18.19 8.09
N MET A 68 2.05 -17.91 9.10
CA MET A 68 1.99 -16.49 9.58
C MET A 68 3.09 -16.31 10.66
N ASP A 69 3.26 -17.32 11.45
CA ASP A 69 4.29 -17.28 12.55
C ASP A 69 5.60 -16.65 12.03
N THR A 70 5.78 -16.55 10.73
CA THR A 70 7.06 -15.97 10.22
C THR A 70 6.93 -14.44 10.07
N CYS A 71 6.65 -13.95 8.90
CA CYS A 71 6.53 -12.48 8.71
C CYS A 71 7.64 -11.72 9.48
N LYS A 72 8.85 -12.05 9.15
CA LYS A 72 10.02 -11.39 9.80
C LYS A 72 10.02 -9.95 9.28
N TYR A 73 11.14 -9.39 8.96
CA TYR A 73 11.15 -7.98 8.49
C TYR A 73 10.95 -7.88 6.99
N VAL A 74 11.03 -8.99 6.27
CA VAL A 74 10.88 -8.93 4.78
C VAL A 74 9.41 -8.85 4.40
N HIS A 75 8.85 -7.68 4.45
CA HIS A 75 7.42 -7.49 4.09
C HIS A 75 7.28 -6.16 3.37
N TYR A 76 6.33 -6.05 2.49
CA TYR A 76 6.12 -4.78 1.74
C TYR A 76 4.62 -4.65 1.46
N GLU A 77 3.86 -4.05 2.34
CA GLU A 77 2.38 -3.94 2.11
C GLU A 77 1.99 -2.51 1.75
N ILE A 78 0.93 -2.36 0.99
CA ILE A 78 0.46 -1.01 0.56
C ILE A 78 -0.95 -0.76 1.14
N ASP A 79 -1.19 0.42 1.66
CA ASP A 79 -2.48 0.82 2.22
C ASP A 79 -3.17 1.81 1.33
N ALA A 80 -4.13 1.46 0.54
CA ALA A 80 -4.81 2.46 -0.33
C ALA A 80 -6.29 2.06 -0.40
N SER A 81 -7.15 2.89 -0.90
CA SER A 81 -8.56 2.54 -0.99
C SER A 81 -8.75 1.22 -1.70
N MET A 82 -9.24 0.19 -1.05
CA MET A 82 -9.44 -1.13 -1.72
C MET A 82 -10.76 -1.12 -2.50
N ASP A 83 -10.80 -1.81 -3.60
CA ASP A 83 -12.06 -1.83 -4.42
C ASP A 83 -12.08 -3.09 -5.30
N SER A 84 -10.93 -3.62 -5.62
CA SER A 84 -10.87 -4.83 -6.47
C SER A 84 -11.58 -5.99 -5.77
N GLU A 85 -11.37 -6.12 -4.48
CA GLU A 85 -12.04 -7.23 -3.74
C GLU A 85 -13.53 -7.22 -4.02
N ALA A 86 -14.15 -8.37 -4.10
CA ALA A 86 -15.61 -8.44 -4.39
C ALA A 86 -16.39 -8.07 -3.12
N PRO A 87 -17.58 -7.53 -3.27
CA PRO A 87 -18.43 -7.15 -2.10
C PRO A 87 -18.35 -8.18 -0.97
N GLY A 88 -18.07 -7.73 0.22
CA GLY A 88 -17.98 -8.68 1.37
C GLY A 88 -16.66 -9.41 1.32
N SER A 89 -16.01 -9.41 0.18
CA SER A 89 -14.69 -10.12 0.08
C SER A 89 -14.85 -11.56 0.56
N LYS A 90 -15.09 -12.48 -0.34
CA LYS A 90 -15.25 -13.91 0.07
C LYS A 90 -13.88 -14.58 0.10
N ASP A 91 -12.84 -13.85 -0.21
CA ASP A 91 -11.48 -14.46 -0.20
C ASP A 91 -10.99 -14.56 1.25
N HIS A 92 -11.89 -14.77 2.18
CA HIS A 92 -11.48 -14.89 3.60
C HIS A 92 -11.12 -16.35 3.91
N THR A 93 -9.89 -16.60 4.27
CA THR A 93 -9.47 -17.99 4.58
C THR A 93 -10.25 -18.50 5.80
N PRO A 94 -10.49 -19.78 5.86
CA PRO A 94 -11.24 -20.40 7.00
C PRO A 94 -10.44 -20.36 8.31
N SER A 95 -10.93 -19.65 9.29
CA SER A 95 -10.20 -19.56 10.59
C SER A 95 -11.10 -18.90 11.63
N GLN A 96 -12.32 -19.37 11.76
CA GLN A 96 -13.24 -18.77 12.76
C GLN A 96 -12.75 -19.09 14.17
N GLU A 97 -12.22 -20.26 14.37
CA GLU A 97 -11.71 -20.63 15.73
C GLU A 97 -10.62 -19.64 16.16
N LEU A 98 -10.54 -19.34 17.42
CA LEU A 98 -9.50 -18.39 17.89
C LEU A 98 -8.15 -19.13 17.97
N ALA A 99 -7.15 -18.62 17.29
CA ALA A 99 -5.82 -19.28 17.33
C ALA A 99 -5.97 -20.74 16.91
N LEU A 100 -4.89 -21.43 16.71
CA LEU A 100 -4.96 -22.86 16.29
C LEU A 100 -5.54 -23.68 17.44
N THR A 101 -5.16 -23.39 18.66
CA THR A 101 -5.69 -24.16 19.81
C THR A 101 -7.05 -23.58 20.23
N GLN A 102 -7.60 -24.05 21.31
CA GLN A 102 -8.92 -23.54 21.76
C GLN A 102 -8.74 -22.13 22.33
N SER A 4 1.32 26.66 -0.49
CA SER A 4 1.25 25.53 -1.48
C SER A 4 0.01 25.70 -2.36
N ILE A 5 0.21 25.89 -3.62
CA ILE A 5 -0.95 26.07 -4.56
C ILE A 5 -1.51 24.69 -4.90
N VAL A 6 -0.62 23.74 -5.01
CA VAL A 6 -1.03 22.35 -5.37
C VAL A 6 -2.24 21.96 -4.52
N GLU A 7 -2.35 22.47 -3.33
CA GLU A 7 -3.52 22.15 -2.49
C GLU A 7 -4.74 22.87 -3.08
N LYS A 8 -4.56 24.06 -3.59
CA LYS A 8 -5.70 24.79 -4.20
C LYS A 8 -6.29 23.91 -5.30
N PHE A 9 -5.46 23.11 -5.93
CA PHE A 9 -5.97 22.22 -7.01
C PHE A 9 -6.79 21.10 -6.38
N ARG A 10 -6.39 20.58 -5.26
CA ARG A 10 -7.21 19.49 -4.66
C ARG A 10 -8.53 20.09 -4.17
N SER A 11 -8.56 21.36 -3.93
CA SER A 11 -9.80 22.01 -3.43
C SER A 11 -10.82 22.24 -4.54
N ARG A 12 -10.42 22.45 -5.78
CA ARG A 12 -11.46 22.68 -6.83
C ARG A 12 -12.10 21.34 -7.22
N GLY A 13 -11.42 20.25 -6.98
CA GLY A 13 -11.99 18.89 -7.29
C GLY A 13 -12.07 18.65 -8.81
N ARG A 14 -11.33 19.39 -9.59
CA ARG A 14 -11.35 19.20 -11.08
C ARG A 14 -11.11 17.71 -11.40
N ALA A 15 -11.85 17.14 -12.33
CA ALA A 15 -11.62 15.69 -12.65
C ALA A 15 -10.27 15.53 -13.35
N GLN A 16 -9.83 16.54 -14.06
CA GLN A 16 -8.51 16.49 -14.79
C GLN A 16 -7.34 16.41 -13.80
N VAL A 17 -7.54 16.83 -12.57
CA VAL A 17 -6.44 16.79 -11.58
C VAL A 17 -6.29 15.35 -11.04
N GLN A 18 -7.21 14.48 -11.38
CA GLN A 18 -7.13 13.06 -10.88
C GLN A 18 -6.29 12.22 -11.86
N GLU A 19 -5.63 12.85 -12.80
CA GLU A 19 -4.79 12.09 -13.77
C GLU A 19 -3.33 12.11 -13.33
N PHE A 20 -3.02 12.92 -12.33
CA PHE A 20 -1.61 13.01 -11.83
C PHE A 20 -1.62 13.61 -10.43
N CYS A 21 -0.49 13.58 -9.79
CA CYS A 21 -0.38 14.18 -8.42
C CYS A 21 0.04 15.64 -8.59
N ASP A 22 1.19 16.03 -8.09
CA ASP A 22 1.62 17.43 -8.29
C ASP A 22 2.30 17.54 -9.64
N TYR A 23 3.37 16.81 -9.85
CA TYR A 23 4.08 16.84 -11.16
C TYR A 23 3.65 15.61 -11.97
N GLY A 24 4.14 14.47 -11.61
CA GLY A 24 3.78 13.23 -12.36
C GLY A 24 5.05 12.58 -12.85
N THR A 25 6.02 12.42 -11.97
CA THR A 25 7.29 11.79 -12.39
C THR A 25 7.25 10.30 -12.03
N LYS A 26 7.98 9.52 -12.75
CA LYS A 26 7.97 8.05 -12.53
C LYS A 26 8.85 7.69 -11.32
N GLU A 27 10.14 7.79 -11.46
CA GLU A 27 11.04 7.42 -10.34
C GLU A 27 11.25 8.61 -9.38
N GLU A 28 11.13 9.82 -9.85
CA GLU A 28 11.37 10.99 -8.95
C GLU A 28 10.21 11.16 -7.98
N CYS A 29 8.99 11.13 -8.47
CA CYS A 29 7.85 11.32 -7.52
C CYS A 29 7.81 10.12 -6.57
N MET A 30 8.06 8.95 -7.07
CA MET A 30 8.05 7.75 -6.18
C MET A 30 8.84 8.08 -4.91
N LYS A 31 10.04 8.58 -5.06
CA LYS A 31 10.87 8.94 -3.87
C LYS A 31 10.12 9.98 -3.03
N ALA A 32 9.25 10.72 -3.66
CA ALA A 32 8.47 11.79 -2.96
C ALA A 32 7.17 11.20 -2.35
N SER A 33 6.67 10.11 -2.88
CA SER A 33 5.41 9.48 -2.35
C SER A 33 5.50 9.32 -0.82
N ASP A 34 6.53 8.68 -0.36
CA ASP A 34 6.69 8.47 1.12
C ASP A 34 7.89 9.26 1.66
N ALA A 35 8.00 10.55 1.42
CA ALA A 35 9.14 11.35 1.94
C ALA A 35 8.62 12.74 2.37
N ASP A 36 9.45 13.61 2.88
CA ASP A 36 8.94 14.96 3.29
C ASP A 36 9.09 15.90 2.10
N ARG A 37 9.10 15.33 0.93
CA ARG A 37 9.28 16.13 -0.32
C ARG A 37 7.90 16.64 -0.77
N PRO A 38 7.85 17.75 -1.50
CA PRO A 38 6.57 18.36 -1.97
C PRO A 38 5.52 17.32 -2.33
N CYS A 39 5.16 17.27 -3.58
CA CYS A 39 4.12 16.29 -4.05
C CYS A 39 2.90 16.31 -3.14
N ARG A 40 1.90 15.52 -3.46
CA ARG A 40 0.68 15.49 -2.65
C ARG A 40 0.94 14.84 -1.31
N LYS A 41 2.04 14.14 -1.14
CA LYS A 41 2.32 13.51 0.19
C LYS A 41 1.29 12.40 0.49
N LEU A 42 0.07 12.57 0.00
CA LEU A 42 -1.01 11.54 0.27
C LEU A 42 -0.83 10.22 -0.52
N HIS A 43 0.11 10.13 -1.43
CA HIS A 43 0.30 8.85 -2.20
C HIS A 43 0.24 7.64 -1.25
N PHE A 44 -0.10 6.44 -1.76
CA PHE A 44 -0.22 5.20 -0.92
C PHE A 44 0.81 5.15 0.22
N ARG A 45 0.39 4.87 1.43
CA ARG A 45 1.35 4.78 2.55
C ARG A 45 1.61 3.30 2.78
N ARG A 46 2.78 2.83 2.43
CA ARG A 46 3.09 1.39 2.58
C ARG A 46 4.14 1.21 3.70
N ILE A 47 4.06 0.14 4.47
CA ILE A 47 5.05 -0.09 5.57
C ILE A 47 6.29 -0.85 5.07
N ILE A 48 7.44 -0.32 5.40
CA ILE A 48 8.74 -0.94 4.96
C ILE A 48 9.65 -1.21 6.17
N ASN A 49 10.59 -2.11 6.03
CA ASN A 49 11.51 -2.43 7.17
C ASN A 49 12.95 -2.50 6.65
N LYS A 50 13.92 -2.45 7.54
CA LYS A 50 15.36 -2.50 7.09
C LYS A 50 15.60 -3.81 6.33
N HIS A 51 16.55 -3.82 5.43
CA HIS A 51 16.80 -5.07 4.65
C HIS A 51 17.30 -6.19 5.58
N THR A 52 16.41 -7.06 5.96
CA THR A 52 16.79 -8.19 6.85
C THR A 52 17.27 -9.37 5.98
N ASP A 53 17.96 -10.33 6.54
CA ASP A 53 18.43 -11.51 5.76
C ASP A 53 17.29 -12.51 5.72
N GLU A 54 16.99 -13.02 4.57
CA GLU A 54 15.85 -13.98 4.40
C GLU A 54 16.16 -15.38 4.94
N SER A 55 17.32 -15.64 5.49
CA SER A 55 17.57 -17.00 6.05
C SER A 55 16.70 -17.15 7.30
N LEU A 56 16.35 -16.05 7.91
CA LEU A 56 15.50 -16.06 9.12
C LEU A 56 14.10 -16.45 8.66
N GLY A 57 13.61 -17.59 9.03
CA GLY A 57 12.24 -17.98 8.59
C GLY A 57 12.14 -17.78 7.08
N ASP A 58 11.02 -17.29 6.63
CA ASP A 58 10.83 -17.08 5.16
C ASP A 58 9.47 -16.40 4.92
N CYS A 59 9.26 -15.85 3.74
CA CYS A 59 7.96 -15.19 3.41
C CYS A 59 7.87 -14.87 1.91
N SER A 60 6.69 -14.62 1.42
CA SER A 60 6.54 -14.30 -0.03
C SER A 60 5.35 -13.34 -0.20
N PHE A 61 5.33 -12.28 0.57
CA PHE A 61 4.20 -11.30 0.46
C PHE A 61 3.82 -11.07 -1.00
N LEU A 62 4.69 -11.38 -1.95
CA LEU A 62 4.34 -11.14 -3.38
C LEU A 62 3.04 -11.83 -3.80
N ASN A 63 2.57 -12.82 -3.07
CA ASN A 63 1.32 -13.53 -3.47
C ASN A 63 0.75 -14.26 -2.25
N THR A 64 1.42 -15.33 -1.86
CA THR A 64 0.96 -16.13 -0.69
C THR A 64 2.07 -16.09 0.37
N CYS A 65 1.68 -15.88 1.59
CA CYS A 65 2.63 -15.82 2.75
C CYS A 65 2.84 -17.24 3.25
N PHE A 66 2.09 -18.20 2.79
CA PHE A 66 2.31 -19.60 3.24
C PHE A 66 2.18 -19.60 4.76
N HIS A 67 3.24 -19.98 5.45
CA HIS A 67 3.21 -19.99 6.94
C HIS A 67 3.09 -18.54 7.46
N MET A 68 2.28 -18.33 8.44
CA MET A 68 2.15 -16.94 8.98
C MET A 68 3.15 -16.80 10.14
N ASP A 69 3.30 -17.85 10.90
CA ASP A 69 4.24 -17.84 12.06
C ASP A 69 5.58 -17.16 11.68
N THR A 70 5.85 -16.98 10.41
CA THR A 70 7.14 -16.36 10.02
C THR A 70 7.00 -14.83 9.98
N CYS A 71 6.77 -14.25 8.85
CA CYS A 71 6.64 -12.76 8.77
C CYS A 71 7.72 -12.06 9.61
N LYS A 72 8.95 -12.37 9.31
CA LYS A 72 10.08 -11.76 10.04
C LYS A 72 10.05 -10.27 9.70
N TYR A 73 11.14 -9.66 9.38
CA TYR A 73 11.11 -8.20 9.09
C TYR A 73 10.81 -7.92 7.61
N VAL A 74 10.97 -8.90 6.75
CA VAL A 74 10.72 -8.67 5.29
C VAL A 74 9.23 -8.60 5.00
N HIS A 75 8.78 -7.51 4.47
CA HIS A 75 7.33 -7.36 4.16
C HIS A 75 7.11 -5.93 3.66
N TYR A 76 6.20 -5.77 2.73
CA TYR A 76 5.92 -4.42 2.18
C TYR A 76 4.43 -4.35 1.83
N GLU A 77 3.60 -3.78 2.69
CA GLU A 77 2.13 -3.74 2.39
C GLU A 77 1.70 -2.32 2.05
N ILE A 78 0.64 -2.20 1.27
CA ILE A 78 0.14 -0.87 0.85
C ILE A 78 -1.32 -0.70 1.36
N ASP A 79 -1.68 0.50 1.78
CA ASP A 79 -3.01 0.82 2.27
C ASP A 79 -3.56 2.04 1.56
N ALA A 80 -4.59 1.96 0.79
CA ALA A 80 -5.13 3.18 0.12
C ALA A 80 -6.66 3.04 0.11
N SER A 81 -7.40 4.11 0.20
CA SER A 81 -8.85 4.01 0.18
C SER A 81 -9.34 3.46 -1.15
N MET A 82 -10.23 2.51 -1.15
CA MET A 82 -10.76 1.93 -2.42
C MET A 82 -11.88 2.83 -2.97
N ASP A 83 -11.95 2.98 -4.27
CA ASP A 83 -13.00 3.85 -4.86
C ASP A 83 -13.36 3.36 -6.27
N SER A 84 -12.52 2.53 -6.84
CA SER A 84 -12.79 2.01 -8.21
C SER A 84 -13.98 1.04 -8.16
N GLU A 85 -14.25 0.48 -7.02
CA GLU A 85 -15.40 -0.47 -6.90
C GLU A 85 -15.87 -0.55 -5.46
N ALA A 86 -17.12 -0.87 -5.24
CA ALA A 86 -17.64 -0.96 -3.85
C ALA A 86 -16.97 -2.15 -3.12
N PRO A 87 -16.34 -1.91 -2.00
CA PRO A 87 -15.67 -2.98 -1.21
C PRO A 87 -16.50 -4.28 -1.18
N GLY A 88 -15.87 -5.39 -1.42
CA GLY A 88 -16.62 -6.68 -1.41
C GLY A 88 -17.52 -6.78 -2.64
N SER A 89 -17.30 -5.91 -3.60
CA SER A 89 -18.14 -5.95 -4.84
C SER A 89 -18.06 -7.34 -5.47
N LYS A 90 -17.12 -7.55 -6.34
CA LYS A 90 -16.99 -8.90 -6.98
C LYS A 90 -16.50 -9.92 -5.95
N ASP A 91 -15.68 -9.48 -5.03
CA ASP A 91 -15.17 -10.42 -3.99
C ASP A 91 -16.28 -10.72 -2.98
N HIS A 92 -16.70 -11.95 -2.89
CA HIS A 92 -17.79 -12.30 -1.93
C HIS A 92 -17.25 -12.19 -0.51
N THR A 93 -18.07 -11.76 0.42
CA THR A 93 -17.61 -11.64 1.83
C THR A 93 -17.42 -13.03 2.43
N PRO A 94 -16.50 -13.16 3.35
CA PRO A 94 -16.22 -14.46 4.02
C PRO A 94 -17.37 -14.92 4.92
N SER A 95 -17.97 -16.03 4.63
CA SER A 95 -19.09 -16.53 5.47
C SER A 95 -18.54 -17.15 6.75
N GLN A 96 -18.98 -18.32 7.10
CA GLN A 96 -18.48 -18.97 8.34
C GLN A 96 -17.09 -19.55 8.08
N GLU A 97 -16.65 -19.54 6.85
CA GLU A 97 -15.30 -20.09 6.54
C GLU A 97 -15.15 -21.48 7.17
N LEU A 98 -15.61 -22.49 6.51
CA LEU A 98 -15.48 -23.87 7.08
C LEU A 98 -14.03 -24.32 6.99
N ALA A 99 -13.69 -25.40 7.65
CA ALA A 99 -12.28 -25.88 7.60
C ALA A 99 -12.23 -27.34 8.07
N LEU A 100 -11.07 -27.88 8.25
CA LEU A 100 -10.95 -29.29 8.72
C LEU A 100 -11.44 -29.40 10.16
N THR A 101 -12.19 -30.42 10.48
CA THR A 101 -12.69 -30.59 11.87
C THR A 101 -13.18 -32.01 12.08
N GLN A 102 -12.83 -32.90 11.19
CA GLN A 102 -13.28 -34.32 11.33
C GLN A 102 -12.85 -34.85 12.72
N SER A 4 2.03 25.66 2.02
CA SER A 4 1.70 24.59 1.03
C SER A 4 0.59 25.11 0.10
N ILE A 5 0.96 25.47 -1.10
CA ILE A 5 -0.06 25.99 -2.07
C ILE A 5 -0.76 24.80 -2.72
N VAL A 6 0.00 23.76 -2.96
CA VAL A 6 -0.55 22.54 -3.59
C VAL A 6 -1.86 22.16 -2.90
N GLU A 7 -2.01 22.51 -1.65
CA GLU A 7 -3.26 22.20 -0.94
C GLU A 7 -4.37 23.11 -1.50
N LYS A 8 -4.06 24.35 -1.76
CA LYS A 8 -5.08 25.27 -2.33
C LYS A 8 -5.68 24.61 -3.58
N PHE A 9 -4.88 23.83 -4.26
CA PHE A 9 -5.38 23.15 -5.49
C PHE A 9 -6.34 22.03 -5.08
N ARG A 10 -6.06 21.33 -4.02
CA ARG A 10 -7.00 20.25 -3.62
C ARG A 10 -8.27 20.89 -3.07
N SER A 11 -8.15 22.04 -2.49
CA SER A 11 -9.34 22.71 -1.89
C SER A 11 -10.33 23.19 -2.97
N ARG A 12 -9.90 23.56 -4.15
CA ARG A 12 -10.91 24.01 -5.17
C ARG A 12 -11.60 22.79 -5.78
N GLY A 13 -10.96 21.65 -5.74
CA GLY A 13 -11.57 20.39 -6.30
C GLY A 13 -11.56 20.40 -7.83
N ARG A 14 -10.65 21.10 -8.44
CA ARG A 14 -10.58 21.14 -9.95
C ARG A 14 -10.68 19.69 -10.49
N ALA A 15 -11.27 19.50 -11.66
CA ALA A 15 -11.38 18.11 -12.19
C ALA A 15 -10.10 17.73 -12.94
N GLN A 16 -9.35 18.72 -13.40
CA GLN A 16 -8.07 18.47 -14.14
C GLN A 16 -6.92 18.14 -13.18
N VAL A 17 -7.17 18.23 -11.89
CA VAL A 17 -6.09 17.94 -10.91
C VAL A 17 -5.92 16.42 -10.77
N GLN A 18 -6.89 15.65 -11.23
CA GLN A 18 -6.79 14.16 -11.12
C GLN A 18 -5.88 13.62 -12.24
N GLU A 19 -5.22 14.49 -12.97
CA GLU A 19 -4.33 14.03 -14.07
C GLU A 19 -2.89 13.95 -13.56
N PHE A 20 -2.66 14.37 -12.33
CA PHE A 20 -1.28 14.34 -11.74
C PHE A 20 -1.35 14.69 -10.25
N CYS A 21 -0.25 14.56 -9.58
CA CYS A 21 -0.21 14.92 -8.14
C CYS A 21 0.25 16.37 -8.02
N ASP A 22 1.39 16.63 -7.43
CA ASP A 22 1.86 18.03 -7.36
C ASP A 22 2.59 18.36 -8.65
N TYR A 23 3.65 17.64 -8.94
CA TYR A 23 4.42 17.88 -10.19
C TYR A 23 3.99 16.83 -11.22
N GLY A 24 4.44 15.62 -11.05
CA GLY A 24 4.07 14.55 -12.02
C GLY A 24 5.34 13.92 -12.54
N THR A 25 6.28 13.67 -11.65
CA THR A 25 7.56 13.06 -12.09
C THR A 25 7.44 11.53 -11.97
N LYS A 26 8.16 10.84 -12.79
CA LYS A 26 8.08 9.36 -12.80
C LYS A 26 8.89 8.78 -11.64
N GLU A 27 10.19 8.84 -11.72
CA GLU A 27 11.03 8.26 -10.64
C GLU A 27 11.23 9.27 -9.49
N GLU A 28 11.24 10.54 -9.76
CA GLU A 28 11.47 11.54 -8.67
C GLU A 28 10.27 11.58 -7.72
N CYS A 29 9.07 11.67 -8.24
CA CYS A 29 7.90 11.74 -7.32
C CYS A 29 7.80 10.41 -6.58
N MET A 30 8.03 9.32 -7.26
CA MET A 30 7.96 7.99 -6.58
C MET A 30 8.73 8.07 -5.25
N LYS A 31 9.98 8.44 -5.32
CA LYS A 31 10.80 8.57 -4.07
C LYS A 31 10.04 9.40 -3.04
N ALA A 32 9.34 10.39 -3.50
CA ALA A 32 8.56 11.30 -2.60
C ALA A 32 7.22 10.65 -2.18
N SER A 33 6.75 9.66 -2.93
CA SER A 33 5.44 8.99 -2.59
C SER A 33 5.42 8.57 -1.11
N ASP A 34 6.41 7.83 -0.69
CA ASP A 34 6.46 7.38 0.73
C ASP A 34 7.63 8.06 1.48
N ALA A 35 7.79 9.37 1.38
CA ALA A 35 8.90 10.05 2.12
C ALA A 35 8.36 11.37 2.71
N ASP A 36 9.16 12.14 3.41
CA ASP A 36 8.62 13.42 3.97
C ASP A 36 8.88 14.53 2.95
N ARG A 37 8.90 14.16 1.70
CA ARG A 37 9.18 15.13 0.61
C ARG A 37 7.86 15.81 0.21
N PRO A 38 7.91 17.02 -0.33
CA PRO A 38 6.69 17.78 -0.72
C PRO A 38 5.60 16.89 -1.32
N CYS A 39 5.30 17.08 -2.57
CA CYS A 39 4.24 16.27 -3.24
C CYS A 39 2.96 16.24 -2.41
N ARG A 40 1.94 15.59 -2.90
CA ARG A 40 0.66 15.52 -2.19
C ARG A 40 0.79 14.65 -0.95
N LYS A 41 1.85 13.89 -0.80
CA LYS A 41 2.00 13.04 0.43
C LYS A 41 0.92 11.93 0.45
N LEU A 42 -0.27 12.24 -0.02
CA LEU A 42 -1.40 11.23 -0.02
C LEU A 42 -1.10 9.97 -0.88
N HIS A 43 -0.12 10.00 -1.74
CA HIS A 43 0.17 8.77 -2.59
C HIS A 43 0.12 7.51 -1.72
N PHE A 44 -0.12 6.34 -2.31
CA PHE A 44 -0.21 5.02 -1.57
C PHE A 44 0.72 4.98 -0.35
N ARG A 45 0.20 4.63 0.80
CA ARG A 45 1.08 4.52 2.00
C ARG A 45 1.42 3.04 2.17
N ARG A 46 2.62 2.66 1.85
CA ARG A 46 3.02 1.23 1.96
C ARG A 46 4.08 1.08 3.06
N ILE A 47 4.10 -0.06 3.74
CA ILE A 47 5.12 -0.28 4.83
C ILE A 47 6.35 -1.05 4.31
N ILE A 48 7.45 -0.36 4.23
CA ILE A 48 8.73 -0.98 3.72
C ILE A 48 9.74 -1.17 4.86
N ASN A 49 10.68 -2.08 4.71
CA ASN A 49 11.69 -2.30 5.78
C ASN A 49 13.07 -2.45 5.14
N LYS A 50 14.13 -2.33 5.91
CA LYS A 50 15.51 -2.46 5.35
C LYS A 50 15.69 -3.87 4.77
N HIS A 51 16.56 -4.03 3.81
CA HIS A 51 16.75 -5.38 3.21
C HIS A 51 17.24 -6.37 4.28
N THR A 52 16.33 -7.16 4.79
CA THR A 52 16.70 -8.17 5.83
C THR A 52 17.11 -9.47 5.13
N ASP A 53 17.81 -10.35 5.80
CA ASP A 53 18.23 -11.63 5.18
C ASP A 53 17.06 -12.60 5.29
N GLU A 54 16.80 -13.34 4.26
CA GLU A 54 15.65 -14.29 4.24
C GLU A 54 15.91 -15.60 4.98
N SER A 55 17.02 -15.77 5.65
CA SER A 55 17.24 -17.03 6.39
C SER A 55 16.45 -16.93 7.71
N LEU A 56 16.09 -15.73 8.08
CA LEU A 56 15.30 -15.50 9.31
C LEU A 56 13.89 -16.01 9.03
N GLY A 57 13.50 -17.12 9.55
CA GLY A 57 12.11 -17.61 9.28
C GLY A 57 11.88 -17.59 7.78
N ASP A 58 10.75 -17.09 7.38
CA ASP A 58 10.42 -17.02 5.92
C ASP A 58 9.12 -16.23 5.72
N CYS A 59 8.69 -16.07 4.49
CA CYS A 59 7.41 -15.33 4.19
C CYS A 59 7.21 -15.17 2.68
N SER A 60 7.96 -14.32 2.05
CA SER A 60 7.79 -14.12 0.58
C SER A 60 6.39 -13.58 0.31
N PHE A 61 5.98 -12.59 1.05
CA PHE A 61 4.62 -12.01 0.86
C PHE A 61 4.28 -11.89 -0.63
N LEU A 62 5.26 -11.90 -1.52
CA LEU A 62 4.96 -11.77 -2.96
C LEU A 62 3.72 -12.57 -3.38
N ASN A 63 3.31 -13.56 -2.63
CA ASN A 63 2.11 -14.37 -3.03
C ASN A 63 1.40 -14.86 -1.77
N THR A 64 2.04 -15.77 -1.06
CA THR A 64 1.44 -16.33 0.19
C THR A 64 2.44 -16.10 1.33
N CYS A 65 1.93 -15.69 2.45
CA CYS A 65 2.77 -15.43 3.68
C CYS A 65 2.97 -16.77 4.39
N PHE A 66 2.35 -17.82 3.95
CA PHE A 66 2.57 -19.13 4.63
C PHE A 66 2.18 -18.96 6.08
N HIS A 67 3.10 -19.22 6.98
CA HIS A 67 2.82 -19.05 8.44
C HIS A 67 2.73 -17.54 8.76
N MET A 68 1.92 -17.19 9.70
CA MET A 68 1.82 -15.73 10.05
C MET A 68 2.85 -15.45 11.15
N ASP A 69 2.97 -16.36 12.07
CA ASP A 69 3.94 -16.20 13.20
C ASP A 69 5.29 -15.64 12.69
N THR A 70 5.55 -15.72 11.41
CA THR A 70 6.86 -15.21 10.89
C THR A 70 6.76 -13.72 10.56
N CYS A 71 6.49 -13.37 9.34
CA CYS A 71 6.39 -11.92 8.97
C CYS A 71 7.52 -11.09 9.62
N LYS A 72 8.73 -11.49 9.33
CA LYS A 72 9.91 -10.77 9.86
C LYS A 72 9.90 -9.40 9.20
N TYR A 73 11.00 -8.93 8.70
CA TYR A 73 11.01 -7.58 8.09
C TYR A 73 10.64 -7.63 6.59
N VAL A 74 10.95 -8.72 5.93
CA VAL A 74 10.65 -8.82 4.45
C VAL A 74 9.16 -8.68 4.21
N HIS A 75 8.67 -7.48 4.23
CA HIS A 75 7.22 -7.24 3.99
C HIS A 75 7.07 -5.92 3.25
N TYR A 76 6.15 -5.85 2.34
CA TYR A 76 5.93 -4.59 1.55
C TYR A 76 4.46 -4.53 1.17
N GLU A 77 3.60 -3.99 2.01
CA GLU A 77 2.14 -3.94 1.67
C GLU A 77 1.72 -2.52 1.34
N ILE A 78 0.63 -2.38 0.60
CA ILE A 78 0.13 -1.04 0.20
C ILE A 78 -1.30 -0.84 0.75
N ASP A 79 -1.65 0.36 1.11
CA ASP A 79 -2.98 0.71 1.63
C ASP A 79 -3.60 1.82 0.83
N ALA A 80 -4.49 1.58 -0.07
CA ALA A 80 -5.11 2.69 -0.85
C ALA A 80 -6.57 2.33 -1.08
N SER A 81 -7.39 3.22 -1.55
CA SER A 81 -8.79 2.88 -1.79
C SER A 81 -8.92 1.60 -2.59
N MET A 82 -9.85 0.74 -2.27
CA MET A 82 -10.01 -0.53 -3.05
C MET A 82 -10.93 -0.28 -4.25
N ASP A 83 -10.61 -0.85 -5.38
CA ASP A 83 -11.45 -0.64 -6.60
C ASP A 83 -12.76 -1.43 -6.45
N SER A 84 -13.85 -0.73 -6.20
CA SER A 84 -15.16 -1.41 -6.06
C SER A 84 -15.73 -1.73 -7.44
N GLU A 85 -14.96 -1.51 -8.48
CA GLU A 85 -15.45 -1.79 -9.86
C GLU A 85 -15.86 -3.26 -9.96
N ALA A 86 -15.09 -4.14 -9.38
CA ALA A 86 -15.44 -5.60 -9.44
C ALA A 86 -16.37 -5.95 -8.28
N PRO A 87 -17.22 -6.94 -8.46
CA PRO A 87 -18.18 -7.37 -7.41
C PRO A 87 -17.47 -8.12 -6.26
N GLY A 88 -17.43 -7.52 -5.09
CA GLY A 88 -16.76 -8.19 -3.95
C GLY A 88 -15.26 -8.32 -4.23
N SER A 89 -14.76 -7.57 -5.18
CA SER A 89 -13.31 -7.66 -5.50
C SER A 89 -12.92 -9.12 -5.73
N LYS A 90 -11.73 -9.50 -5.36
CA LYS A 90 -11.30 -10.91 -5.57
C LYS A 90 -12.11 -11.83 -4.65
N ASP A 91 -12.79 -11.26 -3.69
CA ASP A 91 -13.61 -12.11 -2.77
C ASP A 91 -12.74 -13.24 -2.22
N HIS A 92 -11.87 -12.93 -1.29
CA HIS A 92 -10.99 -14.00 -0.72
C HIS A 92 -11.87 -15.13 -0.17
N THR A 93 -11.75 -16.31 -0.71
CA THR A 93 -12.57 -17.45 -0.24
C THR A 93 -11.97 -17.99 1.07
N PRO A 94 -12.80 -18.54 1.92
CA PRO A 94 -12.35 -19.12 3.22
C PRO A 94 -10.99 -19.82 3.09
N SER A 95 -10.25 -19.89 4.16
CA SER A 95 -8.92 -20.57 4.11
C SER A 95 -8.55 -21.08 5.50
N GLN A 96 -9.13 -20.52 6.52
CA GLN A 96 -8.82 -20.96 7.91
C GLN A 96 -9.41 -22.35 8.15
N GLU A 97 -10.43 -22.70 7.40
CA GLU A 97 -11.05 -24.04 7.58
C GLU A 97 -10.02 -25.13 7.30
N LEU A 98 -9.14 -24.89 6.35
CA LEU A 98 -8.12 -25.92 6.02
C LEU A 98 -7.30 -26.24 7.28
N ALA A 99 -6.94 -25.24 8.03
CA ALA A 99 -6.15 -25.48 9.27
C ALA A 99 -6.05 -24.18 10.07
N LEU A 100 -5.87 -24.27 11.36
CA LEU A 100 -5.76 -23.03 12.19
C LEU A 100 -5.25 -23.42 13.60
N THR A 101 -5.99 -24.25 14.29
CA THR A 101 -5.55 -24.65 15.66
C THR A 101 -4.17 -25.33 15.57
N GLN A 102 -3.79 -25.79 14.41
CA GLN A 102 -2.47 -26.45 14.27
C GLN A 102 -1.36 -25.40 14.42
N SER A 4 2.35 25.71 2.06
CA SER A 4 2.17 24.72 0.96
C SER A 4 1.02 25.16 0.05
N ILE A 5 1.33 25.46 -1.19
CA ILE A 5 0.27 25.91 -2.13
C ILE A 5 -0.45 24.68 -2.67
N VAL A 6 0.29 23.63 -2.86
CA VAL A 6 -0.29 22.36 -3.39
C VAL A 6 -1.59 22.05 -2.63
N GLU A 7 -1.71 22.51 -1.42
CA GLU A 7 -2.94 22.26 -0.65
C GLU A 7 -4.06 23.09 -1.28
N LYS A 8 -3.76 24.29 -1.72
CA LYS A 8 -4.80 25.13 -2.36
C LYS A 8 -5.40 24.35 -3.54
N PHE A 9 -4.59 23.55 -4.18
CA PHE A 9 -5.10 22.75 -5.32
C PHE A 9 -6.03 21.65 -4.80
N ARG A 10 -5.79 21.14 -3.63
CA ARG A 10 -6.71 20.08 -3.12
C ARG A 10 -8.03 20.74 -2.74
N SER A 11 -8.00 21.98 -2.38
CA SER A 11 -9.25 22.67 -1.94
C SER A 11 -10.05 23.20 -3.15
N ARG A 12 -9.46 23.47 -4.28
CA ARG A 12 -10.29 23.99 -5.42
C ARG A 12 -11.08 22.83 -6.04
N GLY A 13 -10.62 21.62 -5.88
CA GLY A 13 -11.35 20.43 -6.43
C GLY A 13 -11.31 20.41 -7.97
N ARG A 14 -10.31 21.00 -8.57
CA ARG A 14 -10.22 21.02 -10.06
C ARG A 14 -10.41 19.58 -10.61
N ALA A 15 -11.17 19.40 -11.66
CA ALA A 15 -11.38 18.01 -12.18
C ALA A 15 -10.05 17.47 -12.74
N GLN A 16 -9.27 18.32 -13.37
CA GLN A 16 -7.95 17.90 -13.94
C GLN A 16 -6.91 17.67 -12.83
N VAL A 17 -7.32 17.79 -11.59
CA VAL A 17 -6.35 17.58 -10.48
C VAL A 17 -5.90 16.12 -10.45
N GLN A 18 -6.72 15.21 -10.96
CA GLN A 18 -6.33 13.76 -10.96
C GLN A 18 -5.39 13.48 -12.15
N GLU A 19 -4.92 14.51 -12.81
CA GLU A 19 -4.00 14.30 -13.97
C GLU A 19 -2.56 14.22 -13.46
N PHE A 20 -2.33 14.61 -12.22
CA PHE A 20 -0.96 14.57 -11.64
C PHE A 20 -1.02 14.90 -10.14
N CYS A 21 0.07 14.77 -9.47
CA CYS A 21 0.11 15.11 -8.02
C CYS A 21 0.60 16.55 -7.89
N ASP A 22 1.73 16.78 -7.27
CA ASP A 22 2.23 18.18 -7.18
C ASP A 22 2.99 18.50 -8.46
N TYR A 23 4.03 17.75 -8.75
CA TYR A 23 4.80 17.98 -10.01
C TYR A 23 4.36 16.96 -11.05
N GLY A 24 4.76 15.74 -10.88
CA GLY A 24 4.37 14.69 -11.86
C GLY A 24 5.64 14.07 -12.42
N THR A 25 6.31 13.27 -11.64
CA THR A 25 7.57 12.64 -12.12
C THR A 25 7.45 11.12 -11.94
N LYS A 26 8.07 10.40 -12.81
CA LYS A 26 7.98 8.91 -12.76
C LYS A 26 8.78 8.39 -11.57
N GLU A 27 10.08 8.41 -11.64
CA GLU A 27 10.92 7.86 -10.54
C GLU A 27 11.15 8.92 -9.46
N GLU A 28 11.34 10.17 -9.82
CA GLU A 28 11.61 11.21 -8.78
C GLU A 28 10.46 11.30 -7.80
N CYS A 29 9.25 11.50 -8.28
CA CYS A 29 8.11 11.61 -7.32
C CYS A 29 7.98 10.28 -6.56
N MET A 30 8.16 9.19 -7.25
CA MET A 30 8.04 7.87 -6.58
C MET A 30 8.84 7.91 -5.27
N LYS A 31 10.10 8.27 -5.35
CA LYS A 31 10.94 8.36 -4.11
C LYS A 31 10.21 9.20 -3.06
N ALA A 32 9.47 10.18 -3.50
CA ALA A 32 8.73 11.09 -2.60
C ALA A 32 7.37 10.46 -2.18
N SER A 33 6.87 9.51 -2.94
CA SER A 33 5.55 8.86 -2.62
C SER A 33 5.51 8.44 -1.15
N ASP A 34 6.49 7.70 -0.71
CA ASP A 34 6.53 7.24 0.71
C ASP A 34 7.71 7.86 1.46
N ALA A 35 7.95 9.16 1.36
CA ALA A 35 9.09 9.79 2.10
C ALA A 35 8.59 11.12 2.70
N ASP A 36 9.43 11.87 3.39
CA ASP A 36 8.94 13.17 3.95
C ASP A 36 9.21 14.26 2.94
N ARG A 37 9.17 13.91 1.69
CA ARG A 37 9.46 14.87 0.59
C ARG A 37 8.15 15.60 0.24
N PRO A 38 8.24 16.82 -0.29
CA PRO A 38 7.04 17.63 -0.64
C PRO A 38 5.90 16.79 -1.22
N CYS A 39 5.61 16.97 -2.48
CA CYS A 39 4.51 16.19 -3.13
C CYS A 39 3.24 16.23 -2.28
N ARG A 40 2.18 15.61 -2.77
CA ARG A 40 0.92 15.60 -2.03
C ARG A 40 0.98 14.62 -0.88
N LYS A 41 1.99 13.78 -0.79
CA LYS A 41 2.09 12.81 0.35
C LYS A 41 0.95 11.78 0.26
N LEU A 42 -0.20 12.19 -0.24
CA LEU A 42 -1.38 11.23 -0.34
C LEU A 42 -1.09 9.96 -1.17
N HIS A 43 -0.04 9.94 -1.96
CA HIS A 43 0.25 8.70 -2.78
C HIS A 43 0.21 7.46 -1.89
N PHE A 44 -0.14 6.29 -2.44
CA PHE A 44 -0.24 4.99 -1.67
C PHE A 44 0.67 4.97 -0.44
N ARG A 45 0.14 4.66 0.73
CA ARG A 45 1.00 4.59 1.93
C ARG A 45 1.31 3.12 2.17
N ARG A 46 2.49 2.70 1.83
CA ARG A 46 2.86 1.27 1.99
C ARG A 46 3.82 1.11 3.17
N ILE A 47 3.75 0.00 3.89
CA ILE A 47 4.67 -0.22 5.07
C ILE A 47 5.96 -0.93 4.64
N ILE A 48 7.02 -0.17 4.57
CA ILE A 48 8.36 -0.72 4.15
C ILE A 48 9.29 -0.85 5.36
N ASN A 49 10.29 -1.70 5.27
CA ASN A 49 11.24 -1.88 6.40
C ASN A 49 12.67 -1.97 5.87
N LYS A 50 13.66 -1.75 6.70
CA LYS A 50 15.08 -1.83 6.22
C LYS A 50 15.31 -3.17 5.53
N HIS A 51 16.11 -3.20 4.50
CA HIS A 51 16.35 -4.48 3.79
C HIS A 51 16.94 -5.52 4.76
N THR A 52 16.12 -6.40 5.26
CA THR A 52 16.59 -7.45 6.19
C THR A 52 17.01 -8.68 5.37
N ASP A 53 17.83 -9.55 5.92
CA ASP A 53 18.26 -10.77 5.18
C ASP A 53 17.07 -11.71 5.12
N GLU A 54 16.65 -12.06 3.94
CA GLU A 54 15.46 -12.94 3.75
C GLU A 54 15.65 -14.37 4.29
N SER A 55 16.82 -14.75 4.72
CA SER A 55 16.97 -16.12 5.26
C SER A 55 16.32 -16.15 6.65
N LEU A 56 16.14 -14.98 7.22
CA LEU A 56 15.50 -14.85 8.55
C LEU A 56 14.03 -15.25 8.37
N GLY A 57 13.52 -16.15 9.13
CA GLY A 57 12.09 -16.53 8.97
C GLY A 57 11.90 -17.15 7.59
N ASP A 58 10.77 -16.89 6.98
CA ASP A 58 10.50 -17.46 5.64
C ASP A 58 9.20 -16.87 5.08
N CYS A 59 9.25 -15.67 4.54
CA CYS A 59 8.03 -15.00 3.98
C CYS A 59 7.75 -15.45 2.55
N SER A 60 6.68 -14.96 1.97
CA SER A 60 6.36 -15.36 0.57
C SER A 60 5.14 -14.57 0.10
N PHE A 61 5.02 -13.34 0.54
CA PHE A 61 3.85 -12.50 0.13
C PHE A 61 3.55 -12.68 -1.35
N LEU A 62 4.53 -12.88 -2.19
CA LEU A 62 4.26 -13.05 -3.65
C LEU A 62 3.09 -14.00 -3.92
N ASN A 63 2.61 -14.72 -2.94
CA ASN A 63 1.49 -15.68 -3.20
C ASN A 63 0.79 -16.00 -1.87
N THR A 64 1.52 -16.65 -0.99
CA THR A 64 0.98 -17.03 0.35
C THR A 64 2.14 -17.04 1.35
N CYS A 65 1.99 -16.28 2.41
CA CYS A 65 3.03 -16.19 3.48
C CYS A 65 3.03 -17.49 4.25
N PHE A 66 2.17 -18.43 3.94
CA PHE A 66 2.19 -19.72 4.65
C PHE A 66 2.06 -19.42 6.13
N HIS A 67 3.06 -19.77 6.91
CA HIS A 67 3.02 -19.49 8.37
C HIS A 67 3.01 -17.97 8.60
N MET A 68 2.35 -17.53 9.62
CA MET A 68 2.33 -16.06 9.89
C MET A 68 3.50 -15.75 10.85
N ASP A 69 3.60 -16.52 11.89
CA ASP A 69 4.69 -16.32 12.90
C ASP A 69 6.07 -16.25 12.21
N THR A 70 6.13 -16.49 10.92
CA THR A 70 7.46 -16.49 10.24
C THR A 70 7.69 -15.14 9.53
N CYS A 71 7.05 -14.09 9.97
CA CYS A 71 7.23 -12.78 9.28
C CYS A 71 8.23 -11.87 10.03
N LYS A 72 9.35 -11.66 9.40
CA LYS A 72 10.41 -10.81 9.99
C LYS A 72 10.19 -9.42 9.40
N TYR A 73 11.22 -8.74 8.98
CA TYR A 73 11.03 -7.37 8.45
C TYR A 73 10.83 -7.37 6.93
N VAL A 74 10.62 -8.52 6.33
CA VAL A 74 10.47 -8.57 4.84
C VAL A 74 9.00 -8.48 4.45
N HIS A 75 8.44 -7.32 4.58
CA HIS A 75 7.01 -7.12 4.22
C HIS A 75 6.88 -5.75 3.57
N TYR A 76 6.09 -5.66 2.52
CA TYR A 76 5.90 -4.36 1.81
C TYR A 76 4.47 -4.33 1.26
N GLU A 77 3.51 -3.87 2.03
CA GLU A 77 2.09 -3.86 1.53
C GLU A 77 1.64 -2.43 1.21
N ILE A 78 0.63 -2.30 0.39
CA ILE A 78 0.10 -0.98 0.00
C ILE A 78 -1.32 -0.79 0.57
N ASP A 79 -1.68 0.41 0.96
CA ASP A 79 -3.00 0.73 1.50
C ASP A 79 -3.62 1.89 0.75
N ALA A 80 -4.58 1.70 -0.08
CA ALA A 80 -5.20 2.84 -0.80
C ALA A 80 -6.71 2.56 -0.89
N SER A 81 -7.53 3.54 -1.14
CA SER A 81 -8.96 3.30 -1.26
C SER A 81 -9.25 2.26 -2.31
N MET A 82 -9.76 1.11 -1.96
CA MET A 82 -10.07 0.05 -2.98
C MET A 82 -11.31 0.45 -3.77
N ASP A 83 -11.39 0.02 -5.01
CA ASP A 83 -12.57 0.37 -5.84
C ASP A 83 -13.73 -0.60 -5.56
N SER A 84 -14.84 -0.43 -6.22
CA SER A 84 -15.99 -1.33 -6.00
C SER A 84 -15.55 -2.78 -6.18
N GLU A 85 -14.46 -3.00 -6.89
CA GLU A 85 -13.97 -4.39 -7.11
C GLU A 85 -15.04 -5.19 -7.85
N ALA A 86 -14.66 -6.29 -8.44
CA ALA A 86 -15.65 -7.13 -9.19
C ALA A 86 -16.73 -7.63 -8.23
N PRO A 87 -17.94 -7.80 -8.70
CA PRO A 87 -19.07 -8.29 -7.85
C PRO A 87 -18.96 -9.78 -7.54
N GLY A 88 -19.51 -10.21 -6.43
CA GLY A 88 -19.43 -11.65 -6.07
C GLY A 88 -18.09 -11.93 -5.42
N SER A 89 -17.24 -10.95 -5.33
CA SER A 89 -15.90 -11.17 -4.71
C SER A 89 -15.27 -12.44 -5.28
N LYS A 90 -14.53 -12.32 -6.35
CA LYS A 90 -13.88 -13.52 -6.95
C LYS A 90 -12.93 -14.15 -5.94
N ASP A 91 -12.22 -13.34 -5.20
CA ASP A 91 -11.28 -13.89 -4.18
C ASP A 91 -12.07 -14.71 -3.15
N HIS A 92 -11.68 -15.94 -2.94
CA HIS A 92 -12.41 -16.79 -1.95
C HIS A 92 -12.14 -16.27 -0.53
N THR A 93 -13.15 -16.22 0.30
CA THR A 93 -12.94 -15.72 1.68
C THR A 93 -12.03 -16.69 2.45
N PRO A 94 -11.30 -16.19 3.41
CA PRO A 94 -10.39 -17.02 4.24
C PRO A 94 -10.97 -18.39 4.56
N SER A 95 -10.21 -19.43 4.35
CA SER A 95 -10.73 -20.81 4.64
C SER A 95 -11.19 -20.88 6.09
N GLN A 96 -12.48 -20.90 6.32
CA GLN A 96 -12.99 -20.98 7.71
C GLN A 96 -12.50 -22.26 8.37
N GLU A 97 -12.41 -23.33 7.62
CA GLU A 97 -11.94 -24.62 8.21
C GLU A 97 -10.59 -24.39 8.89
N LEU A 98 -10.57 -24.33 10.20
CA LEU A 98 -9.28 -24.12 10.91
C LEU A 98 -8.51 -25.45 10.97
N ALA A 99 -7.23 -25.41 10.72
CA ALA A 99 -6.43 -26.67 10.75
C ALA A 99 -6.41 -27.20 12.19
N LEU A 100 -6.57 -28.49 12.35
CA LEU A 100 -6.56 -29.08 13.72
C LEU A 100 -5.11 -29.36 14.14
N THR A 101 -4.92 -29.94 15.30
CA THR A 101 -3.53 -30.24 15.75
C THR A 101 -3.03 -31.51 15.06
N GLN A 102 -1.75 -31.64 14.88
CA GLN A 102 -1.21 -32.85 14.21
C GLN A 102 0.32 -32.84 14.31
N SER A 4 1.83 25.90 1.38
CA SER A 4 1.68 24.82 0.35
C SER A 4 0.65 25.26 -0.69
N ILE A 5 1.10 25.45 -1.91
CA ILE A 5 0.16 25.88 -2.99
C ILE A 5 -0.56 24.65 -3.54
N VAL A 6 0.15 23.56 -3.61
CA VAL A 6 -0.43 22.30 -4.13
C VAL A 6 -1.77 22.03 -3.43
N GLU A 7 -1.93 22.54 -2.24
CA GLU A 7 -3.21 22.34 -1.52
C GLU A 7 -4.30 23.13 -2.27
N LYS A 8 -3.97 24.31 -2.72
CA LYS A 8 -4.97 25.11 -3.48
C LYS A 8 -5.52 24.25 -4.61
N PHE A 9 -4.69 23.43 -5.18
CA PHE A 9 -5.16 22.55 -6.28
C PHE A 9 -6.08 21.47 -5.71
N ARG A 10 -5.83 20.98 -4.53
CA ARG A 10 -6.74 19.94 -3.98
C ARG A 10 -8.05 20.61 -3.61
N SER A 11 -8.03 21.89 -3.38
CA SER A 11 -9.28 22.60 -2.97
C SER A 11 -10.09 23.06 -4.18
N ARG A 12 -9.50 23.31 -5.33
CA ARG A 12 -10.34 23.76 -6.49
C ARG A 12 -11.09 22.56 -7.08
N GLY A 13 -10.60 21.37 -6.87
CA GLY A 13 -11.29 20.15 -7.38
C GLY A 13 -11.21 20.07 -8.92
N ARG A 14 -10.23 20.68 -9.52
CA ARG A 14 -10.09 20.63 -11.02
C ARG A 14 -10.22 19.17 -11.49
N ALA A 15 -10.97 18.91 -12.55
CA ALA A 15 -11.11 17.49 -13.00
C ALA A 15 -9.75 16.97 -13.48
N GLN A 16 -9.03 17.77 -14.25
CA GLN A 16 -7.68 17.36 -14.77
C GLN A 16 -6.70 17.09 -13.62
N VAL A 17 -7.14 17.26 -12.40
CA VAL A 17 -6.23 17.02 -11.25
C VAL A 17 -5.88 15.52 -11.17
N GLN A 18 -6.73 14.67 -11.69
CA GLN A 18 -6.46 13.20 -11.64
C GLN A 18 -5.47 12.82 -12.76
N GLU A 19 -4.87 13.79 -13.40
CA GLU A 19 -3.90 13.50 -14.50
C GLU A 19 -2.48 13.49 -13.94
N PHE A 20 -2.29 14.02 -12.75
CA PHE A 20 -0.93 14.06 -12.12
C PHE A 20 -1.06 14.47 -10.65
N CYS A 21 0.00 14.34 -9.92
CA CYS A 21 -0.02 14.74 -8.49
C CYS A 21 0.44 16.20 -8.42
N ASP A 22 1.57 16.49 -7.81
CA ASP A 22 2.03 17.89 -7.76
C ASP A 22 2.80 18.17 -9.05
N TYR A 23 3.87 17.45 -9.28
CA TYR A 23 4.67 17.65 -10.52
C TYR A 23 4.30 16.56 -11.52
N GLY A 24 4.73 15.36 -11.27
CA GLY A 24 4.40 14.25 -12.21
C GLY A 24 5.70 13.59 -12.65
N THR A 25 6.64 13.45 -11.74
CA THR A 25 7.94 12.83 -12.12
C THR A 25 7.80 11.31 -12.02
N LYS A 26 8.59 10.61 -12.78
CA LYS A 26 8.50 9.14 -12.78
C LYS A 26 9.26 8.56 -11.58
N GLU A 27 10.56 8.61 -11.60
CA GLU A 27 11.36 8.04 -10.47
C GLU A 27 11.50 9.05 -9.33
N GLU A 28 11.46 10.33 -9.61
CA GLU A 28 11.65 11.33 -8.51
C GLU A 28 10.41 11.40 -7.63
N CYS A 29 9.24 11.48 -8.22
CA CYS A 29 8.02 11.57 -7.36
C CYS A 29 7.91 10.28 -6.54
N MET A 30 8.19 9.15 -7.15
CA MET A 30 8.11 7.87 -6.41
C MET A 30 8.79 8.05 -5.04
N LYS A 31 10.02 8.48 -5.04
CA LYS A 31 10.75 8.71 -3.76
C LYS A 31 9.92 9.61 -2.85
N ALA A 32 9.21 10.53 -3.44
CA ALA A 32 8.36 11.50 -2.69
C ALA A 32 7.03 10.84 -2.24
N SER A 33 6.60 9.79 -2.92
CA SER A 33 5.31 9.10 -2.55
C SER A 33 5.28 8.78 -1.05
N ASP A 34 6.30 8.11 -0.58
CA ASP A 34 6.34 7.75 0.87
C ASP A 34 7.51 8.45 1.59
N ALA A 35 7.70 9.75 1.40
CA ALA A 35 8.83 10.46 2.10
C ALA A 35 8.28 11.81 2.64
N ASP A 36 9.09 12.61 3.28
CA ASP A 36 8.56 13.92 3.81
C ASP A 36 8.78 14.98 2.73
N ARG A 37 8.89 14.55 1.52
CA ARG A 37 9.16 15.48 0.38
C ARG A 37 7.82 16.08 -0.08
N PRO A 38 7.83 17.27 -0.67
CA PRO A 38 6.59 17.96 -1.13
C PRO A 38 5.55 17.01 -1.69
N CYS A 39 5.30 17.09 -2.96
CA CYS A 39 4.29 16.20 -3.61
C CYS A 39 2.96 16.23 -2.84
N ARG A 40 1.94 15.60 -3.38
CA ARG A 40 0.64 15.58 -2.72
C ARG A 40 0.69 14.75 -1.46
N LYS A 41 1.72 13.96 -1.23
CA LYS A 41 1.79 13.15 0.02
C LYS A 41 0.69 12.07 0.03
N LEU A 42 -0.47 12.38 -0.51
CA LEU A 42 -1.61 11.38 -0.54
C LEU A 42 -1.28 10.07 -1.28
N HIS A 43 -0.23 10.03 -2.06
CA HIS A 43 0.12 8.74 -2.79
C HIS A 43 0.04 7.55 -1.83
N PHE A 44 -0.01 6.31 -2.35
CA PHE A 44 -0.12 5.06 -1.50
C PHE A 44 0.91 5.05 -0.35
N ARG A 45 0.47 4.81 0.86
CA ARG A 45 1.43 4.75 1.98
C ARG A 45 1.64 3.27 2.29
N ARG A 46 2.82 2.77 2.03
CA ARG A 46 3.10 1.33 2.25
C ARG A 46 4.11 1.19 3.40
N ILE A 47 3.99 0.14 4.21
CA ILE A 47 4.95 -0.06 5.35
C ILE A 47 6.18 -0.86 4.91
N ILE A 48 7.26 -0.15 4.67
CA ILE A 48 8.54 -0.78 4.21
C ILE A 48 9.43 -1.13 5.41
N ASN A 49 10.32 -2.08 5.24
CA ASN A 49 11.24 -2.46 6.37
C ASN A 49 12.68 -2.51 5.86
N LYS A 50 13.64 -2.35 6.74
CA LYS A 50 15.07 -2.38 6.30
C LYS A 50 15.35 -3.67 5.52
N HIS A 51 16.18 -3.61 4.51
CA HIS A 51 16.46 -4.84 3.72
C HIS A 51 17.01 -5.95 4.63
N THR A 52 16.16 -6.86 5.02
CA THR A 52 16.60 -7.99 5.89
C THR A 52 17.06 -9.15 4.99
N ASP A 53 17.80 -10.09 5.52
CA ASP A 53 18.26 -11.25 4.72
C ASP A 53 17.11 -12.25 4.64
N GLU A 54 16.87 -12.78 3.48
CA GLU A 54 15.73 -13.72 3.28
C GLU A 54 16.02 -15.14 3.78
N SER A 55 17.13 -15.41 4.40
CA SER A 55 17.37 -16.79 4.90
C SER A 55 16.68 -16.91 6.26
N LEU A 56 16.46 -15.79 6.91
CA LEU A 56 15.77 -15.77 8.22
C LEU A 56 14.36 -16.32 7.98
N GLY A 57 14.05 -17.50 8.41
CA GLY A 57 12.68 -18.03 8.20
C GLY A 57 12.34 -17.88 6.72
N ASP A 58 11.18 -17.33 6.44
CA ASP A 58 10.75 -17.15 5.02
C ASP A 58 9.48 -16.32 4.98
N CYS A 59 8.93 -16.11 3.80
CA CYS A 59 7.65 -15.31 3.65
C CYS A 59 7.32 -15.08 2.18
N SER A 60 8.02 -14.19 1.53
CA SER A 60 7.72 -13.91 0.10
C SER A 60 6.27 -13.48 -0.02
N PHE A 61 5.83 -12.58 0.82
CA PHE A 61 4.41 -12.11 0.76
C PHE A 61 3.97 -11.87 -0.68
N LEU A 62 4.89 -11.76 -1.61
CA LEU A 62 4.48 -11.51 -3.03
C LEU A 62 3.25 -12.30 -3.45
N ASN A 63 2.90 -13.36 -2.75
CA ASN A 63 1.71 -14.17 -3.15
C ASN A 63 1.04 -14.73 -1.88
N THR A 64 1.72 -15.65 -1.23
CA THR A 64 1.19 -16.28 0.01
C THR A 64 2.25 -16.16 1.10
N CYS A 65 1.82 -15.86 2.28
CA CYS A 65 2.73 -15.73 3.48
C CYS A 65 2.88 -17.10 4.10
N PHE A 66 2.18 -18.11 3.63
CA PHE A 66 2.33 -19.45 4.21
C PHE A 66 2.01 -19.34 5.70
N HIS A 67 2.94 -19.73 6.55
CA HIS A 67 2.71 -19.63 8.02
C HIS A 67 2.71 -18.14 8.44
N MET A 68 2.04 -17.83 9.49
CA MET A 68 2.02 -16.41 9.93
C MET A 68 3.22 -16.20 10.87
N ASP A 69 3.34 -17.06 11.85
CA ASP A 69 4.47 -16.98 12.82
C ASP A 69 5.82 -16.81 12.09
N THR A 70 5.84 -16.95 10.80
CA THR A 70 7.15 -16.84 10.07
C THR A 70 7.29 -15.44 9.46
N CYS A 71 6.79 -14.42 10.10
CA CYS A 71 6.87 -13.04 9.52
C CYS A 71 8.02 -12.22 10.16
N LYS A 72 9.14 -12.23 9.49
CA LYS A 72 10.31 -11.48 9.97
C LYS A 72 10.13 -10.05 9.46
N TYR A 73 11.14 -9.43 8.93
CA TYR A 73 10.99 -8.04 8.46
C TYR A 73 10.51 -7.98 7.01
N VAL A 74 11.06 -8.82 6.14
CA VAL A 74 10.67 -8.77 4.70
C VAL A 74 9.15 -8.66 4.56
N HIS A 75 8.66 -7.47 4.50
CA HIS A 75 7.20 -7.25 4.35
C HIS A 75 6.96 -5.85 3.82
N TYR A 76 6.13 -5.72 2.83
CA TYR A 76 5.84 -4.38 2.22
C TYR A 76 4.37 -4.34 1.83
N GLU A 77 3.51 -3.79 2.66
CA GLU A 77 2.05 -3.77 2.31
C GLU A 77 1.61 -2.35 1.94
N ILE A 78 0.69 -2.25 1.02
CA ILE A 78 0.19 -0.93 0.54
C ILE A 78 -1.22 -0.67 1.12
N ASP A 79 -1.53 0.56 1.44
CA ASP A 79 -2.84 0.95 1.96
C ASP A 79 -3.47 2.03 1.10
N ALA A 80 -4.50 1.78 0.38
CA ALA A 80 -5.13 2.84 -0.45
C ALA A 80 -6.65 2.63 -0.42
N SER A 81 -7.44 3.61 -0.74
CA SER A 81 -8.89 3.42 -0.73
C SER A 81 -9.33 2.48 -1.82
N MET A 82 -10.13 1.48 -1.52
CA MET A 82 -10.59 0.52 -2.57
C MET A 82 -11.80 1.12 -3.31
N ASP A 83 -11.56 1.83 -4.38
CA ASP A 83 -12.69 2.44 -5.14
C ASP A 83 -13.21 1.44 -6.18
N SER A 84 -12.34 0.63 -6.72
CA SER A 84 -12.78 -0.36 -7.74
C SER A 84 -13.68 -1.41 -7.09
N GLU A 85 -13.32 -1.88 -5.92
CA GLU A 85 -14.17 -2.90 -5.23
C GLU A 85 -14.61 -3.96 -6.23
N ALA A 86 -13.72 -4.86 -6.59
CA ALA A 86 -14.09 -5.92 -7.57
C ALA A 86 -15.10 -6.88 -6.93
N PRO A 87 -15.94 -7.50 -7.73
CA PRO A 87 -16.96 -8.46 -7.22
C PRO A 87 -16.34 -9.79 -6.80
N GLY A 88 -17.12 -10.66 -6.20
CA GLY A 88 -16.57 -11.98 -5.77
C GLY A 88 -15.92 -11.82 -4.39
N SER A 89 -15.96 -10.64 -3.83
CA SER A 89 -15.34 -10.43 -2.49
C SER A 89 -15.86 -11.48 -1.51
N LYS A 90 -15.19 -12.59 -1.39
CA LYS A 90 -15.66 -13.65 -0.44
C LYS A 90 -15.74 -13.06 0.97
N ASP A 91 -14.71 -12.40 1.40
CA ASP A 91 -14.74 -11.80 2.78
C ASP A 91 -15.15 -12.88 3.78
N HIS A 92 -14.72 -14.09 3.57
CA HIS A 92 -15.08 -15.19 4.51
C HIS A 92 -14.48 -14.90 5.89
N THR A 93 -15.24 -15.11 6.93
CA THR A 93 -14.71 -14.83 8.29
C THR A 93 -13.48 -15.69 8.55
N PRO A 94 -12.56 -15.20 9.35
CA PRO A 94 -11.31 -15.95 9.70
C PRO A 94 -11.56 -17.45 9.85
N SER A 95 -12.35 -17.83 10.83
CA SER A 95 -12.62 -19.29 11.02
C SER A 95 -13.87 -19.45 11.89
N GLN A 96 -14.92 -19.97 11.33
CA GLN A 96 -16.16 -20.16 12.12
C GLN A 96 -15.89 -21.10 13.30
N GLU A 97 -15.12 -22.13 13.08
CA GLU A 97 -14.82 -23.08 14.18
C GLU A 97 -13.88 -22.42 15.19
N LEU A 98 -14.26 -22.38 16.43
CA LEU A 98 -13.38 -21.75 17.46
C LEU A 98 -12.32 -22.76 17.90
N ALA A 99 -11.16 -22.28 18.28
CA ALA A 99 -10.09 -23.21 18.72
C ALA A 99 -9.02 -22.42 19.47
N LEU A 100 -8.11 -23.09 20.14
CA LEU A 100 -7.04 -22.39 20.89
C LEU A 100 -5.78 -23.26 20.92
N THR A 101 -5.95 -24.56 20.93
CA THR A 101 -4.76 -25.46 20.97
C THR A 101 -4.06 -25.44 19.60
N GLN A 102 -2.76 -25.31 19.59
CA GLN A 102 -2.03 -25.28 18.30
C GLN A 102 -2.33 -26.56 17.52
N SER A 4 2.60 26.17 0.14
CA SER A 4 1.51 25.15 0.13
C SER A 4 0.47 25.52 -0.95
N ILE A 5 0.93 25.74 -2.15
CA ILE A 5 -0.01 26.12 -3.24
C ILE A 5 -0.68 24.85 -3.76
N VAL A 6 0.06 23.78 -3.78
CA VAL A 6 -0.47 22.48 -4.26
C VAL A 6 -1.75 22.15 -3.50
N GLU A 7 -1.89 22.65 -2.30
CA GLU A 7 -3.13 22.38 -1.53
C GLU A 7 -4.29 23.10 -2.23
N LYS A 8 -4.03 24.22 -2.86
CA LYS A 8 -5.10 24.94 -3.58
C LYS A 8 -5.63 24.03 -4.68
N PHE A 9 -4.78 23.22 -5.23
CA PHE A 9 -5.24 22.29 -6.31
C PHE A 9 -6.09 21.19 -5.69
N ARG A 10 -5.77 20.73 -4.52
CA ARG A 10 -6.62 19.66 -3.92
C ARG A 10 -7.92 20.29 -3.42
N SER A 11 -7.90 21.56 -3.15
CA SER A 11 -9.12 22.23 -2.63
C SER A 11 -10.08 22.64 -3.76
N ARG A 12 -9.61 22.98 -4.94
CA ARG A 12 -10.58 23.37 -6.00
C ARG A 12 -11.28 22.11 -6.55
N GLY A 13 -10.69 20.95 -6.35
CA GLY A 13 -11.31 19.68 -6.83
C GLY A 13 -11.27 19.57 -8.36
N ARG A 14 -10.32 20.22 -9.00
CA ARG A 14 -10.23 20.14 -10.50
C ARG A 14 -10.36 18.67 -10.94
N ALA A 15 -11.18 18.39 -11.93
CA ALA A 15 -11.34 16.97 -12.36
C ALA A 15 -10.01 16.44 -12.92
N GLN A 16 -9.29 17.28 -13.64
CA GLN A 16 -7.97 16.88 -14.23
C GLN A 16 -6.92 16.65 -13.13
N VAL A 17 -7.31 16.75 -11.89
CA VAL A 17 -6.35 16.55 -10.78
C VAL A 17 -6.04 15.05 -10.63
N GLN A 18 -6.93 14.20 -11.09
CA GLN A 18 -6.71 12.72 -10.98
C GLN A 18 -5.77 12.25 -12.10
N GLU A 19 -5.21 13.18 -12.87
CA GLU A 19 -4.29 12.78 -13.98
C GLU A 19 -2.85 12.89 -13.49
N PHE A 20 -2.63 13.48 -12.33
CA PHE A 20 -1.25 13.64 -11.78
C PHE A 20 -1.33 14.12 -10.33
N CYS A 21 -0.23 14.03 -9.64
CA CYS A 21 -0.20 14.51 -8.23
C CYS A 21 0.22 15.98 -8.24
N ASP A 22 1.36 16.32 -7.70
CA ASP A 22 1.79 17.73 -7.74
C ASP A 22 2.48 17.97 -9.08
N TYR A 23 3.55 17.27 -9.34
CA TYR A 23 4.29 17.43 -10.63
C TYR A 23 3.89 16.29 -11.56
N GLY A 24 4.37 15.11 -11.29
CA GLY A 24 4.03 13.95 -12.15
C GLY A 24 5.32 13.35 -12.69
N THR A 25 6.05 12.66 -11.85
CA THR A 25 7.33 12.06 -12.31
C THR A 25 7.31 10.56 -11.99
N LYS A 26 8.05 9.81 -12.73
CA LYS A 26 8.06 8.34 -12.55
C LYS A 26 8.95 7.98 -11.35
N GLU A 27 10.24 8.09 -11.49
CA GLU A 27 11.16 7.72 -10.39
C GLU A 27 11.35 8.88 -9.41
N GLU A 28 11.21 10.09 -9.85
CA GLU A 28 11.43 11.26 -8.93
C GLU A 28 10.27 11.40 -7.95
N CYS A 29 9.06 11.37 -8.43
CA CYS A 29 7.90 11.53 -7.48
C CYS A 29 7.86 10.29 -6.57
N MET A 30 8.10 9.14 -7.13
CA MET A 30 8.07 7.90 -6.30
C MET A 30 8.86 8.16 -5.02
N LYS A 31 10.08 8.62 -5.14
CA LYS A 31 10.91 8.92 -3.94
C LYS A 31 10.14 9.87 -3.00
N ALA A 32 9.34 10.72 -3.58
CA ALA A 32 8.54 11.71 -2.80
C ALA A 32 7.22 11.08 -2.30
N SER A 33 6.78 9.99 -2.91
CA SER A 33 5.50 9.32 -2.48
C SER A 33 5.50 9.09 -0.97
N ASP A 34 6.53 8.45 -0.46
CA ASP A 34 6.60 8.18 1.00
C ASP A 34 7.80 8.91 1.65
N ALA A 35 7.95 10.21 1.44
CA ALA A 35 9.10 10.94 2.07
C ALA A 35 8.58 12.31 2.58
N ASP A 36 9.42 13.14 3.16
CA ASP A 36 8.91 14.46 3.65
C ASP A 36 9.06 15.48 2.52
N ARG A 37 9.11 14.99 1.31
CA ARG A 37 9.30 15.86 0.12
C ARG A 37 7.92 16.38 -0.31
N PRO A 38 7.86 17.53 -0.96
CA PRO A 38 6.57 18.15 -1.40
C PRO A 38 5.55 17.13 -1.86
N CYS A 39 5.26 17.12 -3.13
CA CYS A 39 4.26 16.16 -3.70
C CYS A 39 2.98 16.16 -2.87
N ARG A 40 1.99 15.42 -3.31
CA ARG A 40 0.72 15.37 -2.59
C ARG A 40 0.86 14.64 -1.27
N LYS A 41 1.93 13.92 -1.06
CA LYS A 41 2.11 13.20 0.25
C LYS A 41 1.04 12.09 0.41
N LEU A 42 -0.13 12.31 -0.12
CA LEU A 42 -1.25 11.30 0.01
C LEU A 42 -1.00 9.99 -0.78
N HIS A 43 -0.02 9.95 -1.64
CA HIS A 43 0.25 8.67 -2.42
C HIS A 43 0.20 7.46 -1.47
N PHE A 44 -0.13 6.27 -1.99
CA PHE A 44 -0.25 5.01 -1.16
C PHE A 44 0.76 4.99 0.00
N ARG A 45 0.28 4.73 1.20
CA ARG A 45 1.22 4.66 2.36
C ARG A 45 1.48 3.18 2.61
N ARG A 46 2.65 2.71 2.26
CA ARG A 46 2.97 1.28 2.44
C ARG A 46 4.07 1.14 3.52
N ILE A 47 4.11 0.01 4.21
CA ILE A 47 5.16 -0.19 5.28
C ILE A 47 6.33 -1.03 4.76
N ILE A 48 7.46 -0.38 4.61
CA ILE A 48 8.69 -1.06 4.08
C ILE A 48 9.74 -1.22 5.20
N ASN A 49 10.64 -2.17 5.06
CA ASN A 49 11.69 -2.36 6.11
C ASN A 49 13.06 -2.50 5.43
N LYS A 50 14.12 -2.31 6.16
CA LYS A 50 15.49 -2.42 5.56
C LYS A 50 15.69 -3.83 5.00
N HIS A 51 16.52 -3.99 4.00
CA HIS A 51 16.72 -5.34 3.43
C HIS A 51 17.21 -6.32 4.51
N THR A 52 16.31 -7.11 5.04
CA THR A 52 16.67 -8.09 6.09
C THR A 52 17.18 -9.37 5.42
N ASP A 53 17.87 -10.23 6.12
CA ASP A 53 18.37 -11.50 5.53
C ASP A 53 17.21 -12.50 5.54
N GLU A 54 16.97 -13.13 4.43
CA GLU A 54 15.84 -14.09 4.30
C GLU A 54 16.08 -15.43 5.04
N SER A 55 17.18 -15.61 5.72
CA SER A 55 17.37 -16.89 6.44
C SER A 55 16.53 -16.84 7.71
N LEU A 56 16.15 -15.65 8.12
CA LEU A 56 15.30 -15.46 9.31
C LEU A 56 13.90 -15.92 8.93
N GLY A 57 13.38 -16.97 9.51
CA GLY A 57 12.01 -17.40 9.14
C GLY A 57 11.96 -17.64 7.64
N ASP A 58 10.83 -17.40 7.04
CA ASP A 58 10.68 -17.62 5.57
C ASP A 58 9.32 -17.11 5.12
N CYS A 59 9.28 -15.97 4.46
CA CYS A 59 7.99 -15.37 3.98
C CYS A 59 7.99 -15.18 2.46
N SER A 60 6.97 -14.58 1.92
CA SER A 60 6.92 -14.36 0.46
C SER A 60 5.69 -13.53 0.11
N PHE A 61 5.46 -12.47 0.85
CA PHE A 61 4.26 -11.61 0.58
C PHE A 61 4.03 -11.46 -0.92
N LEU A 62 5.04 -11.58 -1.75
CA LEU A 62 4.83 -11.41 -3.21
C LEU A 62 3.63 -12.20 -3.73
N ASN A 63 3.07 -13.11 -2.96
CA ASN A 63 1.90 -13.91 -3.46
C ASN A 63 1.19 -14.53 -2.24
N THR A 64 1.85 -15.49 -1.62
CA THR A 64 1.26 -16.18 -0.43
C THR A 64 2.31 -16.14 0.68
N CYS A 65 1.88 -15.74 1.85
CA CYS A 65 2.76 -15.66 3.07
C CYS A 65 2.93 -17.07 3.61
N PHE A 66 2.18 -18.03 3.14
CA PHE A 66 2.36 -19.42 3.65
C PHE A 66 2.23 -19.37 5.16
N HIS A 67 3.30 -19.67 5.86
CA HIS A 67 3.27 -19.61 7.36
C HIS A 67 3.17 -18.14 7.81
N MET A 68 2.33 -17.87 8.75
CA MET A 68 2.21 -16.46 9.23
C MET A 68 3.16 -16.26 10.42
N ASP A 69 3.30 -17.29 11.21
CA ASP A 69 4.19 -17.24 12.41
C ASP A 69 5.52 -16.54 12.05
N THR A 70 5.84 -16.41 10.80
CA THR A 70 7.16 -15.75 10.44
C THR A 70 6.96 -14.24 10.24
N CYS A 71 6.65 -13.82 9.04
CA CYS A 71 6.46 -12.35 8.81
C CYS A 71 7.54 -11.51 9.53
N LYS A 72 8.76 -11.77 9.19
CA LYS A 72 9.89 -11.03 9.78
C LYS A 72 9.84 -9.64 9.17
N TYR A 73 10.94 -9.11 8.72
CA TYR A 73 10.91 -7.73 8.15
C TYR A 73 10.61 -7.73 6.65
N VAL A 74 10.89 -8.83 5.96
CA VAL A 74 10.64 -8.88 4.49
C VAL A 74 9.15 -8.80 4.20
N HIS A 75 8.58 -7.65 4.40
CA HIS A 75 7.13 -7.48 4.14
C HIS A 75 6.93 -6.13 3.45
N TYR A 76 5.90 -6.01 2.64
CA TYR A 76 5.64 -4.74 1.92
C TYR A 76 4.12 -4.62 1.72
N GLU A 77 3.43 -3.97 2.64
CA GLU A 77 1.93 -3.87 2.51
C GLU A 77 1.53 -2.45 2.11
N ILE A 78 0.52 -2.33 1.28
CA ILE A 78 0.04 -1.01 0.81
C ILE A 78 -1.41 -0.79 1.28
N ASP A 79 -1.75 0.42 1.66
CA ASP A 79 -3.10 0.78 2.12
C ASP A 79 -3.64 1.94 1.32
N ALA A 80 -4.62 1.80 0.50
CA ALA A 80 -5.15 2.97 -0.26
C ALA A 80 -6.66 2.76 -0.40
N SER A 81 -7.41 3.76 -0.76
CA SER A 81 -8.86 3.59 -0.91
C SER A 81 -9.16 2.42 -1.84
N MET A 82 -9.92 1.44 -1.40
CA MET A 82 -10.26 0.28 -2.27
C MET A 82 -11.52 0.60 -3.08
N ASP A 83 -11.55 0.20 -4.32
CA ASP A 83 -12.75 0.48 -5.17
C ASP A 83 -13.92 -0.42 -4.73
N SER A 84 -15.11 -0.15 -5.21
CA SER A 84 -16.27 -0.98 -4.83
C SER A 84 -16.30 -2.25 -5.69
N GLU A 85 -15.35 -2.39 -6.58
CA GLU A 85 -15.32 -3.61 -7.45
C GLU A 85 -16.69 -3.82 -8.09
N ALA A 86 -16.89 -4.94 -8.72
CA ALA A 86 -18.21 -5.21 -9.37
C ALA A 86 -19.28 -5.42 -8.29
N PRO A 87 -20.29 -4.58 -8.26
CA PRO A 87 -21.39 -4.69 -7.26
C PRO A 87 -21.85 -6.14 -7.06
N GLY A 88 -22.20 -6.51 -5.86
CA GLY A 88 -22.65 -7.90 -5.60
C GLY A 88 -21.44 -8.81 -5.41
N SER A 89 -20.28 -8.23 -5.25
CA SER A 89 -19.06 -9.07 -5.05
C SER A 89 -17.97 -8.23 -4.36
N LYS A 90 -18.29 -7.65 -3.24
CA LYS A 90 -17.26 -6.83 -2.53
C LYS A 90 -16.10 -7.72 -2.10
N ASP A 91 -16.37 -8.91 -1.65
CA ASP A 91 -15.27 -9.83 -1.23
C ASP A 91 -15.81 -11.26 -1.18
N HIS A 92 -14.94 -12.23 -1.23
CA HIS A 92 -15.40 -13.65 -1.19
C HIS A 92 -15.98 -13.95 0.19
N THR A 93 -17.01 -14.74 0.26
CA THR A 93 -17.62 -15.07 1.57
C THR A 93 -16.59 -15.78 2.45
N PRO A 94 -16.70 -15.64 3.75
CA PRO A 94 -15.77 -16.28 4.71
C PRO A 94 -15.37 -17.70 4.29
N SER A 95 -14.33 -18.23 4.85
CA SER A 95 -13.90 -19.62 4.47
C SER A 95 -13.05 -20.20 5.60
N GLN A 96 -12.32 -19.37 6.29
CA GLN A 96 -11.46 -19.88 7.40
C GLN A 96 -12.34 -20.44 8.52
N GLU A 97 -13.44 -19.78 8.80
CA GLU A 97 -14.34 -20.27 9.88
C GLU A 97 -14.84 -21.67 9.54
N LEU A 98 -14.50 -22.16 8.37
CA LEU A 98 -14.96 -23.53 7.98
C LEU A 98 -14.45 -24.53 9.02
N ALA A 99 -13.19 -24.46 9.37
CA ALA A 99 -12.63 -25.40 10.37
C ALA A 99 -13.47 -25.35 11.64
N LEU A 100 -13.71 -26.48 12.25
CA LEU A 100 -14.53 -26.50 13.51
C LEU A 100 -13.62 -26.20 14.71
N THR A 101 -12.35 -26.48 14.58
CA THR A 101 -11.42 -26.23 15.71
C THR A 101 -11.15 -24.72 15.82
N GLN A 102 -10.68 -24.27 16.94
CA GLN A 102 -10.40 -22.81 17.10
C GLN A 102 -9.58 -22.59 18.38
N SER A 4 0.54 26.29 0.95
CA SER A 4 0.69 25.44 -0.28
C SER A 4 -0.46 25.75 -1.23
N ILE A 5 -0.15 26.11 -2.44
CA ILE A 5 -1.23 26.43 -3.43
C ILE A 5 -1.75 25.11 -4.01
N VAL A 6 -0.88 24.18 -4.17
CA VAL A 6 -1.27 22.84 -4.71
C VAL A 6 -2.51 22.34 -3.97
N GLU A 7 -2.69 22.74 -2.75
CA GLU A 7 -3.89 22.32 -1.99
C GLU A 7 -5.09 23.09 -2.55
N LYS A 8 -4.90 24.32 -2.91
CA LYS A 8 -6.03 25.11 -3.49
C LYS A 8 -6.57 24.35 -4.69
N PHE A 9 -5.74 23.58 -5.33
CA PHE A 9 -6.21 22.80 -6.51
C PHE A 9 -7.04 21.62 -6.04
N ARG A 10 -6.65 20.96 -4.98
CA ARG A 10 -7.48 19.81 -4.51
C ARG A 10 -8.80 20.35 -3.98
N SER A 11 -8.75 21.48 -3.33
CA SER A 11 -9.99 22.05 -2.74
C SER A 11 -10.99 22.50 -3.82
N ARG A 12 -10.56 22.99 -4.96
CA ARG A 12 -11.56 23.42 -5.99
C ARG A 12 -12.16 22.18 -6.68
N GLY A 13 -11.56 21.03 -6.47
CA GLY A 13 -12.09 19.77 -7.09
C GLY A 13 -11.83 19.73 -8.61
N ARG A 14 -10.84 20.44 -9.08
CA ARG A 14 -10.53 20.43 -10.55
C ARG A 14 -10.41 18.98 -11.04
N ALA A 15 -11.34 18.51 -11.85
CA ALA A 15 -11.24 17.09 -12.33
C ALA A 15 -9.98 16.92 -13.19
N GLN A 16 -9.60 17.95 -13.91
CA GLN A 16 -8.38 17.90 -14.79
C GLN A 16 -7.11 17.71 -13.94
N VAL A 17 -7.16 18.03 -12.68
CA VAL A 17 -5.97 17.87 -11.82
C VAL A 17 -5.84 16.41 -11.36
N GLN A 18 -6.92 15.66 -11.43
CA GLN A 18 -6.87 14.22 -10.99
C GLN A 18 -6.02 13.42 -11.99
N GLU A 19 -5.29 14.08 -12.86
CA GLU A 19 -4.44 13.34 -13.85
C GLU A 19 -3.01 13.26 -13.30
N PHE A 20 -2.73 13.96 -12.22
CA PHE A 20 -1.35 13.94 -11.64
C PHE A 20 -1.42 14.38 -10.17
N CYS A 21 -0.30 14.34 -9.50
CA CYS A 21 -0.26 14.78 -8.09
C CYS A 21 0.13 16.25 -8.07
N ASP A 22 1.28 16.59 -7.54
CA ASP A 22 1.69 18.02 -7.55
C ASP A 22 2.37 18.29 -8.89
N TYR A 23 3.45 17.61 -9.17
CA TYR A 23 4.16 17.80 -10.46
C TYR A 23 3.76 16.69 -11.42
N GLY A 24 4.24 15.50 -11.19
CA GLY A 24 3.89 14.37 -12.08
C GLY A 24 5.19 13.78 -12.62
N THR A 25 6.16 13.61 -11.77
CA THR A 25 7.46 13.05 -12.24
C THR A 25 7.40 11.52 -12.13
N LYS A 26 8.13 10.86 -12.95
CA LYS A 26 8.09 9.37 -12.96
C LYS A 26 8.98 8.82 -11.84
N GLU A 27 10.28 8.93 -11.98
CA GLU A 27 11.18 8.37 -10.96
C GLU A 27 11.42 9.36 -9.80
N GLU A 28 11.17 10.64 -10.02
CA GLU A 28 11.43 11.63 -8.94
C GLU A 28 10.26 11.67 -7.95
N CYS A 29 9.05 11.72 -8.44
CA CYS A 29 7.90 11.77 -7.48
C CYS A 29 7.88 10.47 -6.68
N MET A 30 8.12 9.36 -7.33
CA MET A 30 8.12 8.06 -6.62
C MET A 30 8.90 8.22 -5.30
N LYS A 31 10.13 8.67 -5.41
CA LYS A 31 10.96 8.89 -4.17
C LYS A 31 10.18 9.77 -3.18
N ALA A 32 9.32 10.59 -3.70
CA ALA A 32 8.52 11.53 -2.86
C ALA A 32 7.20 10.85 -2.38
N SER A 33 6.73 9.84 -3.08
CA SER A 33 5.45 9.14 -2.70
C SER A 33 5.47 8.79 -1.20
N ASP A 34 6.52 8.16 -0.76
CA ASP A 34 6.62 7.78 0.68
C ASP A 34 7.85 8.43 1.35
N ALA A 35 8.04 9.72 1.25
CA ALA A 35 9.21 10.38 1.90
C ALA A 35 8.75 11.73 2.50
N ASP A 36 9.62 12.49 3.13
CA ASP A 36 9.17 13.80 3.68
C ASP A 36 9.36 14.87 2.62
N ARG A 37 9.33 14.45 1.39
CA ARG A 37 9.54 15.39 0.25
C ARG A 37 8.20 16.03 -0.11
N PRO A 38 8.20 17.22 -0.71
CA PRO A 38 6.95 17.95 -1.07
C PRO A 38 5.85 17.02 -1.56
N CYS A 39 5.48 17.13 -2.80
CA CYS A 39 4.40 16.29 -3.38
C CYS A 39 3.17 16.27 -2.46
N ARG A 40 2.13 15.59 -2.86
CA ARG A 40 0.91 15.52 -2.06
C ARG A 40 1.13 14.68 -0.83
N LYS A 41 2.19 13.90 -0.74
CA LYS A 41 2.42 13.06 0.47
C LYS A 41 1.33 11.98 0.60
N LEU A 42 0.13 12.28 0.17
CA LEU A 42 -1.01 11.28 0.28
C LEU A 42 -0.84 10.04 -0.63
N HIS A 43 0.12 10.03 -1.53
CA HIS A 43 0.30 8.83 -2.41
C HIS A 43 0.22 7.53 -1.58
N PHE A 44 -0.07 6.39 -2.21
CA PHE A 44 -0.21 5.06 -1.49
C PHE A 44 0.72 4.96 -0.26
N ARG A 45 0.19 4.57 0.87
CA ARG A 45 1.05 4.42 2.07
C ARG A 45 1.37 2.93 2.20
N ARG A 46 2.58 2.55 1.94
CA ARG A 46 2.96 1.13 2.00
C ARG A 46 3.93 0.90 3.17
N ILE A 47 3.83 -0.22 3.88
CA ILE A 47 4.75 -0.49 5.03
C ILE A 47 6.01 -1.22 4.57
N ILE A 48 7.10 -0.48 4.50
CA ILE A 48 8.41 -1.05 4.04
C ILE A 48 9.38 -1.21 5.24
N ASN A 49 10.34 -2.09 5.11
CA ASN A 49 11.32 -2.28 6.23
C ASN A 49 12.73 -2.40 5.65
N LYS A 50 13.75 -2.19 6.46
CA LYS A 50 15.15 -2.29 5.95
C LYS A 50 15.39 -3.69 5.36
N HIS A 51 16.25 -3.80 4.39
CA HIS A 51 16.49 -5.14 3.79
C HIS A 51 17.00 -6.12 4.84
N THR A 52 16.16 -7.03 5.26
CA THR A 52 16.56 -8.03 6.28
C THR A 52 17.06 -9.30 5.56
N ASP A 53 17.79 -10.16 6.23
CA ASP A 53 18.29 -11.40 5.60
C ASP A 53 17.13 -12.39 5.54
N GLU A 54 16.82 -12.88 4.38
CA GLU A 54 15.67 -13.81 4.21
C GLU A 54 15.91 -15.20 4.81
N SER A 55 17.01 -15.45 5.48
CA SER A 55 17.20 -16.79 6.08
C SER A 55 16.41 -16.83 7.39
N LEU A 56 16.08 -15.68 7.90
CA LEU A 56 15.30 -15.57 9.16
C LEU A 56 13.91 -16.11 8.84
N GLY A 57 13.55 -17.26 9.32
CA GLY A 57 12.18 -17.79 9.04
C GLY A 57 11.95 -17.71 7.53
N ASP A 58 10.86 -17.11 7.14
CA ASP A 58 10.53 -17.00 5.69
C ASP A 58 9.23 -16.21 5.51
N CYS A 59 8.77 -16.06 4.28
CA CYS A 59 7.49 -15.31 4.02
C CYS A 59 7.25 -15.15 2.52
N SER A 60 7.95 -14.24 1.89
CA SER A 60 7.74 -14.02 0.44
C SER A 60 6.31 -13.57 0.19
N PHE A 61 5.83 -12.63 0.97
CA PHE A 61 4.43 -12.15 0.80
C PHE A 61 4.08 -11.98 -0.68
N LEU A 62 5.05 -11.92 -1.57
CA LEU A 62 4.74 -11.75 -3.01
C LEU A 62 3.54 -12.59 -3.47
N ASN A 63 3.14 -13.59 -2.71
CA ASN A 63 1.99 -14.44 -3.15
C ASN A 63 1.35 -15.08 -1.90
N THR A 64 2.07 -15.98 -1.28
CA THR A 64 1.57 -16.68 -0.07
C THR A 64 2.55 -16.40 1.08
N CYS A 65 2.01 -16.10 2.22
CA CYS A 65 2.82 -15.83 3.45
C CYS A 65 3.10 -17.16 4.13
N PHE A 66 2.53 -18.24 3.68
CA PHE A 66 2.83 -19.55 4.32
C PHE A 66 2.47 -19.43 5.79
N HIS A 67 3.42 -19.65 6.66
CA HIS A 67 3.17 -19.53 8.13
C HIS A 67 3.00 -18.04 8.48
N MET A 68 2.19 -17.75 9.44
CA MET A 68 1.99 -16.31 9.82
C MET A 68 3.00 -15.99 10.94
N ASP A 69 3.16 -16.91 11.85
CA ASP A 69 4.10 -16.71 13.00
C ASP A 69 5.42 -16.07 12.51
N THR A 70 5.68 -16.08 11.23
CA THR A 70 6.97 -15.48 10.74
C THR A 70 6.79 -13.98 10.48
N CYS A 71 6.51 -13.59 9.25
CA CYS A 71 6.34 -12.14 8.97
C CYS A 71 7.40 -11.27 9.68
N LYS A 72 8.63 -11.63 9.46
CA LYS A 72 9.75 -10.88 10.07
C LYS A 72 9.72 -9.50 9.44
N TYR A 73 10.83 -8.97 9.01
CA TYR A 73 10.82 -7.60 8.43
C TYR A 73 10.52 -7.63 6.93
N VAL A 74 10.62 -8.77 6.29
CA VAL A 74 10.37 -8.84 4.82
C VAL A 74 8.88 -8.73 4.52
N HIS A 75 8.40 -7.53 4.40
CA HIS A 75 6.96 -7.31 4.11
C HIS A 75 6.81 -5.96 3.44
N TYR A 76 6.03 -5.88 2.41
CA TYR A 76 5.82 -4.58 1.69
C TYR A 76 4.37 -4.56 1.18
N GLU A 77 3.44 -4.05 1.96
CA GLU A 77 2.01 -4.04 1.50
C GLU A 77 1.50 -2.61 1.34
N ILE A 78 0.70 -2.38 0.32
CA ILE A 78 0.16 -1.03 0.05
C ILE A 78 -1.24 -0.90 0.69
N ASP A 79 -1.61 0.28 1.13
CA ASP A 79 -2.91 0.56 1.74
C ASP A 79 -3.63 1.67 1.01
N ALA A 80 -4.60 1.43 0.21
CA ALA A 80 -5.30 2.54 -0.49
C ALA A 80 -6.78 2.16 -0.56
N SER A 81 -7.67 3.08 -0.80
CA SER A 81 -9.09 2.75 -0.88
C SER A 81 -9.34 1.70 -1.95
N MET A 82 -10.21 0.75 -1.71
CA MET A 82 -10.51 -0.29 -2.74
C MET A 82 -11.51 0.25 -3.75
N ASP A 83 -11.36 -0.12 -5.00
CA ASP A 83 -12.31 0.38 -6.04
C ASP A 83 -13.52 -0.55 -6.13
N SER A 84 -14.69 -0.03 -5.90
CA SER A 84 -15.92 -0.87 -5.97
C SER A 84 -16.11 -1.38 -7.40
N GLU A 85 -15.58 -0.66 -8.37
CA GLU A 85 -15.73 -1.11 -9.79
C GLU A 85 -15.14 -2.51 -9.96
N ALA A 86 -14.03 -2.77 -9.32
CA ALA A 86 -13.39 -4.11 -9.44
C ALA A 86 -14.41 -5.20 -9.09
N PRO A 87 -14.26 -6.38 -9.64
CA PRO A 87 -15.21 -7.51 -9.38
C PRO A 87 -14.99 -8.11 -7.98
N GLY A 88 -15.99 -8.75 -7.44
CA GLY A 88 -15.84 -9.35 -6.09
C GLY A 88 -16.21 -8.32 -5.03
N SER A 89 -16.35 -7.08 -5.41
CA SER A 89 -16.71 -6.03 -4.42
C SER A 89 -18.22 -6.06 -4.16
N LYS A 90 -18.95 -6.76 -4.96
CA LYS A 90 -20.43 -6.84 -4.76
C LYS A 90 -20.73 -7.51 -3.43
N ASP A 91 -20.01 -8.55 -3.10
CA ASP A 91 -20.25 -9.25 -1.81
C ASP A 91 -19.12 -10.26 -1.57
N HIS A 92 -17.93 -9.79 -1.29
CA HIS A 92 -16.80 -10.73 -1.04
C HIS A 92 -17.06 -11.51 0.24
N THR A 93 -16.97 -12.81 0.19
CA THR A 93 -17.22 -13.63 1.41
C THR A 93 -15.98 -13.59 2.31
N PRO A 94 -16.16 -13.73 3.59
CA PRO A 94 -15.04 -13.72 4.57
C PRO A 94 -13.80 -14.45 4.05
N SER A 95 -13.88 -15.75 3.92
CA SER A 95 -12.70 -16.51 3.41
C SER A 95 -13.17 -17.86 2.85
N GLN A 96 -12.45 -18.40 1.90
CA GLN A 96 -12.86 -19.70 1.32
C GLN A 96 -12.89 -20.77 2.42
N GLU A 97 -11.88 -20.81 3.25
CA GLU A 97 -11.85 -21.83 4.33
C GLU A 97 -12.70 -21.34 5.51
N LEU A 98 -12.60 -21.98 6.64
CA LEU A 98 -13.41 -21.55 7.81
C LEU A 98 -12.85 -20.21 8.33
N ALA A 99 -13.60 -19.54 9.16
CA ALA A 99 -13.13 -18.24 9.70
C ALA A 99 -13.98 -17.83 10.90
N LEU A 100 -15.23 -18.24 10.92
CA LEU A 100 -16.11 -17.88 12.07
C LEU A 100 -15.58 -18.55 13.35
N THR A 101 -15.01 -17.77 14.23
CA THR A 101 -14.48 -18.35 15.49
C THR A 101 -15.63 -18.89 16.34
N GLN A 102 -15.49 -20.07 16.86
CA GLN A 102 -16.59 -20.65 17.69
C GLN A 102 -16.79 -19.78 18.93
N SER A 4 2.96 25.91 0.44
CA SER A 4 1.93 24.82 0.32
C SER A 4 0.83 25.27 -0.65
N ILE A 5 1.18 25.44 -1.89
CA ILE A 5 0.16 25.89 -2.90
C ILE A 5 -0.59 24.66 -3.39
N VAL A 6 0.10 23.56 -3.48
CA VAL A 6 -0.51 22.29 -3.96
C VAL A 6 -1.80 22.04 -3.17
N GLU A 7 -1.89 22.55 -1.97
CA GLU A 7 -3.13 22.36 -1.17
C GLU A 7 -4.25 23.17 -1.84
N LYS A 8 -3.93 24.33 -2.36
CA LYS A 8 -4.97 25.15 -3.04
C LYS A 8 -5.60 24.29 -4.14
N PHE A 9 -4.81 23.46 -4.77
CA PHE A 9 -5.36 22.59 -5.84
C PHE A 9 -6.28 21.54 -5.21
N ARG A 10 -5.99 21.06 -4.04
CA ARG A 10 -6.90 20.05 -3.44
C ARG A 10 -8.20 20.75 -3.05
N SER A 11 -8.14 22.03 -2.77
CA SER A 11 -9.36 22.76 -2.35
C SER A 11 -10.15 23.30 -3.55
N ARG A 12 -9.56 23.46 -4.71
CA ARG A 12 -10.38 23.98 -5.85
C ARG A 12 -11.27 22.87 -6.41
N GLY A 13 -10.91 21.63 -6.16
CA GLY A 13 -11.75 20.48 -6.62
C GLY A 13 -11.65 20.30 -8.16
N ARG A 14 -10.69 20.92 -8.79
CA ARG A 14 -10.53 20.78 -10.28
C ARG A 14 -10.65 19.28 -10.66
N ALA A 15 -11.23 18.97 -11.80
CA ALA A 15 -11.34 17.53 -12.19
C ALA A 15 -10.13 17.12 -13.03
N GLN A 16 -9.59 18.05 -13.80
CA GLN A 16 -8.40 17.76 -14.67
C GLN A 16 -7.15 17.51 -13.82
N VAL A 17 -7.08 18.09 -12.66
CA VAL A 17 -5.88 17.89 -11.80
C VAL A 17 -5.81 16.43 -11.37
N GLN A 18 -6.89 15.69 -11.49
CA GLN A 18 -6.89 14.24 -11.09
C GLN A 18 -6.06 13.43 -12.09
N GLU A 19 -5.33 14.10 -12.97
CA GLU A 19 -4.51 13.36 -13.97
C GLU A 19 -3.06 13.28 -13.48
N PHE A 20 -2.75 13.97 -12.38
CA PHE A 20 -1.36 13.96 -11.83
C PHE A 20 -1.40 14.38 -10.36
N CYS A 21 -0.29 14.26 -9.71
CA CYS A 21 -0.21 14.70 -8.28
C CYS A 21 0.22 16.15 -8.25
N ASP A 22 1.36 16.47 -7.69
CA ASP A 22 1.80 17.88 -7.69
C ASP A 22 2.52 18.15 -9.01
N TYR A 23 3.58 17.44 -9.27
CA TYR A 23 4.34 17.63 -10.54
C TYR A 23 3.94 16.51 -11.51
N GLY A 24 4.41 15.33 -11.27
CA GLY A 24 4.07 14.19 -12.17
C GLY A 24 5.37 13.61 -12.71
N THR A 25 6.10 12.91 -11.88
CA THR A 25 7.38 12.32 -12.36
C THR A 25 7.35 10.81 -12.07
N LYS A 26 8.10 10.08 -12.84
CA LYS A 26 8.11 8.61 -12.68
C LYS A 26 9.01 8.21 -11.52
N GLU A 27 10.30 8.31 -11.67
CA GLU A 27 11.22 7.90 -10.58
C GLU A 27 11.44 9.04 -9.56
N GLU A 28 11.22 10.27 -9.96
CA GLU A 28 11.47 11.40 -9.00
C GLU A 28 10.30 11.53 -8.03
N CYS A 29 9.09 11.52 -8.51
CA CYS A 29 7.94 11.67 -7.56
C CYS A 29 7.86 10.42 -6.70
N MET A 30 8.06 9.27 -7.29
CA MET A 30 7.98 8.01 -6.50
C MET A 30 8.80 8.19 -5.21
N LYS A 31 10.04 8.60 -5.35
CA LYS A 31 10.90 8.84 -4.14
C LYS A 31 10.14 9.73 -3.14
N ALA A 32 9.39 10.65 -3.66
CA ALA A 32 8.62 11.62 -2.81
C ALA A 32 7.28 10.99 -2.37
N SER A 33 6.85 9.92 -3.01
CA SER A 33 5.54 9.25 -2.63
C SER A 33 5.52 8.94 -1.12
N ASP A 34 6.51 8.24 -0.66
CA ASP A 34 6.54 7.89 0.80
C ASP A 34 7.70 8.60 1.52
N ALA A 35 7.85 9.91 1.36
CA ALA A 35 8.96 10.64 2.07
C ALA A 35 8.41 11.99 2.56
N ASP A 36 9.18 12.77 3.29
CA ASP A 36 8.64 14.09 3.76
C ASP A 36 8.85 15.12 2.65
N ARG A 37 8.92 14.65 1.45
CA ARG A 37 9.17 15.54 0.28
C ARG A 37 7.82 16.13 -0.17
N PRO A 38 7.84 17.32 -0.77
CA PRO A 38 6.58 18.01 -1.21
C PRO A 38 5.52 17.05 -1.74
N CYS A 39 5.25 17.11 -3.02
CA CYS A 39 4.21 16.22 -3.62
C CYS A 39 2.92 16.25 -2.81
N ARG A 40 1.91 15.53 -3.26
CA ARG A 40 0.64 15.50 -2.55
C ARG A 40 0.74 14.67 -1.30
N LYS A 41 1.79 13.90 -1.10
CA LYS A 41 1.92 13.08 0.14
C LYS A 41 0.84 11.99 0.17
N LEU A 42 -0.32 12.25 -0.41
CA LEU A 42 -1.45 11.24 -0.40
C LEU A 42 -1.11 9.93 -1.16
N HIS A 43 -0.09 9.91 -1.97
CA HIS A 43 0.25 8.63 -2.72
C HIS A 43 0.24 7.44 -1.75
N PHE A 44 -0.08 6.23 -2.23
CA PHE A 44 -0.14 4.99 -1.37
C PHE A 44 0.80 5.06 -0.16
N ARG A 45 0.28 4.80 1.02
CA ARG A 45 1.17 4.81 2.21
C ARG A 45 1.52 3.36 2.52
N ARG A 46 2.69 2.94 2.15
CA ARG A 46 3.10 1.53 2.37
C ARG A 46 4.24 1.49 3.41
N ILE A 47 4.25 0.50 4.29
CA ILE A 47 5.34 0.40 5.32
C ILE A 47 6.46 -0.55 4.87
N ILE A 48 7.66 -0.04 4.87
CA ILE A 48 8.84 -0.85 4.41
C ILE A 48 9.79 -1.13 5.60
N ASN A 49 10.59 -2.17 5.51
CA ASN A 49 11.53 -2.48 6.63
C ASN A 49 12.97 -2.47 6.10
N LYS A 50 13.95 -2.38 6.97
CA LYS A 50 15.37 -2.36 6.51
C LYS A 50 15.68 -3.67 5.77
N HIS A 51 16.63 -3.66 4.87
CA HIS A 51 16.94 -4.91 4.12
C HIS A 51 17.33 -6.02 5.09
N THR A 52 16.39 -6.88 5.41
CA THR A 52 16.65 -8.00 6.34
C THR A 52 17.16 -9.21 5.51
N ASP A 53 17.81 -10.16 6.13
CA ASP A 53 18.30 -11.36 5.39
C ASP A 53 17.16 -12.37 5.35
N GLU A 54 17.00 -13.03 4.25
CA GLU A 54 15.89 -14.01 4.07
C GLU A 54 16.17 -15.38 4.69
N SER A 55 17.27 -15.59 5.39
CA SER A 55 17.50 -16.91 6.00
C SER A 55 16.74 -16.95 7.33
N LEU A 56 16.40 -15.80 7.84
CA LEU A 56 15.65 -15.69 9.10
C LEU A 56 14.22 -16.17 8.80
N GLY A 57 13.77 -17.24 9.38
CA GLY A 57 12.38 -17.69 9.09
C GLY A 57 12.19 -17.78 7.58
N ASP A 58 11.11 -17.26 7.09
CA ASP A 58 10.83 -17.31 5.62
C ASP A 58 9.55 -16.52 5.33
N CYS A 59 9.28 -16.27 4.06
CA CYS A 59 8.03 -15.52 3.66
C CYS A 59 7.90 -15.45 2.14
N SER A 60 6.92 -14.73 1.65
CA SER A 60 6.73 -14.62 0.19
C SER A 60 5.52 -13.74 -0.10
N PHE A 61 5.40 -12.65 0.60
CA PHE A 61 4.24 -11.73 0.37
C PHE A 61 3.90 -11.63 -1.10
N LEU A 62 4.83 -11.87 -2.00
CA LEU A 62 4.53 -11.77 -3.45
C LEU A 62 3.30 -12.59 -3.87
N ASN A 63 2.88 -13.55 -3.07
CA ASN A 63 1.70 -14.38 -3.46
C ASN A 63 0.97 -14.83 -2.18
N THR A 64 1.61 -15.72 -1.44
CA THR A 64 1.02 -16.24 -0.18
C THR A 64 2.13 -16.27 0.88
N CYS A 65 1.79 -15.79 2.05
CA CYS A 65 2.75 -15.76 3.21
C CYS A 65 2.77 -17.14 3.85
N PHE A 66 1.97 -18.06 3.38
CA PHE A 66 2.01 -19.43 3.96
C PHE A 66 1.74 -19.28 5.46
N HIS A 67 2.69 -19.69 6.28
CA HIS A 67 2.54 -19.58 7.75
C HIS A 67 2.45 -18.09 8.14
N MET A 68 1.80 -17.80 9.21
CA MET A 68 1.72 -16.37 9.64
C MET A 68 2.87 -16.11 10.63
N ASP A 69 3.03 -17.02 11.55
CA ASP A 69 4.12 -16.90 12.57
C ASP A 69 5.50 -16.78 11.90
N THR A 70 5.57 -16.96 10.61
CA THR A 70 6.91 -16.88 9.93
C THR A 70 7.11 -15.50 9.31
N CYS A 71 6.65 -14.46 9.94
CA CYS A 71 6.79 -13.09 9.34
C CYS A 71 7.88 -12.27 10.05
N LYS A 72 9.05 -12.27 9.46
CA LYS A 72 10.18 -11.51 10.03
C LYS A 72 10.02 -10.08 9.52
N TYR A 73 11.02 -9.47 8.99
CA TYR A 73 10.89 -8.06 8.54
C TYR A 73 10.50 -7.97 7.06
N VAL A 74 11.13 -8.74 6.21
CA VAL A 74 10.83 -8.66 4.74
C VAL A 74 9.32 -8.58 4.51
N HIS A 75 8.79 -7.39 4.46
CA HIS A 75 7.34 -7.22 4.23
C HIS A 75 7.11 -5.82 3.68
N TYR A 76 6.24 -5.69 2.73
CA TYR A 76 5.95 -4.36 2.11
C TYR A 76 4.46 -4.30 1.81
N GLU A 77 3.65 -3.76 2.69
CA GLU A 77 2.17 -3.72 2.44
C GLU A 77 1.71 -2.29 2.12
N ILE A 78 0.79 -2.16 1.19
CA ILE A 78 0.28 -0.83 0.78
C ILE A 78 -1.14 -0.63 1.35
N ASP A 79 -1.50 0.58 1.72
CA ASP A 79 -2.81 0.92 2.25
C ASP A 79 -3.49 1.94 1.36
N ALA A 80 -4.45 1.61 0.57
CA ALA A 80 -5.12 2.63 -0.28
C ALA A 80 -6.61 2.25 -0.35
N SER A 81 -7.47 3.11 -0.81
CA SER A 81 -8.89 2.77 -0.89
C SER A 81 -9.10 1.54 -1.74
N MET A 82 -9.75 0.52 -1.23
CA MET A 82 -9.99 -0.72 -2.03
C MET A 82 -11.14 -0.48 -3.02
N ASP A 83 -11.06 -1.07 -4.18
CA ASP A 83 -12.14 -0.87 -5.19
C ASP A 83 -13.41 -1.61 -4.74
N SER A 84 -14.54 -0.96 -4.81
CA SER A 84 -15.81 -1.63 -4.39
C SER A 84 -16.34 -2.48 -5.55
N GLU A 85 -15.63 -2.53 -6.64
CA GLU A 85 -16.10 -3.33 -7.81
C GLU A 85 -17.55 -2.95 -8.15
N ALA A 86 -18.13 -3.60 -9.11
CA ALA A 86 -19.53 -3.29 -9.50
C ALA A 86 -20.51 -3.98 -8.54
N PRO A 87 -21.66 -3.40 -8.30
CA PRO A 87 -22.68 -3.99 -7.39
C PRO A 87 -22.75 -5.52 -7.52
N GLY A 88 -23.29 -6.18 -6.54
CA GLY A 88 -23.40 -7.67 -6.61
C GLY A 88 -22.05 -8.29 -6.22
N SER A 89 -21.17 -7.52 -5.65
CA SER A 89 -19.84 -8.06 -5.24
C SER A 89 -20.05 -9.25 -4.30
N LYS A 90 -19.25 -10.27 -4.43
CA LYS A 90 -19.39 -11.46 -3.54
C LYS A 90 -19.14 -11.04 -2.10
N ASP A 91 -18.14 -10.25 -1.86
CA ASP A 91 -17.85 -9.80 -0.47
C ASP A 91 -17.84 -11.02 0.45
N HIS A 92 -17.24 -12.09 0.02
CA HIS A 92 -17.19 -13.33 0.87
C HIS A 92 -16.17 -13.12 1.99
N THR A 93 -16.58 -13.26 3.22
CA THR A 93 -15.64 -13.08 4.36
C THR A 93 -14.64 -14.24 4.38
N PRO A 94 -13.45 -13.98 4.85
CA PRO A 94 -12.37 -15.02 4.94
C PRO A 94 -12.94 -16.39 5.34
N SER A 95 -12.26 -17.44 4.96
CA SER A 95 -12.75 -18.80 5.32
C SER A 95 -12.72 -18.97 6.84
N GLN A 96 -13.77 -19.49 7.41
CA GLN A 96 -13.81 -19.68 8.89
C GLN A 96 -13.03 -20.94 9.26
N GLU A 97 -12.57 -21.67 8.28
CA GLU A 97 -11.80 -22.92 8.58
C GLU A 97 -10.47 -22.56 9.23
N LEU A 98 -9.83 -23.50 9.86
CA LEU A 98 -8.52 -23.20 10.51
C LEU A 98 -8.68 -22.02 11.47
N ALA A 99 -9.26 -22.25 12.62
CA ALA A 99 -9.45 -21.15 13.60
C ALA A 99 -9.76 -21.73 14.98
N LEU A 100 -8.95 -21.44 15.96
CA LEU A 100 -9.20 -21.98 17.33
C LEU A 100 -10.30 -21.15 18.00
N THR A 101 -11.37 -21.80 18.42
CA THR A 101 -12.47 -21.05 19.08
C THR A 101 -12.05 -20.68 20.50
N GLN A 102 -11.00 -21.30 21.00
CA GLN A 102 -10.55 -20.97 22.38
C GLN A 102 -10.17 -19.49 22.46
N SER A 4 1.66 25.52 1.82
CA SER A 4 1.71 24.56 0.67
C SER A 4 0.74 25.03 -0.41
N ILE A 5 1.22 25.18 -1.61
CA ILE A 5 0.35 25.65 -2.73
C ILE A 5 -0.42 24.44 -3.27
N VAL A 6 0.20 23.30 -3.21
CA VAL A 6 -0.44 22.05 -3.71
C VAL A 6 -1.77 21.83 -2.97
N GLU A 7 -1.89 22.36 -1.79
CA GLU A 7 -3.16 22.20 -1.05
C GLU A 7 -4.26 22.98 -1.79
N LYS A 8 -3.91 24.11 -2.34
CA LYS A 8 -4.92 24.91 -3.09
C LYS A 8 -5.48 24.05 -4.21
N PHE A 9 -4.65 23.18 -4.76
CA PHE A 9 -5.14 22.29 -5.85
C PHE A 9 -6.07 21.23 -5.27
N ARG A 10 -5.82 20.76 -4.08
CA ARG A 10 -6.74 19.73 -3.51
C ARG A 10 -8.03 20.43 -3.09
N SER A 11 -7.94 21.65 -2.65
CA SER A 11 -9.16 22.37 -2.19
C SER A 11 -9.99 22.91 -3.37
N ARG A 12 -9.40 23.18 -4.52
CA ARG A 12 -10.24 23.71 -5.65
C ARG A 12 -11.07 22.57 -6.25
N GLY A 13 -10.62 21.35 -6.08
CA GLY A 13 -11.38 20.18 -6.62
C GLY A 13 -11.34 20.13 -8.17
N ARG A 14 -10.37 20.78 -8.77
CA ARG A 14 -10.26 20.77 -10.27
C ARG A 14 -10.42 19.32 -10.78
N ALA A 15 -11.25 19.09 -11.77
CA ALA A 15 -11.41 17.69 -12.28
C ALA A 15 -10.07 17.19 -12.85
N GLN A 16 -9.34 18.06 -13.51
CA GLN A 16 -8.01 17.69 -14.12
C GLN A 16 -6.98 17.39 -13.02
N VAL A 17 -7.39 17.38 -11.78
CA VAL A 17 -6.43 17.11 -10.68
C VAL A 17 -6.11 15.61 -10.63
N GLN A 18 -6.98 14.78 -11.18
CA GLN A 18 -6.73 13.30 -11.17
C GLN A 18 -5.79 12.92 -12.32
N GLU A 19 -5.22 13.90 -13.00
CA GLU A 19 -4.30 13.59 -14.13
C GLU A 19 -2.85 13.64 -13.63
N PHE A 20 -2.65 14.14 -12.43
CA PHE A 20 -1.26 14.23 -11.86
C PHE A 20 -1.35 14.62 -10.38
N CYS A 21 -0.26 14.48 -9.69
CA CYS A 21 -0.24 14.89 -8.26
C CYS A 21 0.19 16.34 -8.18
N ASP A 22 1.33 16.64 -7.61
CA ASP A 22 1.78 18.05 -7.57
C ASP A 22 2.49 18.36 -8.88
N TYR A 23 3.56 17.66 -9.18
CA TYR A 23 4.31 17.89 -10.44
C TYR A 23 3.89 16.81 -11.45
N GLY A 24 4.34 15.60 -11.24
CA GLY A 24 3.98 14.51 -12.18
C GLY A 24 5.27 13.93 -12.73
N THR A 25 6.05 13.31 -11.88
CA THR A 25 7.33 12.71 -12.36
C THR A 25 7.27 11.20 -12.16
N LYS A 26 8.02 10.49 -12.94
CA LYS A 26 7.99 9.00 -12.86
C LYS A 26 8.86 8.52 -11.70
N GLU A 27 10.15 8.64 -11.81
CA GLU A 27 11.05 8.15 -10.73
C GLU A 27 11.24 9.22 -9.65
N GLU A 28 11.17 10.49 -9.99
CA GLU A 28 11.38 11.54 -8.96
C GLU A 28 10.20 11.61 -7.99
N CYS A 29 9.00 11.67 -8.50
CA CYS A 29 7.84 11.75 -7.56
C CYS A 29 7.80 10.47 -6.73
N MET A 30 8.03 9.34 -7.35
CA MET A 30 8.01 8.05 -6.60
C MET A 30 8.78 8.25 -5.29
N LYS A 31 10.02 8.63 -5.38
CA LYS A 31 10.83 8.87 -4.14
C LYS A 31 10.04 9.74 -3.16
N ALA A 32 9.26 10.64 -3.70
CA ALA A 32 8.44 11.57 -2.86
C ALA A 32 7.11 10.90 -2.45
N SER A 33 6.70 9.84 -3.11
CA SER A 33 5.41 9.14 -2.76
C SER A 33 5.36 8.86 -1.25
N ASP A 34 6.37 8.24 -0.73
CA ASP A 34 6.40 7.91 0.73
C ASP A 34 7.58 8.58 1.44
N ALA A 35 7.78 9.88 1.28
CA ALA A 35 8.92 10.56 1.98
C ALA A 35 8.42 11.91 2.54
N ASP A 36 9.24 12.68 3.19
CA ASP A 36 8.75 13.99 3.73
C ASP A 36 8.94 15.05 2.65
N ARG A 37 8.99 14.62 1.43
CA ARG A 37 9.23 15.54 0.29
C ARG A 37 7.87 16.14 -0.13
N PRO A 38 7.87 17.33 -0.72
CA PRO A 38 6.60 18.01 -1.14
C PRO A 38 5.55 17.05 -1.67
N CYS A 39 5.23 17.16 -2.93
CA CYS A 39 4.21 16.27 -3.55
C CYS A 39 2.92 16.26 -2.71
N ARG A 40 1.90 15.61 -3.21
CA ARG A 40 0.63 15.55 -2.48
C ARG A 40 0.74 14.66 -1.27
N LYS A 41 1.78 13.87 -1.14
CA LYS A 41 1.92 12.98 0.07
C LYS A 41 0.84 11.88 0.05
N LEU A 42 -0.36 12.22 -0.39
CA LEU A 42 -1.49 11.21 -0.41
C LEU A 42 -1.20 9.97 -1.27
N HIS A 43 -0.04 9.87 -1.88
CA HIS A 43 0.26 8.65 -2.73
C HIS A 43 0.28 7.39 -1.85
N PHE A 44 0.17 6.19 -2.45
CA PHE A 44 0.14 4.88 -1.69
C PHE A 44 1.03 4.92 -0.44
N ARG A 45 0.49 4.57 0.71
CA ARG A 45 1.33 4.54 1.92
C ARG A 45 1.64 3.07 2.22
N ARG A 46 2.82 2.63 1.87
CA ARG A 46 3.19 1.21 2.09
C ARG A 46 4.29 1.13 3.16
N ILE A 47 4.23 0.13 4.03
CA ILE A 47 5.28 -0.01 5.11
C ILE A 47 6.45 -0.88 4.64
N ILE A 48 7.64 -0.37 4.85
CA ILE A 48 8.88 -1.10 4.43
C ILE A 48 9.84 -1.29 5.62
N ASN A 49 10.73 -2.24 5.54
CA ASN A 49 11.69 -2.47 6.67
C ASN A 49 13.11 -2.59 6.11
N LYS A 50 14.11 -2.43 6.93
CA LYS A 50 15.53 -2.53 6.45
C LYS A 50 15.75 -3.90 5.79
N HIS A 51 16.60 -3.99 4.81
CA HIS A 51 16.82 -5.29 4.14
C HIS A 51 17.32 -6.33 5.15
N THR A 52 16.45 -7.20 5.58
CA THR A 52 16.84 -8.25 6.57
C THR A 52 17.35 -9.48 5.79
N ASP A 53 18.12 -10.34 6.41
CA ASP A 53 18.63 -11.55 5.72
C ASP A 53 17.46 -12.50 5.54
N GLU A 54 17.16 -12.85 4.33
CA GLU A 54 15.99 -13.73 4.03
C GLU A 54 16.15 -15.15 4.58
N SER A 55 17.22 -15.49 5.26
CA SER A 55 17.32 -16.86 5.81
C SER A 55 16.33 -16.98 6.96
N LEU A 56 16.01 -15.87 7.58
CA LEU A 56 15.03 -15.84 8.69
C LEU A 56 13.68 -16.19 8.08
N GLY A 57 13.14 -17.34 8.34
CA GLY A 57 11.81 -17.68 7.76
C GLY A 57 11.86 -17.43 6.26
N ASP A 58 10.84 -16.84 5.73
CA ASP A 58 10.80 -16.56 4.26
C ASP A 58 9.57 -15.71 3.93
N CYS A 59 8.40 -16.16 4.34
CA CYS A 59 7.13 -15.40 4.09
C CYS A 59 6.91 -15.13 2.61
N SER A 60 7.70 -14.27 2.02
CA SER A 60 7.53 -13.96 0.58
C SER A 60 6.12 -13.42 0.35
N PHE A 61 5.69 -12.50 1.16
CA PHE A 61 4.33 -11.92 1.00
C PHE A 61 4.02 -11.66 -0.46
N LEU A 62 5.00 -11.65 -1.34
CA LEU A 62 4.71 -11.37 -2.77
C LEU A 62 3.45 -12.09 -3.29
N ASN A 63 3.00 -13.13 -2.62
CA ASN A 63 1.78 -13.86 -3.11
C ASN A 63 1.08 -14.50 -1.91
N THR A 64 1.74 -15.47 -1.29
CA THR A 64 1.18 -16.16 -0.11
C THR A 64 2.21 -16.09 1.01
N CYS A 65 1.77 -15.64 2.16
CA CYS A 65 2.63 -15.52 3.37
C CYS A 65 2.78 -16.90 3.98
N PHE A 66 2.08 -17.89 3.49
CA PHE A 66 2.25 -19.26 4.05
C PHE A 66 1.95 -19.16 5.54
N HIS A 67 2.88 -19.59 6.37
CA HIS A 67 2.69 -19.51 7.85
C HIS A 67 2.62 -18.02 8.28
N MET A 68 1.78 -17.71 9.20
CA MET A 68 1.69 -16.29 9.64
C MET A 68 2.67 -16.10 10.82
N ASP A 69 2.76 -17.11 11.65
CA ASP A 69 3.67 -17.05 12.84
C ASP A 69 5.02 -16.43 12.45
N THR A 70 5.34 -16.35 11.19
CA THR A 70 6.67 -15.78 10.80
C THR A 70 6.56 -14.26 10.58
N CYS A 71 6.30 -13.82 9.38
CA CYS A 71 6.20 -12.35 9.14
C CYS A 71 7.30 -11.57 9.90
N LYS A 72 8.52 -11.97 9.67
CA LYS A 72 9.68 -11.30 10.31
C LYS A 72 9.73 -9.90 9.70
N TYR A 73 10.85 -9.45 9.22
CA TYR A 73 10.92 -8.08 8.66
C TYR A 73 10.57 -8.07 7.16
N VAL A 74 11.08 -9.00 6.39
CA VAL A 74 10.80 -9.01 4.92
C VAL A 74 9.30 -8.90 4.67
N HIS A 75 8.80 -7.70 4.64
CA HIS A 75 7.35 -7.50 4.37
C HIS A 75 7.19 -6.14 3.68
N TYR A 76 6.33 -6.08 2.71
CA TYR A 76 6.11 -4.80 1.96
C TYR A 76 4.65 -4.78 1.50
N GLU A 77 3.78 -4.03 2.15
CA GLU A 77 2.34 -4.01 1.73
C GLU A 77 1.86 -2.58 1.49
N ILE A 78 0.98 -2.40 0.54
CA ILE A 78 0.45 -1.05 0.21
C ILE A 78 -1.03 -0.97 0.62
N ASP A 79 -1.47 0.20 1.05
CA ASP A 79 -2.85 0.44 1.46
C ASP A 79 -3.42 1.65 0.75
N ALA A 80 -4.53 1.57 0.10
CA ALA A 80 -5.09 2.77 -0.58
C ALA A 80 -6.62 2.72 -0.41
N SER A 81 -7.33 3.76 -0.71
CA SER A 81 -8.79 3.72 -0.58
C SER A 81 -9.36 2.51 -1.28
N MET A 82 -9.95 1.59 -0.57
CA MET A 82 -10.54 0.38 -1.22
C MET A 82 -11.84 0.76 -1.93
N ASP A 83 -11.91 0.55 -3.21
CA ASP A 83 -13.15 0.90 -3.96
C ASP A 83 -13.24 0.06 -5.24
N SER A 84 -12.23 0.12 -6.08
CA SER A 84 -12.24 -0.67 -7.34
C SER A 84 -12.25 -2.16 -7.00
N GLU A 85 -11.45 -2.57 -6.04
CA GLU A 85 -11.41 -4.02 -5.67
C GLU A 85 -12.72 -4.40 -4.98
N ALA A 86 -13.53 -5.19 -5.63
CA ALA A 86 -14.82 -5.60 -5.02
C ALA A 86 -14.57 -6.68 -3.96
N PRO A 87 -15.40 -6.77 -2.95
CA PRO A 87 -15.25 -7.78 -1.87
C PRO A 87 -15.68 -9.19 -2.34
N GLY A 88 -15.02 -10.20 -1.86
CA GLY A 88 -15.39 -11.58 -2.26
C GLY A 88 -14.76 -11.90 -3.62
N SER A 89 -13.97 -10.99 -4.15
CA SER A 89 -13.34 -11.24 -5.47
C SER A 89 -12.22 -12.27 -5.32
N LYS A 90 -11.00 -11.84 -5.29
CA LYS A 90 -9.87 -12.81 -5.14
C LYS A 90 -10.01 -13.54 -3.81
N ASP A 91 -10.39 -12.85 -2.77
CA ASP A 91 -10.54 -13.49 -1.45
C ASP A 91 -11.59 -14.61 -1.55
N HIS A 92 -11.22 -15.82 -1.22
CA HIS A 92 -12.19 -16.95 -1.31
C HIS A 92 -13.27 -16.77 -0.23
N THR A 93 -14.41 -17.38 -0.41
CA THR A 93 -15.49 -17.24 0.59
C THR A 93 -14.95 -17.57 1.98
N PRO A 94 -15.50 -16.98 3.01
CA PRO A 94 -15.07 -17.21 4.41
C PRO A 94 -15.44 -18.62 4.90
N SER A 95 -16.04 -19.41 4.05
CA SER A 95 -16.42 -20.79 4.47
C SER A 95 -15.21 -21.47 5.12
N GLN A 96 -15.37 -21.96 6.33
CA GLN A 96 -14.24 -22.63 7.02
C GLN A 96 -14.18 -24.09 6.59
N GLU A 97 -15.21 -24.59 5.97
CA GLU A 97 -15.22 -26.01 5.53
C GLU A 97 -14.11 -26.22 4.50
N LEU A 98 -13.89 -25.28 3.64
CA LEU A 98 -12.81 -25.42 2.62
C LEU A 98 -11.45 -25.27 3.30
N ALA A 99 -11.43 -24.96 4.56
CA ALA A 99 -10.13 -24.78 5.28
C ALA A 99 -9.31 -26.06 5.12
N LEU A 100 -8.22 -26.00 4.40
CA LEU A 100 -7.37 -27.21 4.21
C LEU A 100 -6.81 -27.64 5.57
N THR A 101 -6.81 -28.92 5.85
CA THR A 101 -6.29 -29.41 7.15
C THR A 101 -5.91 -30.89 7.02
N GLN A 102 -5.07 -31.37 7.90
CA GLN A 102 -4.66 -32.80 7.83
C GLN A 102 -5.90 -33.69 7.99
N SER A 4 1.75 25.75 -0.82
CA SER A 4 0.45 25.20 -0.29
C SER A 4 -0.68 25.56 -1.26
N ILE A 5 -0.33 25.91 -2.46
CA ILE A 5 -1.38 26.28 -3.46
C ILE A 5 -1.94 24.99 -4.07
N VAL A 6 -1.09 24.03 -4.23
CA VAL A 6 -1.50 22.72 -4.82
C VAL A 6 -2.69 22.17 -4.03
N GLU A 7 -2.82 22.56 -2.79
CA GLU A 7 -3.97 22.09 -1.99
C GLU A 7 -5.25 22.74 -2.55
N LYS A 8 -5.13 23.96 -3.03
CA LYS A 8 -6.33 24.63 -3.62
C LYS A 8 -6.83 23.79 -4.78
N PHE A 9 -5.95 23.07 -5.42
CA PHE A 9 -6.37 22.22 -6.56
C PHE A 9 -7.07 20.98 -6.03
N ARG A 10 -6.70 20.49 -4.88
CA ARG A 10 -7.41 19.28 -4.36
C ARG A 10 -8.76 19.72 -3.80
N SER A 11 -8.94 20.99 -3.59
CA SER A 11 -10.23 21.47 -3.01
C SER A 11 -11.37 21.45 -4.04
N ARG A 12 -11.14 21.82 -5.27
CA ARG A 12 -12.30 21.78 -6.24
C ARG A 12 -12.55 20.33 -6.69
N GLY A 13 -11.55 19.49 -6.59
CA GLY A 13 -11.72 18.04 -6.97
C GLY A 13 -11.92 17.88 -8.49
N ARG A 14 -11.43 18.81 -9.27
CA ARG A 14 -11.58 18.69 -10.76
C ARG A 14 -11.22 17.26 -11.21
N ALA A 15 -12.03 16.64 -12.04
CA ALA A 15 -11.70 15.25 -12.48
C ALA A 15 -10.34 15.23 -13.21
N GLN A 16 -10.05 16.29 -13.95
CA GLN A 16 -8.75 16.38 -14.69
C GLN A 16 -7.55 16.41 -13.73
N VAL A 17 -7.76 16.89 -12.52
CA VAL A 17 -6.64 16.95 -11.55
C VAL A 17 -6.39 15.56 -10.96
N GLN A 18 -7.34 14.66 -11.11
CA GLN A 18 -7.16 13.27 -10.56
C GLN A 18 -6.31 12.44 -11.53
N GLU A 19 -5.72 13.06 -12.53
CA GLU A 19 -4.88 12.30 -13.50
C GLU A 19 -3.42 12.31 -13.03
N PHE A 20 -3.10 13.17 -12.08
CA PHE A 20 -1.70 13.26 -11.56
C PHE A 20 -1.72 13.79 -10.12
N CYS A 21 -0.58 13.83 -9.51
CA CYS A 21 -0.50 14.37 -8.13
C CYS A 21 -0.16 15.85 -8.22
N ASP A 22 0.97 16.29 -7.71
CA ASP A 22 1.31 17.72 -7.83
C ASP A 22 1.95 17.94 -9.19
N TYR A 23 3.07 17.30 -9.44
CA TYR A 23 3.77 17.45 -10.75
C TYR A 23 3.45 16.23 -11.60
N GLY A 24 4.04 15.11 -11.28
CA GLY A 24 3.79 13.88 -12.06
C GLY A 24 5.11 13.38 -12.61
N THR A 25 6.11 13.31 -11.76
CA THR A 25 7.44 12.84 -12.24
C THR A 25 7.51 11.32 -12.04
N LYS A 26 8.36 10.69 -12.81
CA LYS A 26 8.47 9.22 -12.75
C LYS A 26 9.32 8.80 -11.56
N GLU A 27 10.61 9.00 -11.62
CA GLU A 27 11.50 8.57 -10.51
C GLU A 27 11.59 9.65 -9.42
N GLU A 28 11.32 10.89 -9.75
CA GLU A 28 11.44 11.97 -8.72
C GLU A 28 10.21 11.97 -7.81
N CYS A 29 9.03 11.93 -8.37
CA CYS A 29 7.82 11.96 -7.48
C CYS A 29 7.83 10.69 -6.62
N MET A 30 8.16 9.57 -7.21
CA MET A 30 8.19 8.31 -6.42
C MET A 30 8.91 8.57 -5.09
N LYS A 31 10.11 9.07 -5.15
CA LYS A 31 10.87 9.38 -3.90
C LYS A 31 10.02 10.27 -2.99
N ALA A 32 9.27 11.15 -3.59
CA ALA A 32 8.39 12.09 -2.84
C ALA A 32 7.12 11.37 -2.31
N SER A 33 6.74 10.27 -2.93
CA SER A 33 5.52 9.51 -2.48
C SER A 33 5.56 9.27 -0.96
N ASP A 34 6.62 8.69 -0.50
CA ASP A 34 6.74 8.41 0.97
C ASP A 34 7.90 9.20 1.61
N ALA A 35 8.01 10.49 1.37
CA ALA A 35 9.11 11.29 2.00
C ALA A 35 8.52 12.62 2.52
N ASP A 36 9.31 13.47 3.14
CA ASP A 36 8.73 14.76 3.64
C ASP A 36 8.83 15.80 2.52
N ARG A 37 8.91 15.33 1.32
CA ARG A 37 9.06 16.23 0.14
C ARG A 37 7.66 16.68 -0.30
N PRO A 38 7.55 17.85 -0.94
CA PRO A 38 6.24 18.39 -1.39
C PRO A 38 5.29 17.32 -1.90
N CYS A 39 5.03 17.33 -3.18
CA CYS A 39 4.10 16.32 -3.78
C CYS A 39 2.80 16.21 -2.98
N ARG A 40 1.88 15.39 -3.43
CA ARG A 40 0.61 15.23 -2.73
C ARG A 40 0.80 14.53 -1.41
N LYS A 41 1.90 13.84 -1.19
CA LYS A 41 2.13 13.15 0.12
C LYS A 41 1.16 11.96 0.27
N LEU A 42 -0.12 12.19 0.10
CA LEU A 42 -1.14 11.08 0.27
C LEU A 42 -0.87 9.85 -0.62
N HIS A 43 0.12 9.89 -1.49
CA HIS A 43 0.40 8.68 -2.35
C HIS A 43 0.37 7.39 -1.52
N PHE A 44 0.26 6.22 -2.15
CA PHE A 44 0.18 4.89 -1.43
C PHE A 44 1.06 4.87 -0.16
N ARG A 45 0.50 4.47 0.96
CA ARG A 45 1.31 4.40 2.19
C ARG A 45 1.69 2.93 2.38
N ARG A 46 2.90 2.57 2.07
CA ARG A 46 3.33 1.16 2.19
C ARG A 46 4.35 1.03 3.34
N ILE A 47 4.31 -0.06 4.09
CA ILE A 47 5.27 -0.24 5.23
C ILE A 47 6.51 -1.05 4.79
N ILE A 48 7.63 -0.39 4.77
CA ILE A 48 8.91 -1.03 4.34
C ILE A 48 9.82 -1.29 5.55
N ASN A 49 10.72 -2.25 5.44
CA ASN A 49 11.65 -2.55 6.59
C ASN A 49 13.08 -2.63 6.07
N LYS A 50 14.05 -2.54 6.95
CA LYS A 50 15.48 -2.62 6.50
C LYS A 50 15.72 -3.91 5.74
N HIS A 51 16.66 -3.94 4.83
CA HIS A 51 16.90 -5.18 4.06
C HIS A 51 17.33 -6.32 5.00
N THR A 52 16.41 -7.17 5.34
CA THR A 52 16.71 -8.31 6.25
C THR A 52 17.09 -9.53 5.38
N ASP A 53 17.82 -10.49 5.92
CA ASP A 53 18.21 -11.69 5.15
C ASP A 53 16.98 -12.59 5.07
N GLU A 54 16.78 -13.20 3.94
CA GLU A 54 15.58 -14.07 3.72
C GLU A 54 15.74 -15.48 4.29
N SER A 55 16.83 -15.82 4.92
CA SER A 55 16.94 -17.19 5.48
C SER A 55 16.26 -17.19 6.85
N LEU A 56 16.08 -16.01 7.41
CA LEU A 56 15.40 -15.87 8.71
C LEU A 56 13.95 -16.27 8.50
N GLY A 57 13.47 -17.31 9.12
CA GLY A 57 12.05 -17.70 8.93
C GLY A 57 11.85 -18.10 7.47
N ASP A 58 10.67 -17.88 6.96
CA ASP A 58 10.37 -18.25 5.55
C ASP A 58 9.06 -17.60 5.12
N CYS A 59 9.13 -16.41 4.55
CA CYS A 59 7.91 -15.67 4.10
C CYS A 59 7.77 -15.68 2.57
N SER A 60 6.78 -15.01 2.05
CA SER A 60 6.61 -14.99 0.57
C SER A 60 5.45 -14.04 0.23
N PHE A 61 5.36 -12.94 0.92
CA PHE A 61 4.26 -11.97 0.64
C PHE A 61 4.01 -11.85 -0.86
N LEU A 62 5.01 -12.00 -1.69
CA LEU A 62 4.78 -11.88 -3.16
C LEU A 62 3.56 -12.66 -3.65
N ASN A 63 3.00 -13.53 -2.83
CA ASN A 63 1.81 -14.33 -3.30
C ASN A 63 1.01 -14.77 -2.07
N THR A 64 1.63 -15.58 -1.24
CA THR A 64 0.97 -16.07 0.00
C THR A 64 2.03 -16.16 1.10
N CYS A 65 1.71 -15.59 2.24
CA CYS A 65 2.63 -15.60 3.42
C CYS A 65 2.57 -16.97 4.06
N PHE A 66 1.77 -17.88 3.55
CA PHE A 66 1.72 -19.23 4.15
C PHE A 66 1.41 -19.06 5.63
N HIS A 67 2.32 -19.47 6.48
CA HIS A 67 2.11 -19.31 7.95
C HIS A 67 2.26 -17.83 8.33
N MET A 68 1.62 -17.41 9.38
CA MET A 68 1.75 -15.98 9.79
C MET A 68 2.87 -15.90 10.85
N ASP A 69 2.82 -16.80 11.78
CA ASP A 69 3.85 -16.84 12.88
C ASP A 69 5.27 -16.72 12.29
N THR A 70 5.43 -16.76 10.99
CA THR A 70 6.80 -16.70 10.41
C THR A 70 7.02 -15.34 9.71
N CYS A 71 6.63 -14.26 10.32
CA CYS A 71 6.79 -12.93 9.65
C CYS A 71 7.93 -12.11 10.29
N LYS A 72 9.09 -12.24 9.72
CA LYS A 72 10.26 -11.49 10.23
C LYS A 72 10.14 -10.07 9.67
N TYR A 73 11.17 -9.50 9.15
CA TYR A 73 11.08 -8.11 8.65
C TYR A 73 10.72 -8.08 7.16
N VAL A 74 11.26 -8.98 6.36
CA VAL A 74 10.97 -8.97 4.90
C VAL A 74 9.48 -8.82 4.64
N HIS A 75 9.02 -7.61 4.55
CA HIS A 75 7.57 -7.35 4.30
C HIS A 75 7.44 -5.97 3.69
N TYR A 76 6.69 -5.86 2.63
CA TYR A 76 6.49 -4.53 1.96
C TYR A 76 5.09 -4.51 1.36
N GLU A 77 4.10 -4.05 2.09
CA GLU A 77 2.70 -4.05 1.53
C GLU A 77 2.21 -2.61 1.32
N ILE A 78 1.24 -2.45 0.44
CA ILE A 78 0.69 -1.11 0.14
C ILE A 78 -0.74 -1.02 0.70
N ASP A 79 -1.16 0.16 1.12
CA ASP A 79 -2.50 0.41 1.65
C ASP A 79 -3.20 1.49 0.89
N ALA A 80 -4.16 1.23 0.08
CA ALA A 80 -4.86 2.32 -0.67
C ALA A 80 -6.35 1.95 -0.74
N SER A 81 -7.21 2.82 -1.14
CA SER A 81 -8.63 2.49 -1.24
C SER A 81 -8.85 1.36 -2.22
N MET A 82 -9.48 0.29 -1.81
CA MET A 82 -9.74 -0.86 -2.75
C MET A 82 -10.89 -0.50 -3.69
N ASP A 83 -10.85 -1.01 -4.90
CA ASP A 83 -11.94 -0.70 -5.88
C ASP A 83 -13.25 -1.34 -5.41
N SER A 84 -14.12 -0.56 -4.83
CA SER A 84 -15.42 -1.12 -4.36
C SER A 84 -16.24 -1.59 -5.56
N GLU A 85 -16.09 -0.93 -6.68
CA GLU A 85 -16.87 -1.34 -7.90
C GLU A 85 -16.51 -2.77 -8.28
N ALA A 86 -15.26 -3.15 -8.12
CA ALA A 86 -14.84 -4.53 -8.48
C ALA A 86 -15.71 -5.54 -7.73
N PRO A 87 -15.92 -6.71 -8.29
CA PRO A 87 -16.74 -7.77 -7.64
C PRO A 87 -16.02 -8.43 -6.47
N GLY A 88 -16.74 -9.13 -5.63
CA GLY A 88 -16.10 -9.80 -4.47
C GLY A 88 -15.72 -8.75 -3.43
N SER A 89 -16.29 -7.58 -3.51
CA SER A 89 -15.95 -6.51 -2.52
C SER A 89 -16.33 -6.99 -1.11
N LYS A 90 -17.46 -7.62 -0.97
CA LYS A 90 -17.88 -8.11 0.37
C LYS A 90 -16.84 -9.09 0.90
N ASP A 91 -16.16 -9.79 0.02
CA ASP A 91 -15.14 -10.77 0.47
C ASP A 91 -15.77 -11.72 1.49
N HIS A 92 -16.70 -12.54 1.05
CA HIS A 92 -17.36 -13.49 1.99
C HIS A 92 -16.30 -14.44 2.56
N THR A 93 -16.09 -14.40 3.85
CA THR A 93 -15.07 -15.30 4.47
C THR A 93 -15.66 -16.70 4.64
N PRO A 94 -14.84 -17.71 4.60
CA PRO A 94 -15.28 -19.12 4.76
C PRO A 94 -16.39 -19.27 5.81
N SER A 95 -16.20 -18.70 6.97
CA SER A 95 -17.24 -18.80 8.03
C SER A 95 -16.93 -17.81 9.14
N GLN A 96 -17.94 -17.29 9.79
CA GLN A 96 -17.70 -16.32 10.89
C GLN A 96 -16.95 -17.01 12.02
N GLU A 97 -17.27 -18.23 12.31
CA GLU A 97 -16.56 -18.96 13.40
C GLU A 97 -15.13 -19.24 12.98
N LEU A 98 -14.17 -18.78 13.73
CA LEU A 98 -12.75 -19.02 13.37
C LEU A 98 -11.85 -18.64 14.55
N ALA A 99 -12.06 -17.48 15.13
CA ALA A 99 -11.23 -17.06 16.29
C ALA A 99 -11.49 -18.00 17.47
N LEU A 100 -10.45 -18.40 18.14
CA LEU A 100 -10.62 -19.32 19.32
C LEU A 100 -11.17 -18.53 20.50
N THR A 101 -10.75 -17.30 20.66
CA THR A 101 -11.25 -16.48 21.80
C THR A 101 -12.57 -15.81 21.40
N GLN A 102 -13.18 -15.11 22.31
CA GLN A 102 -14.47 -14.43 21.99
C GLN A 102 -14.31 -13.64 20.68
N SER A 4 1.42 26.11 1.65
CA SER A 4 1.30 25.08 0.57
C SER A 4 0.19 25.50 -0.39
N ILE A 5 0.55 25.91 -1.57
CA ILE A 5 -0.47 26.34 -2.57
C ILE A 5 -1.06 25.10 -3.23
N VAL A 6 -0.23 24.12 -3.44
CA VAL A 6 -0.68 22.85 -4.07
C VAL A 6 -1.95 22.36 -3.37
N GLU A 7 -2.14 22.74 -2.14
CA GLU A 7 -3.37 22.32 -1.42
C GLU A 7 -4.56 23.07 -2.02
N LYS A 8 -4.38 24.32 -2.35
CA LYS A 8 -5.50 25.10 -2.96
C LYS A 8 -6.00 24.33 -4.18
N PHE A 9 -5.12 23.60 -4.82
CA PHE A 9 -5.55 22.82 -6.01
C PHE A 9 -6.39 21.62 -5.56
N ARG A 10 -6.01 20.95 -4.51
CA ARG A 10 -6.84 19.81 -4.06
C ARG A 10 -8.17 20.35 -3.53
N SER A 11 -8.18 21.56 -3.08
CA SER A 11 -9.43 22.14 -2.51
C SER A 11 -10.40 22.61 -3.61
N ARG A 12 -9.94 23.06 -4.75
CA ARG A 12 -10.92 23.50 -5.79
C ARG A 12 -11.56 22.28 -6.45
N GLY A 13 -10.96 21.13 -6.28
CA GLY A 13 -11.54 19.87 -6.87
C GLY A 13 -11.40 19.86 -8.42
N ARG A 14 -10.43 20.57 -8.95
CA ARG A 14 -10.24 20.58 -10.44
C ARG A 14 -10.27 19.13 -10.98
N ALA A 15 -11.03 18.86 -12.02
CA ALA A 15 -11.08 17.47 -12.54
C ALA A 15 -9.67 17.03 -12.97
N GLN A 16 -8.91 17.94 -13.54
CA GLN A 16 -7.51 17.62 -14.00
C GLN A 16 -6.60 17.27 -12.81
N VAL A 17 -7.11 17.35 -11.61
CA VAL A 17 -6.28 17.03 -10.42
C VAL A 17 -5.96 15.53 -10.41
N GLN A 18 -6.83 14.71 -10.97
CA GLN A 18 -6.58 13.24 -11.00
C GLN A 18 -5.61 12.90 -12.15
N GLU A 19 -5.13 13.89 -12.85
CA GLU A 19 -4.18 13.63 -13.97
C GLU A 19 -2.75 13.64 -13.45
N PHE A 20 -2.55 14.14 -12.25
CA PHE A 20 -1.17 14.20 -11.66
C PHE A 20 -1.28 14.62 -10.18
N CYS A 21 -0.18 14.55 -9.49
CA CYS A 21 -0.18 14.97 -8.06
C CYS A 21 0.27 16.42 -8.00
N ASP A 22 1.39 16.71 -7.40
CA ASP A 22 1.84 18.13 -7.38
C ASP A 22 2.53 18.44 -8.69
N TYR A 23 3.58 17.70 -9.01
CA TYR A 23 4.30 17.93 -10.29
C TYR A 23 3.86 16.86 -11.29
N GLY A 24 4.31 15.66 -11.12
CA GLY A 24 3.93 14.56 -12.04
C GLY A 24 5.19 13.93 -12.58
N THR A 25 6.13 13.64 -11.71
CA THR A 25 7.40 13.02 -12.18
C THR A 25 7.26 11.50 -12.07
N LYS A 26 7.97 10.80 -12.89
CA LYS A 26 7.88 9.32 -12.90
C LYS A 26 8.70 8.73 -11.75
N GLU A 27 10.00 8.77 -11.84
CA GLU A 27 10.85 8.18 -10.78
C GLU A 27 11.10 9.19 -9.64
N GLU A 28 11.08 10.47 -9.93
CA GLU A 28 11.36 11.48 -8.85
C GLU A 28 10.19 11.55 -7.87
N CYS A 29 8.98 11.61 -8.37
CA CYS A 29 7.82 11.71 -7.43
C CYS A 29 7.77 10.42 -6.60
N MET A 30 8.00 9.30 -7.23
CA MET A 30 7.96 8.01 -6.47
C MET A 30 8.75 8.19 -5.16
N LYS A 31 10.00 8.56 -5.26
CA LYS A 31 10.82 8.78 -4.04
C LYS A 31 10.06 9.68 -3.06
N ALA A 32 9.26 10.56 -3.59
CA ALA A 32 8.47 11.52 -2.75
C ALA A 32 7.13 10.88 -2.31
N SER A 33 6.70 9.81 -2.97
CA SER A 33 5.41 9.13 -2.61
C SER A 33 5.36 8.86 -1.10
N ASP A 34 6.38 8.23 -0.58
CA ASP A 34 6.40 7.91 0.88
C ASP A 34 7.63 8.55 1.57
N ALA A 35 7.82 9.86 1.45
CA ALA A 35 9.00 10.50 2.12
C ALA A 35 8.54 11.88 2.67
N ASP A 36 9.40 12.63 3.31
CA ASP A 36 8.95 13.95 3.84
C ASP A 36 9.16 15.00 2.75
N ARG A 37 9.17 14.55 1.53
CA ARG A 37 9.41 15.46 0.37
C ARG A 37 8.06 16.07 -0.04
N PRO A 38 8.06 17.25 -0.65
CA PRO A 38 6.81 17.95 -1.06
C PRO A 38 5.73 17.00 -1.55
N CYS A 39 5.40 17.08 -2.80
CA CYS A 39 4.34 16.20 -3.39
C CYS A 39 3.09 16.20 -2.51
N ARG A 40 2.05 15.52 -2.96
CA ARG A 40 0.81 15.47 -2.19
C ARG A 40 0.94 14.54 -1.01
N LYS A 41 1.98 13.75 -0.92
CA LYS A 41 2.13 12.83 0.26
C LYS A 41 1.02 11.77 0.27
N LEU A 42 -0.18 12.15 -0.11
CA LEU A 42 -1.34 11.17 -0.11
C LEU A 42 -1.09 9.91 -0.97
N HIS A 43 -0.08 9.89 -1.79
CA HIS A 43 0.19 8.65 -2.63
C HIS A 43 0.18 7.40 -1.73
N PHE A 44 0.02 6.20 -2.32
CA PHE A 44 -0.04 4.90 -1.55
C PHE A 44 0.93 4.88 -0.36
N ARG A 45 0.47 4.53 0.82
CA ARG A 45 1.38 4.45 1.98
C ARG A 45 1.66 2.97 2.22
N ARG A 46 2.80 2.51 1.83
CA ARG A 46 3.14 1.07 1.99
C ARG A 46 4.21 0.91 3.07
N ILE A 47 4.16 -0.16 3.86
CA ILE A 47 5.20 -0.37 4.94
C ILE A 47 6.41 -1.14 4.40
N ILE A 48 7.57 -0.57 4.61
CA ILE A 48 8.85 -1.20 4.13
C ILE A 48 9.85 -1.33 5.29
N ASN A 49 10.81 -2.22 5.17
CA ASN A 49 11.83 -2.38 6.25
C ASN A 49 13.23 -2.43 5.63
N LYS A 50 14.26 -2.26 6.43
CA LYS A 50 15.65 -2.29 5.88
C LYS A 50 15.95 -3.69 5.35
N HIS A 51 16.87 -3.82 4.43
CA HIS A 51 17.18 -5.16 3.87
C HIS A 51 17.57 -6.12 4.99
N THR A 52 16.67 -6.98 5.38
CA THR A 52 16.93 -7.96 6.45
C THR A 52 17.59 -9.21 5.84
N ASP A 53 18.24 -10.04 6.61
CA ASP A 53 18.88 -11.27 6.07
C ASP A 53 17.79 -12.34 5.97
N GLU A 54 17.46 -12.73 4.77
CA GLU A 54 16.38 -13.72 4.55
C GLU A 54 16.60 -15.05 5.29
N SER A 55 17.65 -15.21 6.04
CA SER A 55 17.82 -16.49 6.78
C SER A 55 16.72 -16.56 7.84
N LEU A 56 16.33 -15.42 8.35
CA LEU A 56 15.25 -15.34 9.37
C LEU A 56 13.95 -15.70 8.64
N GLY A 57 13.38 -16.84 8.88
CA GLY A 57 12.10 -17.19 8.19
C GLY A 57 12.30 -16.97 6.69
N ASP A 58 11.27 -16.53 6.03
CA ASP A 58 11.37 -16.29 4.55
C ASP A 58 10.08 -15.62 4.06
N CYS A 59 8.93 -16.14 4.47
CA CYS A 59 7.62 -15.54 4.06
C CYS A 59 7.46 -15.50 2.54
N SER A 60 6.43 -14.88 2.05
CA SER A 60 6.23 -14.81 0.58
C SER A 60 5.01 -13.94 0.28
N PHE A 61 4.88 -12.83 0.97
CA PHE A 61 3.71 -11.93 0.74
C PHE A 61 3.40 -11.82 -0.75
N LEU A 62 4.38 -11.86 -1.62
CA LEU A 62 4.10 -11.73 -3.07
C LEU A 62 2.88 -12.55 -3.52
N ASN A 63 2.38 -13.45 -2.69
CA ASN A 63 1.21 -14.28 -3.12
C ASN A 63 0.54 -14.86 -1.86
N THR A 64 1.27 -15.72 -1.17
CA THR A 64 0.74 -16.35 0.07
C THR A 64 1.86 -16.33 1.12
N CYS A 65 1.54 -15.80 2.27
CA CYS A 65 2.52 -15.71 3.42
C CYS A 65 2.66 -17.10 4.02
N PHE A 66 1.88 -18.06 3.61
CA PHE A 66 2.03 -19.43 4.16
C PHE A 66 1.93 -19.32 5.67
N HIS A 67 2.99 -19.66 6.37
CA HIS A 67 3.00 -19.55 7.87
C HIS A 67 2.90 -18.06 8.27
N MET A 68 2.14 -17.77 9.27
CA MET A 68 2.04 -16.34 9.70
C MET A 68 3.09 -16.10 10.80
N ASP A 69 3.28 -17.10 11.62
CA ASP A 69 4.27 -17.00 12.74
C ASP A 69 5.58 -16.33 12.25
N THR A 70 5.79 -16.25 10.97
CA THR A 70 7.07 -15.63 10.48
C THR A 70 6.88 -14.12 10.28
N CYS A 71 6.56 -13.69 9.09
CA CYS A 71 6.38 -12.22 8.85
C CYS A 71 7.47 -11.39 9.58
N LYS A 72 8.69 -11.73 9.29
CA LYS A 72 9.83 -11.00 9.89
C LYS A 72 9.83 -9.62 9.25
N TYR A 73 10.94 -9.14 8.79
CA TYR A 73 10.97 -7.77 8.20
C TYR A 73 10.67 -7.80 6.70
N VAL A 74 10.93 -8.90 6.03
CA VAL A 74 10.68 -8.97 4.56
C VAL A 74 9.19 -8.87 4.26
N HIS A 75 8.66 -7.69 4.32
CA HIS A 75 7.22 -7.48 4.05
C HIS A 75 7.06 -6.15 3.33
N TYR A 76 6.13 -6.08 2.41
CA TYR A 76 5.90 -4.81 1.64
C TYR A 76 4.42 -4.73 1.31
N GLU A 77 3.60 -4.15 2.17
CA GLU A 77 2.12 -4.09 1.87
C GLU A 77 1.71 -2.65 1.55
N ILE A 78 0.78 -2.51 0.62
CA ILE A 78 0.30 -1.17 0.21
C ILE A 78 -1.14 -0.97 0.71
N ASP A 79 -1.51 0.25 1.06
CA ASP A 79 -2.84 0.60 1.53
C ASP A 79 -3.42 1.74 0.72
N ALA A 80 -4.36 1.54 -0.13
CA ALA A 80 -4.93 2.68 -0.91
C ALA A 80 -6.43 2.40 -1.08
N SER A 81 -7.21 3.33 -1.54
CA SER A 81 -8.63 3.09 -1.74
C SER A 81 -8.86 1.78 -2.47
N MET A 82 -9.27 0.74 -1.79
CA MET A 82 -9.50 -0.59 -2.46
C MET A 82 -10.85 -0.56 -3.20
N ASP A 83 -10.96 -1.32 -4.26
CA ASP A 83 -12.25 -1.32 -5.02
C ASP A 83 -13.36 -1.95 -4.16
N SER A 84 -14.58 -1.82 -4.58
CA SER A 84 -15.71 -2.41 -3.80
C SER A 84 -15.75 -3.92 -4.03
N GLU A 85 -15.15 -4.39 -5.09
CA GLU A 85 -15.16 -5.86 -5.38
C GLU A 85 -16.60 -6.37 -5.40
N ALA A 86 -16.80 -7.60 -5.78
CA ALA A 86 -18.18 -8.16 -5.83
C ALA A 86 -18.59 -8.64 -4.43
N PRO A 87 -19.87 -8.62 -4.13
CA PRO A 87 -20.37 -9.06 -2.81
C PRO A 87 -20.34 -10.59 -2.66
N GLY A 88 -20.31 -11.08 -1.45
CA GLY A 88 -20.28 -12.56 -1.25
C GLY A 88 -18.89 -13.09 -1.59
N SER A 89 -17.91 -12.23 -1.66
CA SER A 89 -16.54 -12.69 -2.00
C SER A 89 -15.51 -11.68 -1.48
N LYS A 90 -15.85 -10.94 -0.46
CA LYS A 90 -14.89 -9.94 0.08
C LYS A 90 -13.62 -10.65 0.55
N ASP A 91 -13.76 -11.68 1.35
CA ASP A 91 -12.57 -12.41 1.84
C ASP A 91 -13.01 -13.71 2.51
N HIS A 92 -12.16 -14.71 2.52
CA HIS A 92 -12.54 -16.00 3.16
C HIS A 92 -12.85 -15.77 4.63
N THR A 93 -13.47 -16.72 5.27
CA THR A 93 -13.81 -16.56 6.71
C THR A 93 -12.56 -16.84 7.56
N PRO A 94 -12.44 -16.19 8.69
CA PRO A 94 -11.28 -16.38 9.61
C PRO A 94 -10.83 -17.84 9.68
N SER A 95 -11.70 -18.72 10.12
CA SER A 95 -11.32 -20.16 10.20
C SER A 95 -10.03 -20.30 11.01
N GLN A 96 -9.58 -19.23 11.60
CA GLN A 96 -8.33 -19.29 12.40
C GLN A 96 -8.57 -20.10 13.67
N GLU A 97 -9.66 -19.85 14.34
CA GLU A 97 -9.96 -20.61 15.59
C GLU A 97 -10.19 -22.08 15.26
N LEU A 98 -9.82 -22.96 16.14
CA LEU A 98 -10.03 -24.41 15.88
C LEU A 98 -11.48 -24.79 16.19
N ALA A 99 -11.88 -24.64 17.43
CA ALA A 99 -13.28 -24.99 17.81
C ALA A 99 -13.56 -24.50 19.22
N LEU A 100 -13.01 -25.17 20.21
CA LEU A 100 -13.25 -24.75 21.62
C LEU A 100 -12.32 -23.58 21.96
N THR A 101 -12.88 -22.47 22.38
CA THR A 101 -12.02 -21.30 22.72
C THR A 101 -11.32 -21.55 24.05
N GLN A 102 -12.03 -22.06 25.03
CA GLN A 102 -11.39 -22.33 26.34
C GLN A 102 -10.56 -23.61 26.25
N SER A 4 2.62 25.44 2.24
CA SER A 4 1.85 24.33 1.58
C SER A 4 0.84 24.93 0.61
N ILE A 5 1.29 25.27 -0.57
CA ILE A 5 0.37 25.88 -1.57
C ILE A 5 -0.39 24.75 -2.27
N VAL A 6 0.30 23.66 -2.49
CA VAL A 6 -0.33 22.48 -3.16
C VAL A 6 -1.63 22.12 -2.43
N GLU A 7 -1.73 22.44 -1.17
CA GLU A 7 -2.97 22.14 -0.44
C GLU A 7 -4.10 23.01 -1.01
N LYS A 8 -3.78 24.22 -1.40
CA LYS A 8 -4.82 25.11 -1.99
C LYS A 8 -5.44 24.38 -3.18
N PHE A 9 -4.66 23.58 -3.86
CA PHE A 9 -5.20 22.84 -5.04
C PHE A 9 -6.08 21.70 -4.53
N ARG A 10 -5.79 21.12 -3.40
CA ARG A 10 -6.66 20.01 -2.91
C ARG A 10 -7.90 20.62 -2.29
N SER A 11 -7.87 21.88 -1.98
CA SER A 11 -9.03 22.53 -1.33
C SER A 11 -10.05 23.04 -2.37
N ARG A 12 -9.64 23.49 -3.52
CA ARG A 12 -10.67 23.98 -4.50
C ARG A 12 -11.39 22.79 -5.14
N GLY A 13 -10.77 21.64 -5.13
CA GLY A 13 -11.41 20.41 -5.71
C GLY A 13 -11.40 20.44 -7.25
N ARG A 14 -10.49 21.14 -7.85
CA ARG A 14 -10.42 21.20 -9.35
C ARG A 14 -10.51 19.77 -9.92
N ALA A 15 -11.01 19.59 -11.12
CA ALA A 15 -11.11 18.21 -11.68
C ALA A 15 -9.83 17.88 -12.46
N GLN A 16 -9.24 18.86 -13.12
CA GLN A 16 -7.98 18.64 -13.90
C GLN A 16 -6.82 18.23 -12.98
N VAL A 17 -6.95 18.49 -11.70
CA VAL A 17 -5.85 18.12 -10.76
C VAL A 17 -5.74 16.59 -10.67
N GLN A 18 -6.81 15.88 -10.98
CA GLN A 18 -6.77 14.38 -10.91
C GLN A 18 -5.89 13.83 -12.03
N GLU A 19 -5.26 14.70 -12.80
CA GLU A 19 -4.38 14.22 -13.91
C GLU A 19 -2.93 14.16 -13.41
N PHE A 20 -2.68 14.65 -12.22
CA PHE A 20 -1.29 14.65 -11.67
C PHE A 20 -1.34 14.97 -10.17
N CYS A 21 -0.25 14.77 -9.50
CA CYS A 21 -0.20 15.10 -8.05
C CYS A 21 0.28 16.54 -7.91
N ASP A 22 1.43 16.78 -7.34
CA ASP A 22 1.90 18.18 -7.24
C ASP A 22 2.63 18.53 -8.53
N TYR A 23 3.67 17.80 -8.85
CA TYR A 23 4.44 18.05 -10.10
C TYR A 23 4.00 17.04 -11.15
N GLY A 24 4.43 15.81 -11.01
CA GLY A 24 4.05 14.77 -11.99
C GLY A 24 5.32 14.14 -12.54
N THR A 25 6.24 13.83 -11.68
CA THR A 25 7.51 13.22 -12.16
C THR A 25 7.37 11.69 -12.12
N LYS A 26 8.10 11.03 -12.96
CA LYS A 26 8.00 9.55 -13.05
C LYS A 26 8.79 8.91 -11.91
N GLU A 27 10.10 8.92 -12.00
CA GLU A 27 10.93 8.27 -10.96
C GLU A 27 11.19 9.23 -9.79
N GLU A 28 11.14 10.52 -10.00
CA GLU A 28 11.42 11.47 -8.89
C GLU A 28 10.23 11.53 -7.92
N CYS A 29 9.04 11.63 -8.43
CA CYS A 29 7.87 11.71 -7.49
C CYS A 29 7.78 10.40 -6.71
N MET A 30 7.99 9.30 -7.38
CA MET A 30 7.92 7.99 -6.66
C MET A 30 8.73 8.10 -5.36
N LYS A 31 9.98 8.45 -5.46
CA LYS A 31 10.84 8.59 -4.25
C LYS A 31 10.11 9.44 -3.20
N ALA A 32 9.38 10.41 -3.66
CA ALA A 32 8.63 11.34 -2.77
C ALA A 32 7.26 10.73 -2.37
N SER A 33 6.80 9.71 -3.08
CA SER A 33 5.48 9.07 -2.76
C SER A 33 5.41 8.72 -1.26
N ASP A 34 6.37 8.01 -0.78
CA ASP A 34 6.38 7.63 0.67
C ASP A 34 7.58 8.25 1.41
N ALA A 35 7.82 9.54 1.29
CA ALA A 35 8.97 10.17 2.01
C ALA A 35 8.51 11.52 2.59
N ASP A 36 9.35 12.27 3.26
CA ASP A 36 8.89 13.58 3.81
C ASP A 36 9.09 14.65 2.74
N ARG A 37 9.04 14.23 1.51
CA ARG A 37 9.28 15.17 0.37
C ARG A 37 7.95 15.85 0.03
N PRO A 38 7.98 17.05 -0.55
CA PRO A 38 6.75 17.81 -0.90
C PRO A 38 5.62 16.92 -1.41
N CYS A 39 5.31 17.05 -2.67
CA CYS A 39 4.21 16.23 -3.27
C CYS A 39 2.93 16.34 -2.45
N ARG A 40 1.93 15.53 -2.78
CA ARG A 40 0.66 15.58 -2.07
C ARG A 40 0.71 14.71 -0.82
N LYS A 41 1.79 14.01 -0.57
CA LYS A 41 1.87 13.16 0.66
C LYS A 41 0.71 12.15 0.69
N LEU A 42 -0.13 12.17 -0.33
CA LEU A 42 -1.33 11.23 -0.37
C LEU A 42 -1.11 10.00 -1.28
N HIS A 43 0.03 9.86 -1.91
CA HIS A 43 0.26 8.65 -2.79
C HIS A 43 0.25 7.37 -1.96
N PHE A 44 0.02 6.20 -2.58
CA PHE A 44 -0.03 4.87 -1.86
C PHE A 44 0.80 4.87 -0.57
N ARG A 45 0.21 4.49 0.55
CA ARG A 45 1.00 4.43 1.80
C ARG A 45 1.39 2.97 2.02
N ARG A 46 2.62 2.64 1.78
CA ARG A 46 3.07 1.23 1.94
C ARG A 46 4.16 1.16 3.02
N ILE A 47 4.22 0.07 3.78
CA ILE A 47 5.25 -0.07 4.86
C ILE A 47 6.41 -0.95 4.41
N ILE A 48 7.60 -0.40 4.47
CA ILE A 48 8.83 -1.14 4.03
C ILE A 48 9.84 -1.26 5.20
N ASN A 49 10.71 -2.23 5.16
CA ASN A 49 11.72 -2.39 6.25
C ASN A 49 13.13 -2.48 5.65
N LYS A 50 14.16 -2.31 6.45
CA LYS A 50 15.55 -2.39 5.91
C LYS A 50 15.78 -3.77 5.26
N HIS A 51 16.68 -3.87 4.33
CA HIS A 51 16.90 -5.18 3.68
C HIS A 51 17.31 -6.23 4.71
N THR A 52 16.39 -7.07 5.09
CA THR A 52 16.69 -8.13 6.09
C THR A 52 17.09 -9.41 5.34
N ASP A 53 17.73 -10.35 6.00
CA ASP A 53 18.14 -11.61 5.34
C ASP A 53 17.07 -12.65 5.63
N GLU A 54 16.56 -13.28 4.60
CA GLU A 54 15.46 -14.28 4.77
C GLU A 54 15.86 -15.50 5.61
N SER A 55 17.06 -15.57 6.15
CA SER A 55 17.41 -16.74 6.98
C SER A 55 16.51 -16.71 8.22
N LEU A 56 16.21 -15.52 8.70
CA LEU A 56 15.33 -15.35 9.87
C LEU A 56 13.95 -15.86 9.46
N GLY A 57 13.49 -16.95 9.98
CA GLY A 57 12.14 -17.45 9.58
C GLY A 57 12.07 -17.50 8.06
N ASP A 58 11.02 -16.97 7.51
CA ASP A 58 10.85 -16.98 6.02
C ASP A 58 9.48 -16.42 5.66
N CYS A 59 9.34 -15.89 4.47
CA CYS A 59 8.02 -15.32 4.01
C CYS A 59 7.96 -15.21 2.48
N SER A 60 6.82 -14.88 1.94
CA SER A 60 6.70 -14.76 0.47
C SER A 60 5.46 -13.93 0.13
N PHE A 61 5.26 -12.84 0.82
CA PHE A 61 4.06 -11.98 0.56
C PHE A 61 3.77 -11.89 -0.93
N LEU A 62 4.75 -12.04 -1.80
CA LEU A 62 4.49 -11.95 -3.25
C LEU A 62 3.31 -12.81 -3.71
N ASN A 63 2.85 -13.74 -2.89
CA ASN A 63 1.72 -14.63 -3.33
C ASN A 63 1.02 -15.16 -2.07
N THR A 64 1.72 -15.96 -1.31
CA THR A 64 1.16 -16.55 -0.06
C THR A 64 2.24 -16.46 1.02
N CYS A 65 1.87 -15.89 2.14
CA CYS A 65 2.80 -15.73 3.31
C CYS A 65 2.93 -17.08 3.99
N PHE A 66 2.17 -18.07 3.60
CA PHE A 66 2.31 -19.40 4.23
C PHE A 66 2.11 -19.21 5.73
N HIS A 67 3.08 -19.59 6.52
CA HIS A 67 2.99 -19.42 8.00
C HIS A 67 2.85 -17.93 8.33
N MET A 68 2.06 -17.61 9.30
CA MET A 68 1.91 -16.17 9.67
C MET A 68 2.96 -15.85 10.76
N ASP A 69 3.13 -16.78 11.67
CA ASP A 69 4.10 -16.59 12.79
C ASP A 69 5.43 -16.00 12.26
N THR A 70 5.65 -16.01 10.97
CA THR A 70 6.94 -15.46 10.45
C THR A 70 6.80 -13.95 10.20
N CYS A 71 6.55 -13.55 8.98
CA CYS A 71 6.40 -12.09 8.69
C CYS A 71 7.47 -11.25 9.44
N LYS A 72 8.70 -11.60 9.20
CA LYS A 72 9.83 -10.87 9.85
C LYS A 72 9.83 -9.47 9.24
N TYR A 73 10.93 -9.00 8.74
CA TYR A 73 10.96 -7.62 8.18
C TYR A 73 10.70 -7.63 6.67
N VAL A 74 11.02 -8.71 5.99
CA VAL A 74 10.83 -8.75 4.51
C VAL A 74 9.34 -8.70 4.16
N HIS A 75 8.80 -7.53 4.10
CA HIS A 75 7.36 -7.37 3.76
C HIS A 75 7.19 -6.07 3.01
N TYR A 76 6.23 -6.02 2.11
CA TYR A 76 5.99 -4.79 1.30
C TYR A 76 4.49 -4.69 1.04
N GLU A 77 3.73 -4.08 1.92
CA GLU A 77 2.25 -3.99 1.70
C GLU A 77 1.84 -2.56 1.32
N ILE A 78 0.91 -2.45 0.40
CA ILE A 78 0.44 -1.12 -0.06
C ILE A 78 -1.07 -0.98 0.25
N ASP A 79 -1.50 0.20 0.62
CA ASP A 79 -2.90 0.50 0.93
C ASP A 79 -3.42 1.59 0.03
N ALA A 80 -4.10 1.32 -1.03
CA ALA A 80 -4.63 2.41 -1.90
C ALA A 80 -5.99 1.95 -2.42
N SER A 81 -6.82 2.83 -2.90
CA SER A 81 -8.13 2.42 -3.41
C SER A 81 -7.97 1.52 -4.62
N MET A 82 -8.37 0.28 -4.53
CA MET A 82 -8.24 -0.66 -5.69
C MET A 82 -9.46 -0.51 -6.62
N ASP A 83 -9.36 0.35 -7.60
CA ASP A 83 -10.51 0.55 -8.53
C ASP A 83 -11.79 0.84 -7.73
N SER A 84 -12.87 1.11 -8.41
CA SER A 84 -14.15 1.40 -7.69
C SER A 84 -14.59 0.13 -6.94
N GLU A 85 -14.57 -1.00 -7.59
CA GLU A 85 -14.99 -2.26 -6.91
C GLU A 85 -14.16 -2.48 -5.65
N ALA A 86 -14.79 -2.85 -4.56
CA ALA A 86 -14.03 -3.08 -3.30
C ALA A 86 -13.45 -4.51 -3.30
N PRO A 87 -12.36 -4.73 -2.60
CA PRO A 87 -11.72 -6.07 -2.52
C PRO A 87 -12.77 -7.19 -2.42
N GLY A 88 -12.34 -8.41 -2.58
CA GLY A 88 -13.29 -9.55 -2.47
C GLY A 88 -13.84 -9.87 -3.86
N SER A 89 -13.25 -9.33 -4.89
CA SER A 89 -13.75 -9.61 -6.27
C SER A 89 -13.28 -10.99 -6.72
N LYS A 90 -12.21 -11.06 -7.46
CA LYS A 90 -11.71 -12.37 -7.92
C LYS A 90 -11.16 -13.17 -6.73
N ASP A 91 -10.51 -12.51 -5.82
CA ASP A 91 -9.97 -13.22 -4.63
C ASP A 91 -11.13 -13.72 -3.77
N HIS A 92 -11.04 -14.92 -3.26
CA HIS A 92 -12.15 -15.45 -2.41
C HIS A 92 -11.91 -15.03 -0.95
N THR A 93 -12.97 -14.90 -0.20
CA THR A 93 -12.81 -14.49 1.22
C THR A 93 -12.34 -15.69 2.06
N PRO A 94 -11.61 -15.43 3.10
CA PRO A 94 -11.09 -16.50 4.00
C PRO A 94 -12.21 -17.18 4.80
N SER A 95 -12.38 -18.46 4.64
CA SER A 95 -13.45 -19.18 5.39
C SER A 95 -13.28 -20.69 5.22
N GLN A 96 -12.77 -21.10 4.09
CA GLN A 96 -12.58 -22.55 3.85
C GLN A 96 -11.44 -23.07 4.72
N GLU A 97 -10.44 -22.27 4.94
CA GLU A 97 -9.29 -22.71 5.78
C GLU A 97 -9.75 -22.84 7.24
N LEU A 98 -8.93 -23.39 8.08
CA LEU A 98 -9.32 -23.54 9.51
C LEU A 98 -8.05 -23.69 10.37
N ALA A 99 -7.71 -22.67 11.11
CA ALA A 99 -6.49 -22.76 11.96
C ALA A 99 -6.73 -23.77 13.09
N LEU A 100 -5.72 -24.51 13.46
CA LEU A 100 -5.88 -25.52 14.55
C LEU A 100 -4.52 -25.78 15.22
N THR A 101 -4.52 -25.94 16.51
CA THR A 101 -3.23 -26.20 17.21
C THR A 101 -2.86 -27.68 17.08
N GLN A 102 -3.45 -28.53 17.89
CA GLN A 102 -3.13 -29.98 17.81
C GLN A 102 -3.70 -30.55 16.50
N SER A 4 1.45 25.82 1.02
CA SER A 4 1.21 24.88 -0.13
C SER A 4 0.01 25.38 -0.94
N ILE A 5 0.25 25.85 -2.13
CA ILE A 5 -0.87 26.35 -2.99
C ILE A 5 -1.51 25.16 -3.68
N VAL A 6 -0.70 24.21 -4.06
CA VAL A 6 -1.21 23.00 -4.77
C VAL A 6 -2.41 22.44 -4.00
N GLU A 7 -2.48 22.70 -2.72
CA GLU A 7 -3.64 22.21 -1.94
C GLU A 7 -4.88 23.00 -2.38
N LYS A 8 -4.72 24.26 -2.70
CA LYS A 8 -5.89 25.06 -3.17
C LYS A 8 -6.46 24.40 -4.40
N PHE A 9 -5.63 23.72 -5.16
CA PHE A 9 -6.13 23.03 -6.38
C PHE A 9 -6.91 21.78 -5.99
N ARG A 10 -6.50 21.09 -4.95
CA ARG A 10 -7.27 19.88 -4.55
C ARG A 10 -8.62 20.34 -3.99
N SER A 11 -8.71 21.55 -3.54
CA SER A 11 -9.97 22.04 -2.95
C SER A 11 -11.03 22.35 -4.03
N ARG A 12 -10.65 22.76 -5.22
CA ARG A 12 -11.73 23.04 -6.24
C ARG A 12 -12.26 21.72 -6.79
N GLY A 13 -11.51 20.66 -6.69
CA GLY A 13 -11.98 19.33 -7.18
C GLY A 13 -11.96 19.25 -8.72
N ARG A 14 -11.10 20.00 -9.36
CA ARG A 14 -11.02 19.97 -10.86
C ARG A 14 -11.00 18.49 -11.33
N ALA A 15 -11.52 18.21 -12.50
CA ALA A 15 -11.51 16.78 -12.97
C ALA A 15 -10.21 16.49 -13.73
N GLN A 16 -9.54 17.53 -14.20
CA GLN A 16 -8.25 17.35 -14.96
C GLN A 16 -7.07 17.14 -13.99
N VAL A 17 -7.11 17.77 -12.85
CA VAL A 17 -5.99 17.60 -11.88
C VAL A 17 -5.97 16.16 -11.36
N GLN A 18 -7.08 15.45 -11.48
CA GLN A 18 -7.12 14.03 -10.99
C GLN A 18 -6.32 13.14 -11.94
N GLU A 19 -5.63 13.71 -12.91
CA GLU A 19 -4.81 12.89 -13.85
C GLU A 19 -3.38 12.79 -13.34
N PHE A 20 -3.04 13.57 -12.32
CA PHE A 20 -1.65 13.56 -11.77
C PHE A 20 -1.67 14.07 -10.33
N CYS A 21 -0.55 14.02 -9.68
CA CYS A 21 -0.47 14.54 -8.29
C CYS A 21 -0.09 16.01 -8.37
N ASP A 22 1.03 16.41 -7.80
CA ASP A 22 1.43 17.83 -7.90
C ASP A 22 2.13 18.03 -9.25
N TYR A 23 3.21 17.34 -9.48
CA TYR A 23 3.94 17.47 -10.77
C TYR A 23 3.58 16.26 -11.66
N GLY A 24 4.13 15.13 -11.34
CA GLY A 24 3.82 13.92 -12.15
C GLY A 24 5.13 13.36 -12.69
N THR A 25 5.87 12.68 -11.86
CA THR A 25 7.17 12.12 -12.33
C THR A 25 7.21 10.62 -11.98
N LYS A 26 7.97 9.89 -12.71
CA LYS A 26 8.05 8.42 -12.49
C LYS A 26 8.93 8.11 -11.30
N GLU A 27 10.22 8.26 -11.43
CA GLU A 27 11.14 7.93 -10.32
C GLU A 27 11.30 9.13 -9.36
N GLU A 28 11.17 10.34 -9.84
CA GLU A 28 11.36 11.52 -8.94
C GLU A 28 10.17 11.65 -7.99
N CYS A 29 8.96 11.59 -8.49
CA CYS A 29 7.80 11.75 -7.56
C CYS A 29 7.69 10.50 -6.70
N MET A 30 7.91 9.35 -7.29
CA MET A 30 7.82 8.08 -6.50
C MET A 30 8.63 8.28 -5.20
N LYS A 31 9.87 8.66 -5.33
CA LYS A 31 10.72 8.89 -4.12
C LYS A 31 9.99 9.81 -3.14
N ALA A 32 9.26 10.74 -3.66
CA ALA A 32 8.50 11.73 -2.83
C ALA A 32 7.15 11.12 -2.35
N SER A 33 6.67 10.08 -3.00
CA SER A 33 5.36 9.44 -2.61
C SER A 33 5.35 9.16 -1.10
N ASP A 34 6.34 8.44 -0.64
CA ASP A 34 6.40 8.11 0.82
C ASP A 34 7.60 8.81 1.51
N ALA A 35 7.75 10.11 1.35
CA ALA A 35 8.89 10.83 2.02
C ALA A 35 8.38 12.18 2.54
N ASP A 36 9.21 13.00 3.13
CA ASP A 36 8.70 14.33 3.63
C ASP A 36 8.87 15.35 2.52
N ARG A 37 8.89 14.88 1.31
CA ARG A 37 9.09 15.77 0.14
C ARG A 37 7.72 16.31 -0.29
N PRO A 38 7.68 17.49 -0.92
CA PRO A 38 6.39 18.12 -1.35
C PRO A 38 5.36 17.12 -1.85
N CYS A 39 5.05 17.17 -3.11
CA CYS A 39 4.04 16.23 -3.69
C CYS A 39 2.78 16.16 -2.83
N ARG A 40 1.80 15.39 -3.25
CA ARG A 40 0.55 15.28 -2.48
C ARG A 40 0.78 14.51 -1.21
N LYS A 41 1.88 13.80 -1.06
CA LYS A 41 2.12 13.04 0.21
C LYS A 41 1.10 11.90 0.36
N LEU A 42 -0.08 12.06 -0.21
CA LEU A 42 -1.15 11.01 -0.08
C LEU A 42 -0.87 9.74 -0.93
N HIS A 43 0.07 9.76 -1.83
CA HIS A 43 0.37 8.53 -2.66
C HIS A 43 0.41 7.29 -1.75
N PHE A 44 0.08 6.11 -2.27
CA PHE A 44 0.05 4.82 -1.48
C PHE A 44 1.09 4.82 -0.33
N ARG A 45 0.65 4.59 0.89
CA ARG A 45 1.62 4.54 2.00
C ARG A 45 1.91 3.06 2.28
N ARG A 46 3.11 2.63 2.06
CA ARG A 46 3.45 1.21 2.27
C ARG A 46 4.50 1.09 3.40
N ILE A 47 4.44 0.05 4.21
CA ILE A 47 5.44 -0.12 5.32
C ILE A 47 6.63 -0.96 4.87
N ILE A 48 7.79 -0.36 4.93
CA ILE A 48 9.06 -1.06 4.51
C ILE A 48 10.01 -1.22 5.70
N ASN A 49 10.93 -2.16 5.63
CA ASN A 49 11.89 -2.38 6.75
C ASN A 49 13.30 -2.54 6.19
N LYS A 50 14.31 -2.39 7.01
CA LYS A 50 15.71 -2.53 6.52
C LYS A 50 15.89 -3.90 5.85
N HIS A 51 16.73 -4.00 4.86
CA HIS A 51 16.91 -5.31 4.18
C HIS A 51 17.38 -6.37 5.18
N THR A 52 16.49 -7.19 5.63
CA THR A 52 16.84 -8.27 6.60
C THR A 52 17.44 -9.45 5.81
N ASP A 53 18.14 -10.35 6.47
CA ASP A 53 18.72 -11.52 5.77
C ASP A 53 17.70 -12.66 5.84
N GLU A 54 17.22 -13.09 4.72
CA GLU A 54 16.18 -14.15 4.68
C GLU A 54 16.50 -15.37 5.55
N SER A 55 17.60 -15.39 6.26
CA SER A 55 17.87 -16.56 7.14
C SER A 55 16.74 -16.64 8.18
N LEU A 56 16.28 -15.49 8.62
CA LEU A 56 15.17 -15.42 9.60
C LEU A 56 13.89 -15.76 8.83
N GLY A 57 13.32 -16.92 9.01
CA GLY A 57 12.08 -17.25 8.28
C GLY A 57 12.32 -17.02 6.79
N ASP A 58 11.33 -16.53 6.10
CA ASP A 58 11.47 -16.29 4.63
C ASP A 58 10.21 -15.59 4.12
N CYS A 59 9.05 -16.14 4.41
CA CYS A 59 7.75 -15.53 3.97
C CYS A 59 7.68 -15.41 2.44
N SER A 60 6.63 -14.83 1.93
CA SER A 60 6.51 -14.68 0.46
C SER A 60 5.37 -13.70 0.15
N PHE A 61 5.27 -12.64 0.89
CA PHE A 61 4.18 -11.64 0.66
C PHE A 61 3.97 -11.43 -0.83
N LEU A 62 4.98 -11.51 -1.66
CA LEU A 62 4.79 -11.29 -3.11
C LEU A 62 3.54 -12.00 -3.66
N ASN A 63 3.01 -12.98 -2.97
CA ASN A 63 1.81 -13.70 -3.51
C ASN A 63 1.00 -14.26 -2.33
N THR A 64 1.57 -15.23 -1.66
CA THR A 64 0.90 -15.87 -0.49
C THR A 64 1.94 -15.99 0.64
N CYS A 65 1.66 -15.34 1.74
CA CYS A 65 2.56 -15.35 2.94
C CYS A 65 2.56 -16.76 3.50
N PHE A 66 1.76 -17.67 2.98
CA PHE A 66 1.78 -19.05 3.50
C PHE A 66 1.54 -18.97 5.00
N HIS A 67 2.50 -19.42 5.78
CA HIS A 67 2.36 -19.36 7.27
C HIS A 67 2.36 -17.90 7.72
N MET A 68 1.55 -17.56 8.66
CA MET A 68 1.54 -16.15 9.14
C MET A 68 2.51 -16.04 10.33
N ASP A 69 2.53 -17.08 11.13
CA ASP A 69 3.44 -17.10 12.32
C ASP A 69 4.82 -16.53 11.98
N THR A 70 5.16 -16.43 10.72
CA THR A 70 6.52 -15.91 10.36
C THR A 70 6.47 -14.38 10.18
N CYS A 71 6.30 -13.89 8.98
CA CYS A 71 6.26 -12.42 8.77
C CYS A 71 7.35 -11.70 9.59
N LYS A 72 8.57 -12.07 9.32
CA LYS A 72 9.73 -11.44 10.00
C LYS A 72 9.80 -10.01 9.49
N TYR A 73 10.91 -9.56 9.01
CA TYR A 73 10.99 -8.15 8.54
C TYR A 73 10.70 -8.05 7.04
N VAL A 74 11.24 -8.95 6.23
CA VAL A 74 11.02 -8.87 4.75
C VAL A 74 9.53 -8.79 4.44
N HIS A 75 8.99 -7.61 4.46
CA HIS A 75 7.55 -7.43 4.14
C HIS A 75 7.39 -6.08 3.45
N TYR A 76 6.43 -5.99 2.56
CA TYR A 76 6.19 -4.71 1.81
C TYR A 76 4.70 -4.62 1.53
N GLU A 77 3.92 -4.01 2.40
CA GLU A 77 2.44 -3.92 2.15
C GLU A 77 2.04 -2.49 1.77
N ILE A 78 0.92 -2.37 1.10
CA ILE A 78 0.42 -1.03 0.67
C ILE A 78 -0.95 -0.76 1.31
N ASP A 79 -1.21 0.47 1.70
CA ASP A 79 -2.47 0.88 2.31
C ASP A 79 -3.15 1.95 1.49
N ALA A 80 -4.11 1.68 0.68
CA ALA A 80 -4.78 2.75 -0.10
C ALA A 80 -6.28 2.41 -0.15
N SER A 81 -7.12 3.32 -0.54
CA SER A 81 -8.55 3.02 -0.61
C SER A 81 -8.80 1.77 -1.41
N MET A 82 -9.44 0.77 -0.86
CA MET A 82 -9.72 -0.49 -1.61
C MET A 82 -11.01 -0.34 -2.42
N ASP A 83 -11.01 -0.80 -3.64
CA ASP A 83 -12.23 -0.67 -4.49
C ASP A 83 -13.32 -1.62 -3.97
N SER A 84 -14.55 -1.43 -4.39
CA SER A 84 -15.64 -2.32 -3.94
C SER A 84 -15.55 -3.66 -4.65
N GLU A 85 -14.56 -3.84 -5.49
CA GLU A 85 -14.42 -5.13 -6.23
C GLU A 85 -15.76 -5.51 -6.86
N ALA A 86 -15.82 -6.66 -7.47
CA ALA A 86 -17.09 -7.09 -8.12
C ALA A 86 -18.04 -7.68 -7.07
N PRO A 87 -19.33 -7.57 -7.28
CA PRO A 87 -20.34 -8.11 -6.32
C PRO A 87 -20.43 -9.64 -6.38
N GLY A 88 -21.18 -10.23 -5.48
CA GLY A 88 -21.31 -11.71 -5.48
C GLY A 88 -20.45 -12.31 -4.38
N SER A 89 -19.44 -11.59 -3.95
CA SER A 89 -18.55 -12.12 -2.87
C SER A 89 -17.56 -11.04 -2.44
N LYS A 90 -17.91 -10.25 -1.47
CA LYS A 90 -16.99 -9.17 -1.00
C LYS A 90 -15.82 -9.82 -0.26
N ASP A 91 -16.03 -10.96 0.32
CA ASP A 91 -14.92 -11.63 1.06
C ASP A 91 -15.29 -13.09 1.31
N HIS A 92 -14.47 -13.82 2.02
CA HIS A 92 -14.77 -15.25 2.30
C HIS A 92 -15.97 -15.33 3.25
N THR A 93 -16.73 -16.39 3.17
CA THR A 93 -17.91 -16.52 4.07
C THR A 93 -17.45 -16.45 5.53
N PRO A 94 -18.31 -15.97 6.40
CA PRO A 94 -18.00 -15.86 7.85
C PRO A 94 -17.18 -17.04 8.37
N SER A 95 -16.47 -16.86 9.45
CA SER A 95 -15.65 -17.98 10.00
C SER A 95 -15.48 -17.78 11.52
N GLN A 96 -15.36 -18.86 12.25
CA GLN A 96 -15.20 -18.73 13.72
C GLN A 96 -13.92 -17.95 14.03
N GLU A 97 -12.86 -18.20 13.28
CA GLU A 97 -11.59 -17.47 13.54
C GLU A 97 -11.18 -17.65 14.99
N LEU A 98 -10.43 -18.69 15.29
CA LEU A 98 -10.00 -18.91 16.69
C LEU A 98 -8.94 -17.87 17.07
N ALA A 99 -9.31 -16.88 17.84
CA ALA A 99 -8.33 -15.84 18.23
C ALA A 99 -7.37 -16.41 19.27
N LEU A 100 -6.11 -16.50 18.94
CA LEU A 100 -5.11 -17.06 19.91
C LEU A 100 -5.52 -18.48 20.28
N THR A 101 -4.58 -19.27 20.74
CA THR A 101 -4.92 -20.68 21.13
C THR A 101 -5.87 -20.66 22.33
N GLN A 102 -5.76 -19.66 23.17
CA GLN A 102 -6.67 -19.60 24.35
C GLN A 102 -6.55 -18.22 25.00
N SER A 4 1.90 25.51 1.47
CA SER A 4 1.63 24.58 0.33
C SER A 4 0.45 25.10 -0.48
N ILE A 5 0.71 25.57 -1.67
CA ILE A 5 -0.39 26.12 -2.53
C ILE A 5 -1.08 24.94 -3.22
N VAL A 6 -0.31 23.96 -3.60
CA VAL A 6 -0.85 22.77 -4.30
C VAL A 6 -2.04 22.22 -3.51
N GLU A 7 -2.08 22.46 -2.22
CA GLU A 7 -3.23 21.99 -1.41
C GLU A 7 -4.46 22.79 -1.84
N LYS A 8 -4.28 24.03 -2.22
CA LYS A 8 -5.45 24.84 -2.67
C LYS A 8 -6.07 24.16 -3.89
N PHE A 9 -5.27 23.46 -4.64
CA PHE A 9 -5.80 22.77 -5.84
C PHE A 9 -6.57 21.51 -5.40
N ARG A 10 -6.08 20.80 -4.41
CA ARG A 10 -6.84 19.59 -3.98
C ARG A 10 -8.17 20.05 -3.37
N SER A 11 -8.25 21.29 -2.98
CA SER A 11 -9.49 21.79 -2.34
C SER A 11 -10.56 22.18 -3.38
N ARG A 12 -10.20 22.63 -4.56
CA ARG A 12 -11.28 22.98 -5.53
C ARG A 12 -11.91 21.72 -6.11
N GLY A 13 -11.22 20.61 -6.01
CA GLY A 13 -11.79 19.31 -6.52
C GLY A 13 -11.78 19.26 -8.06
N ARG A 14 -10.91 20.00 -8.70
CA ARG A 14 -10.86 19.99 -10.20
C ARG A 14 -10.87 18.54 -10.70
N ALA A 15 -11.37 18.28 -11.89
CA ALA A 15 -11.41 16.87 -12.39
C ALA A 15 -10.10 16.54 -13.13
N GLN A 16 -9.46 17.55 -13.67
CA GLN A 16 -8.16 17.36 -14.42
C GLN A 16 -7.02 17.02 -13.45
N VAL A 17 -7.16 17.33 -12.19
CA VAL A 17 -6.09 17.03 -11.22
C VAL A 17 -5.94 15.52 -11.06
N GLN A 18 -7.02 14.77 -11.23
CA GLN A 18 -6.94 13.28 -11.09
C GLN A 18 -6.05 12.70 -12.18
N GLU A 19 -5.38 13.54 -12.95
CA GLU A 19 -4.48 13.03 -14.03
C GLU A 19 -3.03 13.03 -13.53
N PHE A 20 -2.81 13.56 -12.34
CA PHE A 20 -1.42 13.61 -11.78
C PHE A 20 -1.49 14.06 -10.31
N CYS A 21 -0.38 14.01 -9.64
CA CYS A 21 -0.34 14.47 -8.23
C CYS A 21 0.04 15.94 -8.22
N ASP A 22 1.17 16.31 -7.69
CA ASP A 22 1.56 17.73 -7.71
C ASP A 22 2.24 18.02 -9.05
N TYR A 23 3.33 17.33 -9.33
CA TYR A 23 4.04 17.53 -10.62
C TYR A 23 3.66 16.40 -11.58
N GLY A 24 4.17 15.23 -11.34
CA GLY A 24 3.83 14.08 -12.22
C GLY A 24 5.13 13.51 -12.76
N THR A 25 6.08 13.27 -11.89
CA THR A 25 7.37 12.71 -12.35
C THR A 25 7.34 11.18 -12.16
N LYS A 26 8.10 10.50 -12.96
CA LYS A 26 8.11 9.02 -12.88
C LYS A 26 8.97 8.54 -11.73
N GLU A 27 10.26 8.66 -11.83
CA GLU A 27 11.16 8.19 -10.74
C GLU A 27 11.32 9.26 -9.65
N GLU A 28 11.23 10.52 -9.99
CA GLU A 28 11.43 11.59 -8.96
C GLU A 28 10.25 11.63 -7.99
N CYS A 29 9.04 11.61 -8.50
CA CYS A 29 7.88 11.67 -7.56
C CYS A 29 7.87 10.39 -6.73
N MET A 30 8.13 9.27 -7.34
CA MET A 30 8.13 7.99 -6.58
C MET A 30 8.92 8.20 -5.28
N LYS A 31 10.15 8.60 -5.40
CA LYS A 31 10.99 8.86 -4.18
C LYS A 31 10.20 9.72 -3.19
N ALA A 32 9.43 10.63 -3.71
CA ALA A 32 8.62 11.56 -2.85
C ALA A 32 7.32 10.87 -2.39
N SER A 33 6.91 9.80 -3.05
CA SER A 33 5.64 9.08 -2.66
C SER A 33 5.63 8.80 -1.15
N ASP A 34 6.68 8.20 -0.65
CA ASP A 34 6.76 7.89 0.81
C ASP A 34 7.95 8.61 1.48
N ALA A 35 8.12 9.90 1.28
CA ALA A 35 9.26 10.62 1.93
C ALA A 35 8.73 11.96 2.47
N ASP A 36 9.58 12.80 3.03
CA ASP A 36 9.07 14.12 3.55
C ASP A 36 9.19 15.16 2.44
N ARG A 37 9.19 14.69 1.23
CA ARG A 37 9.35 15.60 0.06
C ARG A 37 7.96 16.17 -0.31
N PRO A 38 7.92 17.36 -0.91
CA PRO A 38 6.62 18.01 -1.27
C PRO A 38 5.57 17.02 -1.76
N CYS A 39 5.25 17.08 -3.03
CA CYS A 39 4.22 16.17 -3.60
C CYS A 39 2.95 16.17 -2.75
N ARG A 40 1.95 15.41 -3.16
CA ARG A 40 0.69 15.37 -2.42
C ARG A 40 0.86 14.63 -1.12
N LYS A 41 1.97 13.96 -0.88
CA LYS A 41 2.15 13.23 0.40
C LYS A 41 1.08 12.13 0.57
N LEU A 42 -0.01 12.25 -0.16
CA LEU A 42 -1.13 11.23 -0.04
C LEU A 42 -0.93 9.98 -0.93
N HIS A 43 0.20 9.83 -1.58
CA HIS A 43 0.41 8.60 -2.45
C HIS A 43 0.38 7.33 -1.60
N PHE A 44 0.16 6.16 -2.21
CA PHE A 44 0.09 4.84 -1.47
C PHE A 44 1.07 4.78 -0.29
N ARG A 45 0.63 4.30 0.86
CA ARG A 45 1.56 4.17 2.00
C ARG A 45 2.05 2.72 2.01
N ARG A 46 3.26 2.51 1.56
CA ARG A 46 3.80 1.13 1.51
C ARG A 46 4.64 0.86 2.77
N ILE A 47 4.26 -0.12 3.57
CA ILE A 47 5.03 -0.43 4.82
C ILE A 47 6.26 -1.30 4.52
N ILE A 48 7.42 -0.68 4.59
CA ILE A 48 8.70 -1.38 4.30
C ILE A 48 9.57 -1.50 5.57
N ASN A 49 10.48 -2.46 5.60
CA ASN A 49 11.34 -2.61 6.81
C ASN A 49 12.81 -2.58 6.37
N LYS A 50 13.71 -2.29 7.29
CA LYS A 50 15.17 -2.24 6.92
C LYS A 50 15.56 -3.53 6.21
N HIS A 51 16.57 -3.48 5.37
CA HIS A 51 16.97 -4.71 4.65
C HIS A 51 17.34 -5.82 5.64
N THR A 52 16.52 -6.83 5.74
CA THR A 52 16.79 -7.96 6.67
C THR A 52 17.39 -9.12 5.86
N ASP A 53 18.03 -10.07 6.51
CA ASP A 53 18.61 -11.23 5.79
C ASP A 53 17.50 -12.26 5.60
N GLU A 54 17.21 -12.60 4.38
CA GLU A 54 16.10 -13.55 4.07
C GLU A 54 16.33 -14.95 4.63
N SER A 55 17.39 -15.22 5.34
CA SER A 55 17.57 -16.58 5.90
C SER A 55 16.56 -16.75 7.03
N LEU A 56 16.05 -15.65 7.54
CA LEU A 56 15.05 -15.67 8.63
C LEU A 56 13.72 -16.07 7.98
N GLY A 57 13.22 -17.24 8.21
CA GLY A 57 11.92 -17.61 7.59
C GLY A 57 11.99 -17.31 6.10
N ASP A 58 11.00 -16.62 5.59
CA ASP A 58 10.98 -16.28 4.13
C ASP A 58 9.69 -15.52 3.82
N CYS A 59 8.56 -16.07 4.19
CA CYS A 59 7.23 -15.40 3.94
C CYS A 59 7.00 -15.15 2.46
N SER A 60 7.71 -14.20 1.90
CA SER A 60 7.53 -13.91 0.45
C SER A 60 6.11 -13.37 0.22
N PHE A 61 5.68 -12.46 1.05
CA PHE A 61 4.31 -11.88 0.90
C PHE A 61 4.00 -11.59 -0.57
N LEU A 62 4.98 -11.59 -1.45
CA LEU A 62 4.71 -11.27 -2.87
C LEU A 62 3.46 -11.98 -3.40
N ASN A 63 2.97 -13.01 -2.75
CA ASN A 63 1.76 -13.73 -3.27
C ASN A 63 1.06 -14.42 -2.08
N THR A 64 1.72 -15.40 -1.51
CA THR A 64 1.14 -16.15 -0.35
C THR A 64 2.14 -16.08 0.80
N CYS A 65 1.66 -15.67 1.94
CA CYS A 65 2.51 -15.56 3.17
C CYS A 65 2.64 -16.95 3.78
N PHE A 66 1.93 -17.93 3.29
CA PHE A 66 2.08 -19.30 3.84
C PHE A 66 1.82 -19.21 5.33
N HIS A 67 2.82 -19.55 6.13
CA HIS A 67 2.66 -19.46 7.61
C HIS A 67 2.61 -17.97 8.03
N MET A 68 1.78 -17.66 8.97
CA MET A 68 1.70 -16.23 9.40
C MET A 68 2.67 -16.05 10.58
N ASP A 69 2.75 -17.05 11.42
CA ASP A 69 3.65 -17.00 12.61
C ASP A 69 5.01 -16.38 12.24
N THR A 70 5.34 -16.31 10.97
CA THR A 70 6.68 -15.74 10.58
C THR A 70 6.56 -14.23 10.36
N CYS A 71 6.27 -13.80 9.16
CA CYS A 71 6.17 -12.33 8.91
C CYS A 71 7.29 -11.55 9.62
N LYS A 72 8.51 -11.92 9.30
CA LYS A 72 9.68 -11.23 9.90
C LYS A 72 9.69 -9.82 9.31
N TYR A 73 10.79 -9.33 8.85
CA TYR A 73 10.82 -7.95 8.32
C TYR A 73 10.61 -7.92 6.80
N VAL A 74 10.70 -9.06 6.14
CA VAL A 74 10.54 -9.09 4.66
C VAL A 74 9.06 -8.97 4.28
N HIS A 75 8.54 -7.78 4.32
CA HIS A 75 7.12 -7.56 3.98
C HIS A 75 7.00 -6.25 3.22
N TYR A 76 6.03 -6.13 2.36
CA TYR A 76 5.85 -4.88 1.57
C TYR A 76 4.36 -4.75 1.23
N GLU A 77 3.55 -4.22 2.13
CA GLU A 77 2.09 -4.12 1.84
C GLU A 77 1.68 -2.68 1.57
N ILE A 78 0.70 -2.49 0.73
CA ILE A 78 0.22 -1.13 0.37
C ILE A 78 -1.14 -0.86 1.05
N ASP A 79 -1.36 0.33 1.55
CA ASP A 79 -2.60 0.73 2.19
C ASP A 79 -3.34 1.75 1.37
N ALA A 80 -4.42 1.43 0.72
CA ALA A 80 -5.14 2.44 -0.09
C ALA A 80 -6.65 2.15 0.07
N SER A 81 -7.51 3.01 -0.36
CA SER A 81 -8.95 2.74 -0.24
C SER A 81 -9.31 1.42 -0.87
N MET A 82 -10.40 0.82 -0.48
CA MET A 82 -10.84 -0.49 -1.09
C MET A 82 -11.44 -0.23 -2.47
N ASP A 83 -11.27 -1.16 -3.38
CA ASP A 83 -11.82 -0.97 -4.74
C ASP A 83 -13.36 -1.10 -4.71
N SER A 84 -14.00 -0.91 -5.84
CA SER A 84 -15.49 -1.02 -5.87
C SER A 84 -15.91 -2.44 -5.50
N GLU A 85 -15.21 -3.43 -5.99
CA GLU A 85 -15.57 -4.84 -5.66
C GLU A 85 -15.16 -5.16 -4.22
N ALA A 86 -16.08 -5.58 -3.40
CA ALA A 86 -15.74 -5.91 -1.99
C ALA A 86 -15.18 -7.33 -1.92
N PRO A 87 -14.35 -7.61 -0.94
CA PRO A 87 -13.74 -8.96 -0.77
C PRO A 87 -14.76 -9.99 -0.25
N GLY A 88 -14.41 -11.24 -0.25
CA GLY A 88 -15.35 -12.29 0.24
C GLY A 88 -16.32 -12.65 -0.88
N SER A 89 -16.05 -12.23 -2.08
CA SER A 89 -16.97 -12.54 -3.22
C SER A 89 -17.02 -14.06 -3.42
N LYS A 90 -15.98 -14.76 -3.08
CA LYS A 90 -15.97 -16.24 -3.26
C LYS A 90 -16.85 -16.88 -2.18
N ASP A 91 -17.14 -16.16 -1.14
CA ASP A 91 -17.99 -16.73 -0.05
C ASP A 91 -17.42 -18.07 0.38
N HIS A 92 -16.13 -18.14 0.57
CA HIS A 92 -15.51 -19.43 1.00
C HIS A 92 -15.98 -19.77 2.41
N THR A 93 -16.20 -21.03 2.68
CA THR A 93 -16.67 -21.44 4.03
C THR A 93 -15.79 -20.81 5.09
N PRO A 94 -16.33 -20.53 6.25
CA PRO A 94 -15.58 -19.91 7.37
C PRO A 94 -14.54 -20.87 7.96
N SER A 95 -13.39 -20.34 8.33
CA SER A 95 -12.33 -21.23 8.91
C SER A 95 -11.36 -20.37 9.74
N GLN A 96 -11.72 -19.15 10.00
CA GLN A 96 -10.82 -18.28 10.80
C GLN A 96 -10.78 -18.77 12.25
N GLU A 97 -11.68 -19.64 12.61
CA GLU A 97 -11.69 -20.16 14.01
C GLU A 97 -10.52 -21.10 14.22
N LEU A 98 -9.77 -20.93 15.27
CA LEU A 98 -8.62 -21.83 15.52
C LEU A 98 -9.12 -23.15 16.12
N ALA A 99 -8.65 -24.26 15.62
CA ALA A 99 -9.10 -25.57 16.15
C ALA A 99 -8.44 -25.82 17.51
N LEU A 100 -9.15 -25.62 18.58
CA LEU A 100 -8.55 -25.84 19.93
C LEU A 100 -8.58 -27.34 20.25
N THR A 101 -7.65 -27.80 21.05
CA THR A 101 -7.61 -29.24 21.40
C THR A 101 -6.56 -29.48 22.49
N GLN A 102 -6.13 -28.44 23.14
CA GLN A 102 -5.11 -28.61 24.22
C GLN A 102 -5.73 -29.37 25.38
N SER A 4 1.36 25.75 1.18
CA SER A 4 1.42 24.85 -0.01
C SER A 4 0.41 25.30 -1.04
N ILE A 5 0.84 25.52 -2.25
CA ILE A 5 -0.10 25.97 -3.33
C ILE A 5 -0.85 24.74 -3.85
N VAL A 6 -0.16 23.64 -3.92
CA VAL A 6 -0.77 22.38 -4.41
C VAL A 6 -2.05 22.08 -3.62
N GLU A 7 -2.11 22.55 -2.40
CA GLU A 7 -3.34 22.31 -1.60
C GLU A 7 -4.47 23.16 -2.20
N LYS A 8 -4.14 24.29 -2.77
CA LYS A 8 -5.19 25.14 -3.40
C LYS A 8 -5.87 24.32 -4.49
N PHE A 9 -5.11 23.49 -5.16
CA PHE A 9 -5.71 22.65 -6.24
C PHE A 9 -6.56 21.56 -5.62
N ARG A 10 -6.23 21.09 -4.44
CA ARG A 10 -7.08 20.04 -3.83
C ARG A 10 -8.38 20.67 -3.35
N SER A 11 -8.36 21.93 -3.06
CA SER A 11 -9.58 22.61 -2.56
C SER A 11 -10.55 22.96 -3.70
N ARG A 12 -10.10 23.18 -4.91
CA ARG A 12 -11.09 23.52 -5.99
C ARG A 12 -11.82 22.24 -6.44
N GLY A 13 -11.21 21.10 -6.21
CA GLY A 13 -11.88 19.80 -6.59
C GLY A 13 -11.91 19.62 -8.12
N ARG A 14 -11.02 20.24 -8.84
CA ARG A 14 -11.00 20.08 -10.33
C ARG A 14 -10.99 18.58 -10.70
N ALA A 15 -11.55 18.20 -11.82
CA ALA A 15 -11.55 16.74 -12.17
C ALA A 15 -10.30 16.41 -12.99
N GLN A 16 -9.74 17.41 -13.66
CA GLN A 16 -8.50 17.20 -14.49
C GLN A 16 -7.27 16.96 -13.60
N VAL A 17 -7.26 17.51 -12.41
CA VAL A 17 -6.09 17.32 -11.52
C VAL A 17 -6.03 15.86 -11.04
N GLN A 18 -7.13 15.14 -11.14
CA GLN A 18 -7.16 13.71 -10.70
C GLN A 18 -6.34 12.86 -11.67
N GLU A 19 -5.72 13.47 -12.66
CA GLU A 19 -4.90 12.69 -13.64
C GLU A 19 -3.44 12.67 -13.18
N PHE A 20 -3.11 13.45 -12.17
CA PHE A 20 -1.71 13.50 -11.67
C PHE A 20 -1.70 14.01 -10.22
N CYS A 21 -0.56 13.98 -9.61
CA CYS A 21 -0.46 14.50 -8.21
C CYS A 21 -0.04 15.95 -8.29
N ASP A 22 1.13 16.31 -7.78
CA ASP A 22 1.56 17.73 -7.88
C ASP A 22 2.20 17.93 -9.26
N TYR A 23 3.26 17.21 -9.53
CA TYR A 23 3.95 17.34 -10.85
C TYR A 23 3.53 16.16 -11.73
N GLY A 24 4.01 15.00 -11.44
CA GLY A 24 3.66 13.81 -12.26
C GLY A 24 4.94 13.19 -12.79
N THR A 25 5.93 13.07 -11.95
CA THR A 25 7.22 12.48 -12.40
C THR A 25 7.17 10.97 -12.16
N LYS A 26 7.91 10.25 -12.94
CA LYS A 26 7.90 8.77 -12.83
C LYS A 26 8.76 8.32 -11.65
N GLU A 27 10.05 8.42 -11.77
CA GLU A 27 10.95 7.96 -10.68
C GLU A 27 11.15 9.07 -9.63
N GLU A 28 11.07 10.31 -10.00
CA GLU A 28 11.29 11.41 -9.00
C GLU A 28 10.11 11.49 -8.03
N CYS A 29 8.90 11.46 -8.52
CA CYS A 29 7.75 11.56 -7.57
C CYS A 29 7.78 10.34 -6.65
N MET A 30 8.10 9.20 -7.18
CA MET A 30 8.15 7.97 -6.34
C MET A 30 8.91 8.30 -5.04
N LYS A 31 10.11 8.79 -5.17
CA LYS A 31 10.92 9.18 -3.96
C LYS A 31 10.05 10.04 -3.04
N ALA A 32 9.20 10.83 -3.61
CA ALA A 32 8.30 11.74 -2.84
C ALA A 32 7.01 10.99 -2.41
N SER A 33 6.72 9.86 -3.02
CA SER A 33 5.48 9.08 -2.66
C SER A 33 5.40 8.89 -1.13
N ASP A 34 6.51 8.60 -0.52
CA ASP A 34 6.51 8.39 0.97
C ASP A 34 7.72 9.09 1.62
N ALA A 35 7.91 10.38 1.41
CA ALA A 35 9.07 11.10 2.04
C ALA A 35 8.59 12.48 2.52
N ASP A 36 9.45 13.30 3.09
CA ASP A 36 8.98 14.64 3.55
C ASP A 36 9.11 15.62 2.38
N ARG A 37 9.13 15.08 1.20
CA ARG A 37 9.31 15.92 -0.02
C ARG A 37 7.92 16.46 -0.44
N PRO A 38 7.87 17.59 -1.13
CA PRO A 38 6.59 18.22 -1.55
C PRO A 38 5.53 17.22 -1.94
N CYS A 39 5.10 17.23 -3.18
CA CYS A 39 4.05 16.30 -3.65
C CYS A 39 2.86 16.27 -2.69
N ARG A 40 1.86 15.47 -2.99
CA ARG A 40 0.68 15.38 -2.15
C ARG A 40 0.98 14.60 -0.89
N LYS A 41 2.07 13.89 -0.80
CA LYS A 41 2.40 13.11 0.43
C LYS A 41 1.35 11.98 0.65
N LEU A 42 0.14 12.21 0.21
CA LEU A 42 -0.96 11.17 0.41
C LEU A 42 -0.79 9.94 -0.51
N HIS A 43 0.13 9.94 -1.44
CA HIS A 43 0.31 8.73 -2.32
C HIS A 43 0.27 7.44 -1.48
N PHE A 44 -0.10 6.30 -2.09
CA PHE A 44 -0.20 4.98 -1.35
C PHE A 44 0.78 4.88 -0.17
N ARG A 45 0.31 4.53 1.00
CA ARG A 45 1.23 4.37 2.15
C ARG A 45 1.54 2.88 2.28
N ARG A 46 2.79 2.54 2.27
CA ARG A 46 3.17 1.10 2.35
C ARG A 46 4.18 0.91 3.51
N ILE A 47 4.29 -0.30 4.05
CA ILE A 47 5.26 -0.55 5.18
C ILE A 47 6.54 -1.23 4.67
N ILE A 48 7.65 -0.73 5.11
CA ILE A 48 8.98 -1.27 4.70
C ILE A 48 9.90 -1.49 5.92
N ASN A 49 10.88 -2.35 5.80
CA ASN A 49 11.80 -2.60 6.96
C ASN A 49 13.24 -2.69 6.44
N LYS A 50 14.22 -2.59 7.32
CA LYS A 50 15.64 -2.67 6.88
C LYS A 50 15.88 -4.00 6.18
N HIS A 51 16.81 -4.06 5.25
CA HIS A 51 17.06 -5.34 4.53
C HIS A 51 17.49 -6.43 5.52
N THR A 52 16.57 -7.29 5.87
CA THR A 52 16.88 -8.39 6.83
C THR A 52 17.43 -9.59 6.02
N ASP A 53 18.15 -10.49 6.64
CA ASP A 53 18.70 -11.67 5.93
C ASP A 53 17.52 -12.58 5.62
N GLU A 54 17.24 -12.76 4.36
CA GLU A 54 16.08 -13.59 3.92
C GLU A 54 16.18 -15.06 4.34
N SER A 55 17.21 -15.47 5.05
CA SER A 55 17.26 -16.90 5.47
C SER A 55 16.28 -17.08 6.63
N LEU A 56 15.98 -16.00 7.31
CA LEU A 56 15.01 -16.02 8.43
C LEU A 56 13.66 -16.34 7.82
N GLY A 57 13.11 -17.50 8.07
CA GLY A 57 11.77 -17.80 7.49
C GLY A 57 11.82 -17.52 5.99
N ASP A 58 10.80 -16.91 5.47
CA ASP A 58 10.76 -16.58 4.01
C ASP A 58 9.54 -15.71 3.72
N CYS A 59 8.36 -16.14 4.12
CA CYS A 59 7.11 -15.35 3.90
C CYS A 59 6.89 -15.06 2.41
N SER A 60 7.68 -14.18 1.86
CA SER A 60 7.50 -13.84 0.41
C SER A 60 6.09 -13.32 0.19
N PHE A 61 5.65 -12.41 1.02
CA PHE A 61 4.28 -11.83 0.87
C PHE A 61 3.97 -11.55 -0.59
N LEU A 62 4.96 -11.48 -1.46
CA LEU A 62 4.67 -11.18 -2.89
C LEU A 62 3.45 -11.93 -3.43
N ASN A 63 2.98 -12.95 -2.76
CA ASN A 63 1.80 -13.71 -3.28
C ASN A 63 1.06 -14.34 -2.09
N THR A 64 1.70 -15.28 -1.44
CA THR A 64 1.08 -15.97 -0.27
C THR A 64 2.10 -15.96 0.87
N CYS A 65 1.67 -15.45 2.00
CA CYS A 65 2.53 -15.37 3.23
C CYS A 65 2.67 -16.78 3.79
N PHE A 66 1.99 -17.76 3.26
CA PHE A 66 2.15 -19.13 3.79
C PHE A 66 1.84 -19.09 5.28
N HIS A 67 2.79 -19.46 6.10
CA HIS A 67 2.59 -19.41 7.58
C HIS A 67 2.55 -17.94 8.04
N MET A 68 1.76 -17.66 9.02
CA MET A 68 1.68 -16.24 9.50
C MET A 68 2.70 -16.09 10.66
N ASP A 69 2.79 -17.11 11.46
CA ASP A 69 3.74 -17.09 12.62
C ASP A 69 5.10 -16.49 12.21
N THR A 70 5.38 -16.41 10.94
CA THR A 70 6.72 -15.86 10.52
C THR A 70 6.63 -14.34 10.35
N CYS A 71 6.36 -13.85 9.18
CA CYS A 71 6.28 -12.36 8.98
C CYS A 71 7.43 -11.64 9.72
N LYS A 72 8.62 -12.04 9.40
CA LYS A 72 9.81 -11.41 10.01
C LYS A 72 9.85 -9.98 9.51
N TYR A 73 10.97 -9.46 9.11
CA TYR A 73 11.02 -8.05 8.64
C TYR A 73 10.81 -7.95 7.13
N VAL A 74 10.92 -9.04 6.41
CA VAL A 74 10.76 -8.99 4.92
C VAL A 74 9.29 -8.88 4.55
N HIS A 75 8.76 -7.69 4.59
CA HIS A 75 7.33 -7.48 4.24
C HIS A 75 7.22 -6.15 3.51
N TYR A 76 6.29 -6.06 2.59
CA TYR A 76 6.11 -4.81 1.80
C TYR A 76 4.64 -4.74 1.38
N GLU A 77 3.79 -4.07 2.12
CA GLU A 77 2.34 -4.02 1.75
C GLU A 77 1.91 -2.57 1.45
N ILE A 78 0.78 -2.42 0.80
CA ILE A 78 0.26 -1.07 0.45
C ILE A 78 -1.17 -0.92 1.00
N ASP A 79 -1.55 0.29 1.37
CA ASP A 79 -2.89 0.59 1.88
C ASP A 79 -3.51 1.74 1.12
N ALA A 80 -4.42 1.55 0.24
CA ALA A 80 -5.04 2.68 -0.49
C ALA A 80 -6.52 2.35 -0.70
N SER A 81 -7.33 3.27 -1.12
CA SER A 81 -8.75 2.97 -1.34
C SER A 81 -8.91 1.82 -2.31
N MET A 82 -9.27 0.65 -1.84
CA MET A 82 -9.43 -0.53 -2.75
C MET A 82 -10.91 -0.68 -3.12
N ASP A 83 -11.19 -0.99 -4.36
CA ASP A 83 -12.61 -1.14 -4.80
C ASP A 83 -13.28 -2.26 -3.99
N SER A 84 -14.50 -2.05 -3.57
CA SER A 84 -15.21 -3.09 -2.79
C SER A 84 -15.43 -4.34 -3.66
N GLU A 85 -15.88 -4.16 -4.87
CA GLU A 85 -16.11 -5.35 -5.76
C GLU A 85 -14.77 -5.83 -6.31
N ALA A 86 -13.74 -5.80 -5.52
CA ALA A 86 -12.40 -6.26 -6.00
C ALA A 86 -12.46 -7.77 -6.31
N PRO A 87 -11.65 -8.23 -7.23
CA PRO A 87 -11.62 -9.67 -7.61
C PRO A 87 -10.97 -10.54 -6.53
N GLY A 88 -11.43 -11.75 -6.38
CA GLY A 88 -10.84 -12.65 -5.35
C GLY A 88 -11.32 -12.22 -3.97
N SER A 89 -12.22 -11.27 -3.91
CA SER A 89 -12.74 -10.81 -2.59
C SER A 89 -13.60 -11.90 -1.96
N LYS A 90 -14.19 -12.73 -2.76
CA LYS A 90 -15.05 -13.83 -2.21
C LYS A 90 -14.16 -15.01 -1.81
N ASP A 91 -12.88 -14.88 -1.96
CA ASP A 91 -11.97 -16.00 -1.59
C ASP A 91 -11.72 -15.96 -0.08
N HIS A 92 -12.69 -15.49 0.67
CA HIS A 92 -12.53 -15.44 2.16
C HIS A 92 -12.93 -16.79 2.76
N THR A 93 -12.20 -17.24 3.74
CA THR A 93 -12.53 -18.55 4.37
C THR A 93 -13.07 -18.31 5.79
N PRO A 94 -14.35 -18.38 5.97
CA PRO A 94 -14.99 -18.17 7.30
C PRO A 94 -14.94 -19.41 8.17
N SER A 95 -14.63 -19.27 9.43
CA SER A 95 -14.57 -20.46 10.33
C SER A 95 -15.99 -20.83 10.78
N GLN A 96 -16.67 -21.64 10.01
CA GLN A 96 -18.05 -22.04 10.39
C GLN A 96 -18.00 -22.92 11.65
N GLU A 97 -16.86 -23.44 11.98
CA GLU A 97 -16.74 -24.29 13.20
C GLU A 97 -15.27 -24.43 13.59
N LEU A 98 -14.97 -24.33 14.85
CA LEU A 98 -13.55 -24.46 15.29
C LEU A 98 -13.08 -25.89 15.03
N ALA A 99 -11.80 -26.07 14.85
CA ALA A 99 -11.27 -27.44 14.58
C ALA A 99 -11.55 -28.33 15.79
N LEU A 100 -11.82 -29.60 15.55
CA LEU A 100 -12.10 -30.52 16.69
C LEU A 100 -10.79 -30.87 17.40
N THR A 101 -9.68 -30.37 16.91
CA THR A 101 -8.37 -30.68 17.55
C THR A 101 -8.46 -30.35 19.05
N GLN A 102 -8.13 -31.30 19.89
CA GLN A 102 -8.19 -31.06 21.35
C GLN A 102 -9.62 -30.63 21.74
N SER A 4 0.82 26.52 0.00
CA SER A 4 0.38 25.24 -0.66
C SER A 4 -0.83 25.52 -1.54
N ILE A 5 -0.61 25.84 -2.78
CA ILE A 5 -1.75 26.14 -3.70
C ILE A 5 -2.30 24.82 -4.23
N VAL A 6 -1.42 23.88 -4.45
CA VAL A 6 -1.84 22.55 -4.96
C VAL A 6 -2.99 22.01 -4.11
N GLU A 7 -3.06 22.42 -2.87
CA GLU A 7 -4.18 21.96 -2.02
C GLU A 7 -5.47 22.59 -2.54
N LYS A 8 -5.41 23.83 -2.98
CA LYS A 8 -6.64 24.48 -3.52
C LYS A 8 -7.18 23.61 -4.65
N PHE A 9 -6.32 22.90 -5.32
CA PHE A 9 -6.78 22.03 -6.44
C PHE A 9 -7.45 20.79 -5.85
N ARG A 10 -6.98 20.29 -4.74
CA ARG A 10 -7.64 19.08 -4.18
C ARG A 10 -9.00 19.50 -3.63
N SER A 11 -9.19 20.76 -3.39
CA SER A 11 -10.48 21.22 -2.82
C SER A 11 -11.57 21.36 -3.90
N ARG A 12 -11.25 21.75 -5.10
CA ARG A 12 -12.36 21.86 -6.13
C ARG A 12 -12.76 20.47 -6.61
N GLY A 13 -11.91 19.50 -6.44
CA GLY A 13 -12.23 18.09 -6.85
C GLY A 13 -12.28 17.96 -8.38
N ARG A 14 -11.56 18.79 -9.10
CA ARG A 14 -11.55 18.70 -10.60
C ARG A 14 -11.28 17.24 -11.02
N ALA A 15 -12.09 16.66 -11.87
CA ALA A 15 -11.85 15.25 -12.29
C ALA A 15 -10.53 15.16 -13.07
N GLN A 16 -10.30 16.09 -13.97
CA GLN A 16 -9.05 16.11 -14.79
C GLN A 16 -7.80 16.18 -13.89
N VAL A 17 -7.96 16.59 -12.66
CA VAL A 17 -6.79 16.68 -11.76
C VAL A 17 -6.48 15.30 -11.17
N GLN A 18 -7.37 14.34 -11.36
CA GLN A 18 -7.12 12.96 -10.81
C GLN A 18 -6.22 12.18 -11.76
N GLU A 19 -5.67 12.84 -12.77
CA GLU A 19 -4.78 12.12 -13.74
C GLU A 19 -3.33 12.22 -13.26
N PHE A 20 -3.09 13.00 -12.22
CA PHE A 20 -1.71 13.16 -11.68
C PHE A 20 -1.78 13.69 -10.24
N CYS A 21 -0.65 13.72 -9.59
CA CYS A 21 -0.61 14.27 -8.21
C CYS A 21 -0.33 15.76 -8.30
N ASP A 22 0.79 16.23 -7.80
CA ASP A 22 1.10 17.67 -7.92
C ASP A 22 1.77 17.90 -9.28
N TYR A 23 2.89 17.26 -9.50
CA TYR A 23 3.60 17.41 -10.80
C TYR A 23 3.26 16.20 -11.69
N GLY A 24 3.81 15.07 -11.38
CA GLY A 24 3.53 13.86 -12.19
C GLY A 24 4.85 13.36 -12.77
N THR A 25 5.65 12.71 -11.96
CA THR A 25 6.95 12.20 -12.47
C THR A 25 7.05 10.71 -12.13
N LYS A 26 7.76 9.99 -12.94
CA LYS A 26 7.89 8.53 -12.72
C LYS A 26 8.77 8.25 -11.51
N GLU A 27 10.06 8.43 -11.64
CA GLU A 27 10.98 8.15 -10.51
C GLU A 27 11.10 9.36 -9.57
N GLU A 28 11.10 10.56 -10.10
CA GLU A 28 11.27 11.76 -9.21
C GLU A 28 10.13 11.83 -8.20
N CYS A 29 8.90 11.76 -8.64
CA CYS A 29 7.79 11.86 -7.66
C CYS A 29 7.80 10.60 -6.78
N MET A 30 8.04 9.46 -7.37
CA MET A 30 8.07 8.21 -6.56
C MET A 30 8.94 8.45 -5.32
N LYS A 31 10.18 8.84 -5.52
CA LYS A 31 11.08 9.13 -4.36
C LYS A 31 10.35 10.00 -3.34
N ALA A 32 9.52 10.89 -3.83
CA ALA A 32 8.75 11.83 -2.95
C ALA A 32 7.42 11.18 -2.49
N SER A 33 7.00 10.11 -3.13
CA SER A 33 5.71 9.43 -2.75
C SER A 33 5.67 9.19 -1.23
N ASP A 34 6.69 8.58 -0.70
CA ASP A 34 6.73 8.31 0.77
C ASP A 34 7.92 9.01 1.44
N ALA A 35 8.17 10.27 1.18
CA ALA A 35 9.33 10.99 1.82
C ALA A 35 8.83 12.34 2.35
N ASP A 36 9.67 13.15 2.94
CA ASP A 36 9.18 14.47 3.45
C ASP A 36 9.27 15.48 2.32
N ARG A 37 9.20 14.99 1.12
CA ARG A 37 9.33 15.87 -0.08
C ARG A 37 7.92 16.41 -0.42
N PRO A 38 7.84 17.57 -1.06
CA PRO A 38 6.53 18.21 -1.40
C PRO A 38 5.47 17.21 -1.83
N CYS A 39 5.06 17.26 -3.07
CA CYS A 39 4.02 16.32 -3.57
C CYS A 39 2.78 16.34 -2.68
N ARG A 40 1.80 15.53 -3.00
CA ARG A 40 0.58 15.49 -2.21
C ARG A 40 0.81 14.83 -0.87
N LYS A 41 1.98 14.28 -0.61
CA LYS A 41 2.24 13.64 0.71
C LYS A 41 1.19 12.55 1.00
N LEU A 42 0.25 12.37 0.10
CA LEU A 42 -0.85 11.34 0.31
C LEU A 42 -0.68 10.08 -0.57
N HIS A 43 0.36 9.98 -1.36
CA HIS A 43 0.52 8.74 -2.22
C HIS A 43 0.52 7.48 -1.35
N PHE A 44 0.20 6.31 -1.93
CA PHE A 44 0.13 5.00 -1.17
C PHE A 44 1.06 4.99 0.05
N ARG A 45 0.54 4.66 1.22
CA ARG A 45 1.42 4.58 2.41
C ARG A 45 1.73 3.11 2.64
N ARG A 46 2.91 2.69 2.27
CA ARG A 46 3.29 1.26 2.42
C ARG A 46 4.34 1.12 3.53
N ILE A 47 4.35 0.02 4.26
CA ILE A 47 5.35 -0.17 5.36
C ILE A 47 6.53 -1.04 4.89
N ILE A 48 7.72 -0.55 5.10
CA ILE A 48 8.96 -1.28 4.68
C ILE A 48 9.93 -1.44 5.87
N ASN A 49 10.84 -2.38 5.80
CA ASN A 49 11.82 -2.57 6.92
C ASN A 49 13.23 -2.65 6.34
N LYS A 50 14.24 -2.50 7.17
CA LYS A 50 15.65 -2.56 6.67
C LYS A 50 15.90 -3.92 6.00
N HIS A 51 16.83 -4.00 5.09
CA HIS A 51 17.08 -5.30 4.42
C HIS A 51 17.47 -6.37 5.45
N THR A 52 16.53 -7.17 5.84
CA THR A 52 16.80 -8.24 6.84
C THR A 52 17.28 -9.50 6.09
N ASP A 53 17.91 -10.43 6.77
CA ASP A 53 18.39 -11.66 6.10
C ASP A 53 17.21 -12.63 6.01
N GLU A 54 16.99 -13.18 4.85
CA GLU A 54 15.83 -14.09 4.63
C GLU A 54 16.01 -15.47 5.27
N SER A 55 17.07 -15.73 5.98
CA SER A 55 17.19 -17.07 6.61
C SER A 55 16.30 -17.09 7.85
N LEU A 56 16.10 -15.93 8.43
CA LEU A 56 15.23 -15.79 9.63
C LEU A 56 13.83 -16.21 9.19
N GLY A 57 13.33 -17.33 9.63
CA GLY A 57 11.96 -17.73 9.21
C GLY A 57 11.89 -17.70 7.69
N ASP A 58 10.82 -17.15 7.16
CA ASP A 58 10.66 -17.08 5.68
C ASP A 58 9.34 -16.37 5.35
N CYS A 59 9.09 -16.09 4.09
CA CYS A 59 7.83 -15.42 3.65
C CYS A 59 7.76 -15.28 2.14
N SER A 60 6.72 -14.66 1.63
CA SER A 60 6.60 -14.49 0.16
C SER A 60 5.40 -13.60 -0.14
N PHE A 61 5.29 -12.49 0.55
CA PHE A 61 4.14 -11.56 0.32
C PHE A 61 3.83 -11.44 -1.18
N LEU A 62 4.74 -11.78 -2.05
CA LEU A 62 4.47 -11.65 -3.51
C LEU A 62 3.22 -12.41 -3.95
N ASN A 63 2.70 -13.32 -3.15
CA ASN A 63 1.49 -14.09 -3.57
C ASN A 63 0.85 -14.71 -2.31
N THR A 64 1.52 -15.71 -1.76
CA THR A 64 1.00 -16.40 -0.55
C THR A 64 2.09 -16.31 0.53
N CYS A 65 1.66 -15.99 1.72
CA CYS A 65 2.59 -15.88 2.90
C CYS A 65 2.77 -17.28 3.49
N PHE A 66 2.00 -18.25 3.06
CA PHE A 66 2.19 -19.62 3.60
C PHE A 66 2.10 -19.52 5.11
N HIS A 67 3.17 -19.86 5.79
CA HIS A 67 3.20 -19.76 7.28
C HIS A 67 3.06 -18.29 7.71
N MET A 68 2.19 -18.01 8.61
CA MET A 68 2.04 -16.59 9.05
C MET A 68 2.96 -16.37 10.26
N ASP A 69 3.07 -17.39 11.09
CA ASP A 69 3.94 -17.31 12.30
C ASP A 69 5.29 -16.65 11.97
N THR A 70 5.63 -16.53 10.71
CA THR A 70 6.95 -15.92 10.37
C THR A 70 6.81 -14.41 10.19
N CYS A 71 6.59 -13.94 8.99
CA CYS A 71 6.46 -12.47 8.78
C CYS A 71 7.51 -11.69 9.58
N LYS A 72 8.75 -12.02 9.35
CA LYS A 72 9.87 -11.34 10.05
C LYS A 72 9.86 -9.90 9.54
N TYR A 73 10.98 -9.34 9.20
CA TYR A 73 10.99 -7.92 8.76
C TYR A 73 10.73 -7.80 7.25
N VAL A 74 10.90 -8.88 6.51
CA VAL A 74 10.69 -8.80 5.02
C VAL A 74 9.21 -8.73 4.68
N HIS A 75 8.78 -7.61 4.20
CA HIS A 75 7.35 -7.44 3.84
C HIS A 75 7.18 -6.07 3.21
N TYR A 76 6.33 -5.96 2.22
CA TYR A 76 6.10 -4.65 1.55
C TYR A 76 4.60 -4.52 1.26
N GLU A 77 3.82 -4.00 2.18
CA GLU A 77 2.35 -3.90 1.95
C GLU A 77 1.92 -2.46 1.68
N ILE A 78 0.90 -2.27 0.88
CA ILE A 78 0.41 -0.92 0.55
C ILE A 78 -1.00 -0.72 1.14
N ASP A 79 -1.37 0.50 1.47
CA ASP A 79 -2.69 0.84 2.02
C ASP A 79 -3.34 1.94 1.22
N ALA A 80 -4.31 1.68 0.40
CA ALA A 80 -4.95 2.78 -0.37
C ALA A 80 -6.45 2.45 -0.44
N SER A 81 -7.31 3.41 -0.68
CA SER A 81 -8.73 3.12 -0.77
C SER A 81 -8.99 1.96 -1.70
N MET A 82 -9.80 1.00 -1.31
CA MET A 82 -10.10 -0.17 -2.20
C MET A 82 -11.11 0.24 -3.27
N ASP A 83 -10.99 -0.30 -4.45
CA ASP A 83 -11.95 0.06 -5.54
C ASP A 83 -13.18 -0.86 -5.47
N SER A 84 -14.34 -0.31 -5.68
CA SER A 84 -15.58 -1.14 -5.64
C SER A 84 -15.55 -2.16 -6.79
N GLU A 85 -14.96 -1.80 -7.90
CA GLU A 85 -14.90 -2.74 -9.06
C GLU A 85 -16.28 -3.35 -9.29
N ALA A 86 -16.34 -4.62 -9.60
CA ALA A 86 -17.66 -5.28 -9.84
C ALA A 86 -18.30 -5.64 -8.49
N PRO A 87 -19.61 -5.69 -8.43
CA PRO A 87 -20.35 -6.04 -7.19
C PRO A 87 -19.64 -7.15 -6.40
N GLY A 88 -19.43 -6.94 -5.12
CA GLY A 88 -18.75 -7.98 -4.30
C GLY A 88 -17.28 -8.05 -4.68
N SER A 89 -16.86 -7.24 -5.63
CA SER A 89 -15.42 -7.27 -6.04
C SER A 89 -15.05 -8.68 -6.50
N LYS A 90 -13.97 -8.80 -7.23
CA LYS A 90 -13.55 -10.15 -7.72
C LYS A 90 -13.01 -10.96 -6.55
N ASP A 91 -12.41 -10.31 -5.60
CA ASP A 91 -11.85 -11.05 -4.42
C ASP A 91 -13.00 -11.42 -3.48
N HIS A 92 -13.22 -12.68 -3.24
CA HIS A 92 -14.32 -13.11 -2.33
C HIS A 92 -13.86 -12.94 -0.88
N THR A 93 -14.77 -12.62 0.01
CA THR A 93 -14.40 -12.44 1.43
C THR A 93 -13.96 -13.80 2.02
N PRO A 94 -13.12 -13.77 3.01
CA PRO A 94 -12.61 -15.00 3.68
C PRO A 94 -13.71 -16.07 3.82
N SER A 95 -13.37 -17.32 3.61
CA SER A 95 -14.39 -18.40 3.73
C SER A 95 -13.68 -19.74 3.97
N GLN A 96 -12.38 -19.72 4.08
CA GLN A 96 -11.65 -20.99 4.32
C GLN A 96 -11.82 -21.42 5.78
N GLU A 97 -12.01 -20.48 6.66
CA GLU A 97 -12.19 -20.83 8.10
C GLU A 97 -13.12 -19.82 8.76
N LEU A 98 -14.05 -20.28 9.55
CA LEU A 98 -14.99 -19.34 10.24
C LEU A 98 -15.83 -20.12 11.25
N ALA A 99 -15.23 -21.06 11.93
CA ALA A 99 -15.99 -21.85 12.95
C ALA A 99 -16.09 -21.04 14.24
N LEU A 100 -17.00 -21.40 15.11
CA LEU A 100 -17.16 -20.66 16.39
C LEU A 100 -15.96 -20.97 17.30
N THR A 101 -15.77 -22.22 17.65
CA THR A 101 -14.63 -22.58 18.52
C THR A 101 -13.32 -22.49 17.72
N GLN A 102 -12.26 -23.03 18.26
CA GLN A 102 -10.95 -22.96 17.52
C GLN A 102 -10.14 -24.21 17.85
N SER A 4 2.30 25.05 2.23
CA SER A 4 1.92 23.99 1.24
C SER A 4 0.92 24.57 0.24
N ILE A 5 1.36 24.86 -0.95
CA ILE A 5 0.44 25.44 -1.98
C ILE A 5 -0.36 24.31 -2.60
N VAL A 6 0.29 23.19 -2.80
CA VAL A 6 -0.38 22.00 -3.38
C VAL A 6 -1.67 21.71 -2.62
N GLU A 7 -1.71 22.06 -1.35
CA GLU A 7 -2.95 21.83 -0.57
C GLU A 7 -4.03 22.78 -1.10
N LYS A 8 -3.64 23.95 -1.53
CA LYS A 8 -4.65 24.91 -2.07
C LYS A 8 -5.37 24.23 -3.23
N PHE A 9 -4.67 23.39 -3.95
CA PHE A 9 -5.31 22.66 -5.08
C PHE A 9 -6.14 21.51 -4.54
N ARG A 10 -5.83 21.00 -3.39
CA ARG A 10 -6.64 19.88 -2.85
C ARG A 10 -8.00 20.42 -2.41
N SER A 11 -8.03 21.63 -1.93
CA SER A 11 -9.31 22.22 -1.45
C SER A 11 -10.16 22.78 -2.61
N ARG A 12 -9.59 23.10 -3.75
CA ARG A 12 -10.46 23.64 -4.84
C ARG A 12 -11.24 22.49 -5.50
N GLY A 13 -10.73 21.29 -5.38
CA GLY A 13 -11.45 20.10 -5.96
C GLY A 13 -11.40 20.12 -7.51
N ARG A 14 -10.43 20.79 -8.08
CA ARG A 14 -10.32 20.84 -9.58
C ARG A 14 -10.42 19.41 -10.15
N ALA A 15 -11.03 19.22 -11.30
CA ALA A 15 -11.14 17.84 -11.85
C ALA A 15 -9.89 17.52 -12.70
N GLN A 16 -9.28 18.54 -13.27
CA GLN A 16 -8.05 18.34 -14.12
C GLN A 16 -6.85 17.92 -13.25
N VAL A 17 -6.93 18.11 -11.97
CA VAL A 17 -5.79 17.72 -11.09
C VAL A 17 -5.73 16.20 -10.98
N GLN A 18 -6.83 15.51 -11.21
CA GLN A 18 -6.83 14.01 -11.11
C GLN A 18 -5.94 13.43 -12.22
N GLU A 19 -5.26 14.27 -12.97
CA GLU A 19 -4.38 13.77 -14.06
C GLU A 19 -2.93 13.71 -13.57
N PHE A 20 -2.67 14.28 -12.40
CA PHE A 20 -1.29 14.29 -11.84
C PHE A 20 -1.34 14.64 -10.35
N CYS A 21 -0.23 14.55 -9.70
CA CYS A 21 -0.18 14.92 -8.25
C CYS A 21 0.28 16.36 -8.15
N ASP A 22 1.43 16.63 -7.60
CA ASP A 22 1.91 18.04 -7.53
C ASP A 22 2.60 18.36 -8.85
N TYR A 23 3.66 17.64 -9.16
CA TYR A 23 4.40 17.88 -10.44
C TYR A 23 3.95 16.84 -11.46
N GLY A 24 4.37 15.62 -11.27
CA GLY A 24 3.99 14.55 -12.23
C GLY A 24 5.26 13.92 -12.79
N THR A 25 6.20 13.62 -11.92
CA THR A 25 7.47 13.02 -12.40
C THR A 25 7.37 11.50 -12.28
N LYS A 26 8.10 10.81 -13.09
CA LYS A 26 8.05 9.32 -13.08
C LYS A 26 8.88 8.77 -11.94
N GLU A 27 10.18 8.84 -12.03
CA GLU A 27 11.06 8.29 -10.97
C GLU A 27 11.26 9.30 -9.84
N GLU A 28 11.20 10.57 -10.11
CA GLU A 28 11.43 11.58 -9.04
C GLU A 28 10.25 11.62 -8.08
N CYS A 29 9.05 11.61 -8.58
CA CYS A 29 7.88 11.66 -7.64
C CYS A 29 7.84 10.34 -6.86
N MET A 30 8.10 9.25 -7.51
CA MET A 30 8.08 7.93 -6.81
C MET A 30 8.85 8.09 -5.49
N LYS A 31 10.08 8.52 -5.56
CA LYS A 31 10.89 8.73 -4.31
C LYS A 31 10.09 9.59 -3.32
N ALA A 32 9.28 10.46 -3.84
CA ALA A 32 8.45 11.37 -2.98
C ALA A 32 7.13 10.67 -2.56
N SER A 33 6.73 9.63 -3.26
CA SER A 33 5.46 8.91 -2.93
C SER A 33 5.41 8.56 -1.43
N ASP A 34 6.44 7.93 -0.95
CA ASP A 34 6.49 7.54 0.49
C ASP A 34 7.68 8.19 1.21
N ALA A 35 7.87 9.50 1.12
CA ALA A 35 9.01 10.16 1.82
C ALA A 35 8.50 11.49 2.40
N ASP A 36 9.35 12.27 3.04
CA ASP A 36 8.87 13.57 3.60
C ASP A 36 9.10 14.67 2.57
N ARG A 37 9.11 14.28 1.33
CA ARG A 37 9.36 15.24 0.23
C ARG A 37 8.03 15.89 -0.16
N PRO A 38 8.06 17.11 -0.71
CA PRO A 38 6.82 17.85 -1.10
C PRO A 38 5.73 16.94 -1.64
N CYS A 39 5.44 17.06 -2.91
CA CYS A 39 4.38 16.23 -3.55
C CYS A 39 3.10 16.26 -2.72
N ARG A 40 2.06 15.60 -3.20
CA ARG A 40 0.79 15.57 -2.48
C ARG A 40 0.91 14.77 -1.20
N LYS A 41 1.96 14.01 -1.00
CA LYS A 41 2.10 13.23 0.26
C LYS A 41 0.98 12.16 0.35
N LEU A 42 -0.14 12.41 -0.30
CA LEU A 42 -1.30 11.43 -0.25
C LEU A 42 -1.07 10.14 -1.08
N HIS A 43 -0.03 10.06 -1.87
CA HIS A 43 0.22 8.81 -2.68
C HIS A 43 0.17 7.58 -1.77
N PHE A 44 0.10 6.37 -2.34
CA PHE A 44 0.01 5.08 -1.54
C PHE A 44 1.03 5.03 -0.40
N ARG A 45 0.59 4.71 0.80
CA ARG A 45 1.56 4.61 1.93
C ARG A 45 1.74 3.13 2.21
N ARG A 46 2.95 2.66 2.23
CA ARG A 46 3.22 1.22 2.47
C ARG A 46 4.21 1.07 3.63
N ILE A 47 4.04 0.06 4.47
CA ILE A 47 4.98 -0.14 5.63
C ILE A 47 6.18 -1.00 5.23
N ILE A 48 7.35 -0.42 5.30
CA ILE A 48 8.61 -1.12 4.93
C ILE A 48 9.53 -1.28 6.16
N ASN A 49 10.44 -2.22 6.12
CA ASN A 49 11.37 -2.41 7.27
C ASN A 49 12.81 -2.38 6.77
N LYS A 50 13.77 -2.20 7.66
CA LYS A 50 15.20 -2.16 7.22
C LYS A 50 15.52 -3.39 6.38
N HIS A 51 16.49 -3.30 5.51
CA HIS A 51 16.82 -4.48 4.66
C HIS A 51 17.27 -5.66 5.53
N THR A 52 16.37 -6.57 5.78
CA THR A 52 16.70 -7.77 6.61
C THR A 52 17.13 -8.91 5.67
N ASP A 53 17.86 -9.87 6.16
CA ASP A 53 18.30 -11.02 5.31
C ASP A 53 17.13 -12.00 5.23
N GLU A 54 16.73 -12.35 4.05
CA GLU A 54 15.56 -13.26 3.85
C GLU A 54 15.83 -14.70 4.31
N SER A 55 17.02 -15.05 4.72
CA SER A 55 17.24 -16.45 5.18
C SER A 55 16.58 -16.59 6.55
N LEU A 56 16.33 -15.47 7.20
CA LEU A 56 15.67 -15.47 8.53
C LEU A 56 14.21 -15.87 8.29
N GLY A 57 13.73 -16.92 8.88
CA GLY A 57 12.31 -17.31 8.66
C GLY A 57 12.06 -17.37 7.16
N ASP A 58 11.01 -16.75 6.71
CA ASP A 58 10.67 -16.76 5.26
C ASP A 58 9.47 -15.84 5.02
N CYS A 59 8.77 -16.03 3.92
CA CYS A 59 7.58 -15.20 3.59
C CYS A 59 7.10 -15.44 2.15
N SER A 60 7.62 -14.71 1.20
CA SER A 60 7.19 -14.91 -0.20
C SER A 60 5.75 -14.44 -0.36
N PHE A 61 5.36 -13.42 0.36
CA PHE A 61 3.97 -12.91 0.27
C PHE A 61 3.49 -12.87 -1.17
N LEU A 62 4.38 -12.87 -2.14
CA LEU A 62 3.95 -12.81 -3.56
C LEU A 62 2.74 -13.71 -3.85
N ASN A 63 2.41 -14.65 -2.97
CA ASN A 63 1.26 -15.56 -3.27
C ASN A 63 0.63 -15.98 -1.92
N THR A 64 1.37 -16.75 -1.16
CA THR A 64 0.89 -17.24 0.16
C THR A 64 2.04 -17.13 1.16
N CYS A 65 1.74 -16.64 2.33
CA CYS A 65 2.75 -16.49 3.43
C CYS A 65 2.80 -17.80 4.20
N PHE A 66 1.98 -18.76 3.87
CA PHE A 66 2.06 -20.06 4.59
C PHE A 66 1.83 -19.77 6.07
N HIS A 67 2.75 -20.16 6.91
CA HIS A 67 2.62 -19.91 8.37
C HIS A 67 2.58 -18.38 8.62
N MET A 68 2.01 -17.98 9.70
CA MET A 68 1.98 -16.51 9.99
C MET A 68 3.22 -16.17 10.84
N ASP A 69 3.43 -16.96 11.87
CA ASP A 69 4.61 -16.74 12.77
C ASP A 69 5.92 -16.68 11.96
N THR A 70 5.87 -16.94 10.67
CA THR A 70 7.13 -16.92 9.88
C THR A 70 7.32 -15.55 9.20
N CYS A 71 6.91 -14.49 9.84
CA CYS A 71 7.04 -13.15 9.18
C CYS A 71 7.86 -12.17 10.04
N LYS A 72 9.11 -12.07 9.71
CA LYS A 72 10.02 -11.17 10.46
C LYS A 72 9.95 -9.81 9.76
N TYR A 73 11.04 -9.23 9.39
CA TYR A 73 10.99 -7.88 8.78
C TYR A 73 10.80 -7.96 7.25
N VAL A 74 10.43 -9.11 6.73
CA VAL A 74 10.26 -9.25 5.26
C VAL A 74 8.80 -9.04 4.86
N HIS A 75 8.28 -7.89 5.13
CA HIS A 75 6.86 -7.60 4.78
C HIS A 75 6.81 -6.19 4.20
N TYR A 76 6.00 -6.00 3.19
CA TYR A 76 5.87 -4.66 2.54
C TYR A 76 4.45 -4.53 2.00
N GLU A 77 3.52 -3.99 2.76
CA GLU A 77 2.11 -3.90 2.27
C GLU A 77 1.75 -2.46 1.90
N ILE A 78 0.73 -2.29 1.11
CA ILE A 78 0.29 -0.95 0.67
C ILE A 78 -1.18 -0.72 1.07
N ASP A 79 -1.55 0.50 1.39
CA ASP A 79 -2.91 0.87 1.77
C ASP A 79 -3.41 2.03 0.95
N ALA A 80 -4.40 1.89 0.13
CA ALA A 80 -4.89 3.05 -0.66
C ALA A 80 -6.42 2.92 -0.76
N SER A 81 -7.13 3.91 -1.22
CA SER A 81 -8.57 3.79 -1.33
C SER A 81 -8.96 2.54 -2.07
N MET A 82 -10.18 2.06 -1.90
CA MET A 82 -10.64 0.82 -2.61
C MET A 82 -10.88 1.15 -4.09
N ASP A 83 -10.72 0.19 -4.96
CA ASP A 83 -10.95 0.45 -6.41
C ASP A 83 -12.37 0.96 -6.63
N SER A 84 -12.76 1.17 -7.86
CA SER A 84 -14.13 1.66 -8.14
C SER A 84 -15.14 0.53 -7.97
N GLU A 85 -14.66 -0.68 -7.79
CA GLU A 85 -15.59 -1.83 -7.60
C GLU A 85 -16.64 -1.49 -6.54
N ALA A 86 -17.89 -1.63 -6.88
CA ALA A 86 -18.96 -1.31 -5.89
C ALA A 86 -19.13 -2.48 -4.91
N PRO A 87 -19.56 -2.21 -3.70
CA PRO A 87 -19.76 -3.28 -2.67
C PRO A 87 -20.98 -4.15 -2.97
N GLY A 88 -21.10 -5.26 -2.31
CA GLY A 88 -22.27 -6.16 -2.55
C GLY A 88 -21.77 -7.51 -3.05
N SER A 89 -20.48 -7.73 -3.05
CA SER A 89 -19.94 -9.02 -3.54
C SER A 89 -20.33 -10.14 -2.58
N LYS A 90 -20.44 -11.35 -3.05
CA LYS A 90 -20.82 -12.47 -2.15
C LYS A 90 -19.65 -12.76 -1.20
N ASP A 91 -18.45 -12.74 -1.69
CA ASP A 91 -17.28 -13.01 -0.79
C ASP A 91 -17.53 -14.32 -0.02
N HIS A 92 -16.62 -14.69 0.84
CA HIS A 92 -16.81 -15.95 1.62
C HIS A 92 -17.92 -15.74 2.65
N THR A 93 -18.67 -16.76 2.94
CA THR A 93 -19.76 -16.62 3.93
C THR A 93 -19.18 -16.59 5.35
N PRO A 94 -19.86 -15.97 6.27
CA PRO A 94 -19.41 -15.86 7.69
C PRO A 94 -18.75 -17.16 8.17
N SER A 95 -17.62 -17.04 8.82
CA SER A 95 -16.92 -18.27 9.32
C SER A 95 -17.49 -18.65 10.68
N GLN A 96 -18.06 -19.81 10.80
CA GLN A 96 -18.63 -20.25 12.10
C GLN A 96 -17.50 -20.46 13.11
N GLU A 97 -16.38 -20.95 12.66
CA GLU A 97 -15.23 -21.18 13.59
C GLU A 97 -13.93 -21.04 12.82
N LEU A 98 -12.88 -20.61 13.48
CA LEU A 98 -11.57 -20.45 12.79
C LEU A 98 -10.88 -21.82 12.70
N ALA A 99 -10.31 -22.14 11.57
CA ALA A 99 -9.63 -23.45 11.42
C ALA A 99 -8.22 -23.35 12.00
N LEU A 100 -8.09 -23.50 13.30
CA LEU A 100 -6.74 -23.41 13.93
C LEU A 100 -6.02 -24.75 13.76
N THR A 101 -6.71 -25.84 13.97
CA THR A 101 -6.07 -27.17 13.83
C THR A 101 -7.14 -28.26 13.74
N GLN A 102 -7.46 -28.70 12.55
CA GLN A 102 -8.51 -29.75 12.41
C GLN A 102 -7.96 -31.08 12.93
N SER A 4 1.39 26.01 0.98
CA SER A 4 0.84 24.76 0.38
C SER A 4 -0.16 25.13 -0.71
N ILE A 5 0.32 25.46 -1.88
CA ILE A 5 -0.59 25.85 -3.00
C ILE A 5 -1.21 24.57 -3.57
N VAL A 6 -0.43 23.52 -3.60
CA VAL A 6 -0.90 22.23 -4.14
C VAL A 6 -2.24 21.87 -3.50
N GLU A 7 -2.50 22.36 -2.32
CA GLU A 7 -3.79 22.07 -1.66
C GLU A 7 -4.89 22.80 -2.43
N LYS A 8 -4.58 23.95 -2.98
CA LYS A 8 -5.62 24.69 -3.78
C LYS A 8 -6.04 23.81 -4.94
N PHE A 9 -5.13 22.99 -5.42
CA PHE A 9 -5.48 22.10 -6.57
C PHE A 9 -6.37 20.97 -6.06
N ARG A 10 -6.10 20.43 -4.90
CA ARG A 10 -6.98 19.34 -4.41
C ARG A 10 -8.32 19.94 -4.00
N SER A 11 -8.37 21.21 -3.75
CA SER A 11 -9.63 21.86 -3.31
C SER A 11 -10.50 22.27 -4.52
N ARG A 12 -9.94 22.53 -5.68
CA ARG A 12 -10.83 22.93 -6.83
C ARG A 12 -11.54 21.70 -7.38
N GLY A 13 -10.99 20.53 -7.18
CA GLY A 13 -11.65 19.27 -7.65
C GLY A 13 -11.60 19.17 -9.19
N ARG A 14 -10.75 19.93 -9.84
CA ARG A 14 -10.66 19.87 -11.34
C ARG A 14 -10.47 18.40 -11.77
N ALA A 15 -11.24 17.93 -12.74
CA ALA A 15 -11.08 16.51 -13.16
C ALA A 15 -9.66 16.28 -13.71
N GLN A 16 -9.10 17.28 -14.35
CA GLN A 16 -7.71 17.18 -14.93
C GLN A 16 -6.67 16.98 -13.82
N VAL A 17 -7.08 17.00 -12.58
CA VAL A 17 -6.12 16.82 -11.46
C VAL A 17 -5.72 15.34 -11.36
N GLN A 18 -6.63 14.44 -11.70
CA GLN A 18 -6.32 12.98 -11.62
C GLN A 18 -5.29 12.61 -12.70
N GLU A 19 -4.81 13.58 -13.45
CA GLU A 19 -3.81 13.28 -14.52
C GLU A 19 -2.40 13.41 -13.95
N PHE A 20 -2.28 13.92 -12.73
CA PHE A 20 -0.94 14.08 -12.10
C PHE A 20 -1.12 14.49 -10.64
N CYS A 21 -0.07 14.41 -9.88
CA CYS A 21 -0.14 14.82 -8.46
C CYS A 21 0.24 16.29 -8.37
N ASP A 22 1.35 16.63 -7.75
CA ASP A 22 1.75 18.06 -7.71
C ASP A 22 2.50 18.38 -8.99
N TYR A 23 3.59 17.70 -9.24
CA TYR A 23 4.38 17.94 -10.47
C TYR A 23 4.02 16.87 -11.50
N GLY A 24 4.47 15.66 -11.29
CA GLY A 24 4.17 14.58 -12.24
C GLY A 24 5.48 13.97 -12.72
N THR A 25 6.16 13.27 -11.85
CA THR A 25 7.45 12.67 -12.26
C THR A 25 7.40 11.15 -11.99
N LYS A 26 8.12 10.41 -12.77
CA LYS A 26 8.10 8.94 -12.62
C LYS A 26 8.99 8.51 -11.46
N GLU A 27 10.28 8.63 -11.61
CA GLU A 27 11.21 8.19 -10.54
C GLU A 27 11.41 9.30 -9.50
N GLU A 28 11.28 10.54 -9.87
CA GLU A 28 11.51 11.65 -8.88
C GLU A 28 10.34 11.73 -7.90
N CYS A 29 9.14 11.81 -8.38
CA CYS A 29 8.00 11.92 -7.42
C CYS A 29 7.94 10.64 -6.59
N MET A 30 8.15 9.51 -7.21
CA MET A 30 8.10 8.22 -6.45
C MET A 30 8.91 8.41 -5.15
N LYS A 31 10.12 8.86 -5.26
CA LYS A 31 10.97 9.09 -4.04
C LYS A 31 10.21 9.97 -3.05
N ALA A 32 9.43 10.88 -3.57
CA ALA A 32 8.65 11.83 -2.71
C ALA A 32 7.32 11.18 -2.25
N SER A 33 6.83 10.18 -2.95
CA SER A 33 5.54 9.51 -2.57
C SER A 33 5.55 9.14 -1.07
N ASP A 34 6.55 8.41 -0.66
CA ASP A 34 6.63 8.01 0.78
C ASP A 34 7.75 8.77 1.51
N ALA A 35 7.86 10.07 1.35
CA ALA A 35 8.93 10.84 2.06
C ALA A 35 8.32 12.15 2.59
N ASP A 36 9.07 12.97 3.28
CA ASP A 36 8.47 14.25 3.79
C ASP A 36 8.66 15.33 2.72
N ARG A 37 8.73 14.90 1.49
CA ARG A 37 8.95 15.84 0.36
C ARG A 37 7.60 16.41 -0.08
N PRO A 38 7.58 17.60 -0.68
CA PRO A 38 6.32 18.25 -1.12
C PRO A 38 5.28 17.27 -1.65
N CYS A 39 5.03 17.31 -2.93
CA CYS A 39 4.04 16.39 -3.55
C CYS A 39 2.74 16.36 -2.75
N ARG A 40 1.77 15.59 -3.19
CA ARG A 40 0.50 15.51 -2.48
C ARG A 40 0.62 14.63 -1.25
N LYS A 41 1.69 13.90 -1.08
CA LYS A 41 1.83 13.04 0.14
C LYS A 41 0.77 11.92 0.14
N LEU A 42 -0.40 12.20 -0.40
CA LEU A 42 -1.51 11.16 -0.41
C LEU A 42 -1.18 9.91 -1.25
N HIS A 43 -0.12 9.91 -2.02
CA HIS A 43 0.22 8.69 -2.84
C HIS A 43 0.20 7.43 -1.95
N PHE A 44 0.05 6.25 -2.54
CA PHE A 44 -0.02 4.94 -1.78
C PHE A 44 0.92 4.92 -0.56
N ARG A 45 0.42 4.58 0.60
CA ARG A 45 1.31 4.51 1.78
C ARG A 45 1.64 3.03 1.99
N ARG A 46 2.82 2.63 1.60
CA ARG A 46 3.21 1.21 1.73
C ARG A 46 4.29 1.07 2.83
N ILE A 47 4.38 -0.09 3.47
CA ILE A 47 5.41 -0.28 4.55
C ILE A 47 6.59 -1.12 4.06
N ILE A 48 7.77 -0.69 4.42
CA ILE A 48 9.03 -1.39 4.00
C ILE A 48 9.98 -1.55 5.20
N ASN A 49 10.88 -2.51 5.14
CA ASN A 49 11.84 -2.73 6.27
C ASN A 49 13.26 -2.77 5.71
N LYS A 50 14.26 -2.52 6.54
CA LYS A 50 15.67 -2.54 6.06
C LYS A 50 15.98 -3.92 5.45
N HIS A 51 16.91 -3.98 4.54
CA HIS A 51 17.22 -5.30 3.91
C HIS A 51 17.61 -6.32 4.99
N THR A 52 16.68 -7.16 5.36
CA THR A 52 16.96 -8.19 6.40
C THR A 52 17.54 -9.43 5.70
N ASP A 53 18.18 -10.33 6.43
CA ASP A 53 18.75 -11.55 5.81
C ASP A 53 17.63 -12.58 5.75
N GLU A 54 17.29 -13.01 4.56
CA GLU A 54 16.18 -13.98 4.37
C GLU A 54 16.39 -15.31 5.10
N SER A 55 17.48 -15.53 5.78
CA SER A 55 17.65 -16.81 6.50
C SER A 55 16.60 -16.86 7.61
N LEU A 56 16.36 -15.73 8.22
CA LEU A 56 15.33 -15.63 9.29
C LEU A 56 13.99 -16.01 8.65
N GLY A 57 13.38 -17.08 9.05
CA GLY A 57 12.08 -17.45 8.43
C GLY A 57 12.24 -17.41 6.91
N ASP A 58 11.25 -16.88 6.24
CA ASP A 58 11.31 -16.81 4.75
C ASP A 58 10.08 -16.06 4.23
N CYS A 59 8.90 -16.52 4.58
CA CYS A 59 7.63 -15.85 4.14
C CYS A 59 7.53 -15.77 2.62
N SER A 60 6.54 -15.10 2.11
CA SER A 60 6.41 -14.98 0.63
C SER A 60 5.26 -14.02 0.30
N PHE A 61 5.23 -12.89 0.97
CA PHE A 61 4.16 -11.89 0.71
C PHE A 61 3.85 -11.78 -0.77
N LEU A 62 4.75 -12.18 -1.65
CA LEU A 62 4.48 -12.07 -3.11
C LEU A 62 3.20 -12.78 -3.54
N ASN A 63 2.66 -13.66 -2.72
CA ASN A 63 1.41 -14.39 -3.14
C ASN A 63 0.74 -14.95 -1.87
N THR A 64 1.36 -15.93 -1.26
CA THR A 64 0.81 -16.56 -0.03
C THR A 64 1.90 -16.50 1.05
N CYS A 65 1.55 -15.94 2.17
CA CYS A 65 2.49 -15.83 3.34
C CYS A 65 2.63 -17.21 3.97
N PHE A 66 1.85 -18.17 3.57
CA PHE A 66 2.00 -19.53 4.15
C PHE A 66 1.88 -19.40 5.66
N HIS A 67 2.93 -19.74 6.37
CA HIS A 67 2.91 -19.62 7.86
C HIS A 67 2.90 -18.12 8.25
N MET A 68 2.07 -17.76 9.17
CA MET A 68 2.02 -16.33 9.58
C MET A 68 3.01 -16.14 10.75
N ASP A 69 3.10 -17.14 11.58
CA ASP A 69 4.02 -17.08 12.76
C ASP A 69 5.37 -16.47 12.37
N THR A 70 5.68 -16.39 11.10
CA THR A 70 7.01 -15.83 10.70
C THR A 70 6.89 -14.32 10.43
N CYS A 71 6.58 -13.93 9.21
CA CYS A 71 6.46 -12.47 8.92
C CYS A 71 7.56 -11.65 9.63
N LYS A 72 8.77 -12.01 9.35
CA LYS A 72 9.93 -11.30 9.94
C LYS A 72 9.93 -9.91 9.31
N TYR A 73 11.03 -9.42 8.84
CA TYR A 73 11.05 -8.06 8.25
C TYR A 73 10.78 -8.08 6.75
N VAL A 74 10.80 -9.25 6.13
CA VAL A 74 10.56 -9.32 4.65
C VAL A 74 9.08 -9.17 4.34
N HIS A 75 8.60 -7.97 4.39
CA HIS A 75 7.16 -7.72 4.09
C HIS A 75 7.05 -6.37 3.39
N TYR A 76 6.22 -6.29 2.38
CA TYR A 76 6.06 -5.01 1.63
C TYR A 76 4.62 -4.97 1.09
N GLU A 77 3.81 -4.03 1.53
CA GLU A 77 2.39 -3.99 1.04
C GLU A 77 1.92 -2.54 0.90
N ILE A 78 0.87 -2.33 0.14
CA ILE A 78 0.32 -0.97 -0.09
C ILE A 78 -1.05 -0.85 0.60
N ASP A 79 -1.39 0.34 1.07
CA ASP A 79 -2.67 0.61 1.72
C ASP A 79 -3.40 1.75 1.04
N ALA A 80 -4.46 1.55 0.35
CA ALA A 80 -5.16 2.68 -0.31
C ALA A 80 -6.67 2.38 -0.23
N SER A 81 -7.52 3.31 -0.55
CA SER A 81 -8.96 3.04 -0.48
C SER A 81 -9.30 1.75 -1.19
N MET A 82 -10.30 1.03 -0.74
CA MET A 82 -10.68 -0.25 -1.41
C MET A 82 -11.35 0.04 -2.76
N ASP A 83 -10.95 -0.66 -3.79
CA ASP A 83 -11.56 -0.41 -5.14
C ASP A 83 -12.97 -1.00 -5.18
N SER A 84 -13.64 -0.86 -6.30
CA SER A 84 -15.01 -1.42 -6.43
C SER A 84 -14.97 -2.94 -6.26
N GLU A 85 -13.98 -3.58 -6.82
CA GLU A 85 -13.88 -5.07 -6.71
C GLU A 85 -15.14 -5.71 -7.29
N ALA A 86 -15.05 -6.93 -7.72
CA ALA A 86 -16.24 -7.62 -8.30
C ALA A 86 -17.34 -7.73 -7.23
N PRO A 87 -18.58 -7.75 -7.64
CA PRO A 87 -19.73 -7.87 -6.68
C PRO A 87 -19.88 -9.29 -6.13
N GLY A 88 -20.58 -9.44 -5.05
CA GLY A 88 -20.76 -10.79 -4.46
C GLY A 88 -19.47 -11.24 -3.79
N SER A 89 -18.56 -10.32 -3.56
CA SER A 89 -17.27 -10.70 -2.90
C SER A 89 -17.49 -10.85 -1.40
N LYS A 90 -18.27 -11.81 -1.00
CA LYS A 90 -18.52 -12.01 0.46
C LYS A 90 -17.19 -12.31 1.16
N ASP A 91 -16.30 -13.01 0.49
CA ASP A 91 -14.99 -13.33 1.12
C ASP A 91 -15.24 -14.03 2.45
N HIS A 92 -15.70 -15.25 2.42
CA HIS A 92 -15.96 -15.98 3.69
C HIS A 92 -14.66 -16.14 4.46
N THR A 93 -14.73 -16.18 5.76
CA THR A 93 -13.49 -16.34 6.58
C THR A 93 -12.97 -17.77 6.46
N PRO A 94 -11.68 -17.95 6.54
CA PRO A 94 -11.05 -19.29 6.44
C PRO A 94 -11.33 -20.16 7.67
N SER A 95 -11.17 -19.60 8.85
CA SER A 95 -11.43 -20.40 10.09
C SER A 95 -11.38 -19.46 11.30
N GLN A 96 -12.22 -18.46 11.32
CA GLN A 96 -12.23 -17.52 12.47
C GLN A 96 -12.44 -18.31 13.77
N GLU A 97 -12.92 -19.51 13.67
CA GLU A 97 -13.14 -20.34 14.89
C GLU A 97 -11.80 -20.75 15.49
N LEU A 98 -11.28 -19.98 16.40
CA LEU A 98 -9.97 -20.34 17.02
C LEU A 98 -10.16 -21.53 17.95
N ALA A 99 -9.80 -22.71 17.50
CA ALA A 99 -9.95 -23.92 18.36
C ALA A 99 -9.02 -23.80 19.57
N LEU A 100 -9.55 -23.66 20.75
CA LEU A 100 -8.68 -23.56 21.96
C LEU A 100 -7.97 -24.89 22.20
N THR A 101 -6.71 -24.84 22.55
CA THR A 101 -5.96 -26.11 22.79
C THR A 101 -6.38 -26.69 24.13
N GLN A 102 -6.19 -27.97 24.32
CA GLN A 102 -6.57 -28.61 25.61
C GLN A 102 -5.87 -29.96 25.74
#